data_6IA2
# 
_entry.id   6IA2 
# 
_audit_conform.dict_name       mmcif_pdbx.dic 
_audit_conform.dict_version    5.383 
_audit_conform.dict_location   http://mmcif.pdb.org/dictionaries/ascii/mmcif_pdbx.dic 
# 
loop_
_database_2.database_id 
_database_2.database_code 
_database_2.pdbx_database_accession 
_database_2.pdbx_DOI 
PDB   6IA2         pdb_00006ia2 10.2210/pdb6ia2/pdb 
WWPDB D_1200013027 ?            ?                   
# 
loop_
_pdbx_audit_revision_history.ordinal 
_pdbx_audit_revision_history.data_content_type 
_pdbx_audit_revision_history.major_revision 
_pdbx_audit_revision_history.minor_revision 
_pdbx_audit_revision_history.revision_date 
1 'Structure model' 1 0 2019-03-27 
2 'Structure model' 1 1 2019-05-08 
3 'Structure model' 1 2 2024-01-24 
# 
_pdbx_audit_revision_details.ordinal             1 
_pdbx_audit_revision_details.revision_ordinal    1 
_pdbx_audit_revision_details.data_content_type   'Structure model' 
_pdbx_audit_revision_details.provider            repository 
_pdbx_audit_revision_details.type                'Initial release' 
_pdbx_audit_revision_details.description         ? 
_pdbx_audit_revision_details.details             ? 
# 
loop_
_pdbx_audit_revision_group.ordinal 
_pdbx_audit_revision_group.revision_ordinal 
_pdbx_audit_revision_group.data_content_type 
_pdbx_audit_revision_group.group 
1 2 'Structure model' 'Data collection'        
2 2 'Structure model' 'Database references'    
3 3 'Structure model' 'Data collection'        
4 3 'Structure model' 'Database references'    
5 3 'Structure model' 'Refinement description' 
# 
loop_
_pdbx_audit_revision_category.ordinal 
_pdbx_audit_revision_category.revision_ordinal 
_pdbx_audit_revision_category.data_content_type 
_pdbx_audit_revision_category.category 
1 2 'Structure model' citation                      
2 2 'Structure model' citation_author               
3 2 'Structure model' database_PDB_rev              
4 2 'Structure model' database_PDB_rev_record       
5 2 'Structure model' pdbx_database_proc            
6 3 'Structure model' chem_comp_atom                
7 3 'Structure model' chem_comp_bond                
8 3 'Structure model' database_2                    
9 3 'Structure model' pdbx_initial_refinement_model 
# 
loop_
_pdbx_audit_revision_item.ordinal 
_pdbx_audit_revision_item.revision_ordinal 
_pdbx_audit_revision_item.data_content_type 
_pdbx_audit_revision_item.item 
1  2 'Structure model' '_citation.country'                   
2  2 'Structure model' '_citation.journal_abbrev'            
3  2 'Structure model' '_citation.journal_id_CSD'            
4  2 'Structure model' '_citation.journal_id_ISSN'           
5  2 'Structure model' '_citation.journal_volume'            
6  2 'Structure model' '_citation.page_first'                
7  2 'Structure model' '_citation.page_last'                 
8  2 'Structure model' '_citation.pdbx_database_id_DOI'      
9  2 'Structure model' '_citation.pdbx_database_id_PubMed'   
10 2 'Structure model' '_citation.title'                     
11 2 'Structure model' '_citation.year'                      
12 2 'Structure model' '_citation_author.identifier_ORCID'   
13 3 'Structure model' '_database_2.pdbx_DOI'                
14 3 'Structure model' '_database_2.pdbx_database_accession' 
# 
_pdbx_database_status.status_code                     REL 
_pdbx_database_status.status_code_sf                  REL 
_pdbx_database_status.status_code_mr                  ? 
_pdbx_database_status.entry_id                        6IA2 
_pdbx_database_status.recvd_initial_deposition_date   2018-11-26 
_pdbx_database_status.SG_entry                        N 
_pdbx_database_status.deposit_site                    PDBE 
_pdbx_database_status.process_site                    PDBE 
_pdbx_database_status.status_code_cs                  ? 
_pdbx_database_status.methods_development_category    ? 
_pdbx_database_status.pdb_format_compatible           Y 
_pdbx_database_status.status_code_nmr_data            ? 
# 
loop_
_audit_author.name 
_audit_author.pdbx_ordinal 
_audit_author.identifier_ORCID 
'Nowacka, M.'    1 0000-0001-7682-6384 
'Fernandes, H.'  2 0000-0002-0989-7593 
'Kiliszek, A.'   3 ?                   
'Bernat, A.'     4 ?                   
'Lach, G.'       5 ?                   
'Bujnicki, J.M.' 6 0000-0002-6633-165X 
# 
_citation.abstract                  ? 
_citation.abstract_id_CAS           ? 
_citation.book_id_ISBN              ? 
_citation.book_publisher            ? 
_citation.book_publisher_city       ? 
_citation.book_title                ? 
_citation.coordinate_linkage        ? 
_citation.country                   US 
_citation.database_id_Medline       ? 
_citation.details                   ? 
_citation.id                        primary 
_citation.journal_abbrev            'Plos One' 
_citation.journal_id_ASTM           ? 
_citation.journal_id_CSD            ? 
_citation.journal_id_ISSN           1932-6203 
_citation.journal_full              ? 
_citation.journal_issue             ? 
_citation.journal_volume            14 
_citation.language                  ? 
_citation.page_first                e0214481 
_citation.page_last                 e0214481 
_citation.title                     
;Specific interaction of zinc finger protein Com with RNA and the crystal structure of a self-complementary RNA duplex recognized by Com.
;
_citation.year                      2019 
_citation.database_id_CSD           ? 
_citation.pdbx_database_id_DOI      10.1371/journal.pone.0214481 
_citation.pdbx_database_id_PubMed   31022205 
_citation.unpublished_flag          ? 
# 
loop_
_citation_author.citation_id 
_citation_author.name 
_citation_author.ordinal 
_citation_author.identifier_ORCID 
primary 'Nowacka, M.'    1 0000-0001-7682-6384 
primary 'Fernandes, H.'  2 ?                   
primary 'Kiliszek, A.'   3 ?                   
primary 'Bernat, A.'     4 ?                   
primary 'Lach, G.'       5 ?                   
primary 'Bujnicki, J.M.' 6 ?                   
# 
loop_
_entity.id 
_entity.type 
_entity.src_method 
_entity.pdbx_description 
_entity.formula_weight 
_entity.pdbx_number_of_molecules 
_entity.pdbx_ec 
_entity.pdbx_mutation 
_entity.pdbx_fragment 
_entity.details 
1 polymer     syn 
;RNA (5'-R(*AP*GP*AP*GP*AP*AP*CP*CP*CP*GP*GP*AP*GP*UP*UP*CP*CP*CP*U)-3')
;
6076.689 2  ? ? ? ? 
2 non-polymer syn 'CHLORIDE ION'                                                            35.453   1  ? ? ? ? 
3 non-polymer syn 'SULFATE ION'                                                             96.063   1  ? ? ? ? 
4 water       nat water                                                                     18.015   10 ? ? ? ? 
# 
_entity_poly.entity_id                      1 
_entity_poly.type                           polyribonucleotide 
_entity_poly.nstd_linkage                   no 
_entity_poly.nstd_monomer                   no 
_entity_poly.pdbx_seq_one_letter_code       AGAGAACCCGGAGUUCCCU 
_entity_poly.pdbx_seq_one_letter_code_can   AGAGAACCCGGAGUUCCCU 
_entity_poly.pdbx_strand_id                 A,B 
_entity_poly.pdbx_target_identifier         ? 
# 
loop_
_pdbx_entity_nonpoly.entity_id 
_pdbx_entity_nonpoly.name 
_pdbx_entity_nonpoly.comp_id 
2 'CHLORIDE ION' CL  
3 'SULFATE ION'  SO4 
4 water          HOH 
# 
loop_
_entity_poly_seq.entity_id 
_entity_poly_seq.num 
_entity_poly_seq.mon_id 
_entity_poly_seq.hetero 
1 1  A n 
1 2  G n 
1 3  A n 
1 4  G n 
1 5  A n 
1 6  A n 
1 7  C n 
1 8  C n 
1 9  C n 
1 10 G n 
1 11 G n 
1 12 A n 
1 13 G n 
1 14 U n 
1 15 U n 
1 16 C n 
1 17 C n 
1 18 C n 
1 19 U n 
# 
_pdbx_entity_src_syn.entity_id              1 
_pdbx_entity_src_syn.pdbx_src_id            1 
_pdbx_entity_src_syn.pdbx_alt_source_flag   sample 
_pdbx_entity_src_syn.pdbx_beg_seq_num       1 
_pdbx_entity_src_syn.pdbx_end_seq_num       19 
_pdbx_entity_src_syn.organism_scientific    'synthetic construct' 
_pdbx_entity_src_syn.organism_common_name   ? 
_pdbx_entity_src_syn.ncbi_taxonomy_id       32630 
_pdbx_entity_src_syn.details                ? 
# 
loop_
_chem_comp.id 
_chem_comp.type 
_chem_comp.mon_nstd_flag 
_chem_comp.name 
_chem_comp.pdbx_synonyms 
_chem_comp.formula 
_chem_comp.formula_weight 
A   'RNA linking' y "ADENOSINE-5'-MONOPHOSPHATE" ? 'C10 H14 N5 O7 P' 347.221 
C   'RNA linking' y "CYTIDINE-5'-MONOPHOSPHATE"  ? 'C9 H14 N3 O8 P'  323.197 
CL  non-polymer   . 'CHLORIDE ION'               ? 'Cl -1'           35.453  
G   'RNA linking' y "GUANOSINE-5'-MONOPHOSPHATE" ? 'C10 H14 N5 O8 P' 363.221 
HOH non-polymer   . WATER                        ? 'H2 O'            18.015  
SO4 non-polymer   . 'SULFATE ION'                ? 'O4 S -2'         96.063  
U   'RNA linking' y "URIDINE-5'-MONOPHOSPHATE"   ? 'C9 H13 N2 O9 P'  324.181 
# 
loop_
_pdbx_poly_seq_scheme.asym_id 
_pdbx_poly_seq_scheme.entity_id 
_pdbx_poly_seq_scheme.seq_id 
_pdbx_poly_seq_scheme.mon_id 
_pdbx_poly_seq_scheme.ndb_seq_num 
_pdbx_poly_seq_scheme.pdb_seq_num 
_pdbx_poly_seq_scheme.auth_seq_num 
_pdbx_poly_seq_scheme.pdb_mon_id 
_pdbx_poly_seq_scheme.auth_mon_id 
_pdbx_poly_seq_scheme.pdb_strand_id 
_pdbx_poly_seq_scheme.pdb_ins_code 
_pdbx_poly_seq_scheme.hetero 
A 1 1  A 1  1  1  A A A . n 
A 1 2  G 2  2  2  G G A . n 
A 1 3  A 3  3  3  A A A . n 
A 1 4  G 4  4  4  G G A . n 
A 1 5  A 5  5  5  A A A . n 
A 1 6  A 6  6  6  A A A . n 
A 1 7  C 7  7  7  C C A . n 
A 1 8  C 8  8  8  C C A . n 
A 1 9  C 9  9  9  C C A . n 
A 1 10 G 10 10 10 G G A . n 
A 1 11 G 11 11 11 G G A . n 
A 1 12 A 12 12 12 A A A . n 
A 1 13 G 13 13 13 G G A . n 
A 1 14 U 14 14 14 U U A . n 
A 1 15 U 15 15 15 U U A . n 
A 1 16 C 16 16 16 C C A . n 
A 1 17 C 17 17 17 C C A . n 
A 1 18 C 18 18 18 C C A . n 
A 1 19 U 19 19 19 U U A . n 
B 1 1  A 1  1  1  A A B . n 
B 1 2  G 2  2  2  G G B . n 
B 1 3  A 3  3  3  A A B . n 
B 1 4  G 4  4  4  G G B . n 
B 1 5  A 5  5  5  A A B . n 
B 1 6  A 6  6  6  A A B . n 
B 1 7  C 7  7  7  C C B . n 
B 1 8  C 8  8  8  C C B . n 
B 1 9  C 9  9  9  C C B . n 
B 1 10 G 10 10 10 G G B . n 
B 1 11 G 11 11 11 G G B . n 
B 1 12 A 12 12 12 A A B . n 
B 1 13 G 13 13 13 G G B . n 
B 1 14 U 14 14 14 U U B . n 
B 1 15 U 15 15 15 U U B . n 
B 1 16 C 16 16 16 C C B . n 
B 1 17 C 17 17 17 C C B . n 
B 1 18 C 18 18 18 C C B . n 
B 1 19 U 19 19 19 U U B . n 
# 
loop_
_pdbx_nonpoly_scheme.asym_id 
_pdbx_nonpoly_scheme.entity_id 
_pdbx_nonpoly_scheme.mon_id 
_pdbx_nonpoly_scheme.ndb_seq_num 
_pdbx_nonpoly_scheme.pdb_seq_num 
_pdbx_nonpoly_scheme.auth_seq_num 
_pdbx_nonpoly_scheme.pdb_mon_id 
_pdbx_nonpoly_scheme.auth_mon_id 
_pdbx_nonpoly_scheme.pdb_strand_id 
_pdbx_nonpoly_scheme.pdb_ins_code 
C 2 CL  1 101 1  CL  CL  B . 
D 3 SO4 1 102 1  SO4 SO4 B . 
E 4 HOH 1 101 3  HOH HOH A . 
E 4 HOH 2 102 1  HOH HOH A . 
E 4 HOH 3 103 5  HOH HOH A . 
E 4 HOH 4 104 9  HOH HOH A . 
E 4 HOH 5 105 4  HOH HOH A . 
F 4 HOH 1 201 10 HOH HOH B . 
F 4 HOH 2 202 2  HOH HOH B . 
F 4 HOH 3 203 7  HOH HOH B . 
F 4 HOH 4 204 8  HOH HOH B . 
F 4 HOH 5 205 6  HOH HOH B . 
# 
loop_
_software.citation_id 
_software.classification 
_software.compiler_name 
_software.compiler_version 
_software.contact_author 
_software.contact_author_email 
_software.date 
_software.description 
_software.dependencies 
_software.hardware 
_software.language 
_software.location 
_software.mods 
_software.name 
_software.os 
_software.os_version 
_software.type 
_software.version 
_software.pdbx_ordinal 
? refinement        ? ? ? ? ? ? ? ? ? ? ? PHENIX      ? ? ? 1.12_2829 1 
? 'data extraction' ? ? ? ? ? ? ? ? ? ? ? PDB_EXTRACT ? ? ? 3.24      2 
? 'data reduction'  ? ? ? ? ? ? ? ? ? ? ? XDS         ? ? ? .         3 
? 'data scaling'    ? ? ? ? ? ? ? ? ? ? ? XDS         ? ? ? .         4 
? phasing           ? ? ? ? ? ? ? ? ? ? ? PHASER      ? ? ? 2.5.7     5 
# 
_cell.angle_alpha                  90.000 
_cell.angle_alpha_esd              ? 
_cell.angle_beta                   90.000 
_cell.angle_beta_esd               ? 
_cell.angle_gamma                  90.000 
_cell.angle_gamma_esd              ? 
_cell.entry_id                     6IA2 
_cell.details                      ? 
_cell.formula_units_Z              ? 
_cell.length_a                     31.804 
_cell.length_a_esd                 ? 
_cell.length_b                     38.759 
_cell.length_b_esd                 ? 
_cell.length_c                     101.900 
_cell.length_c_esd                 ? 
_cell.volume                       ? 
_cell.volume_esd                   ? 
_cell.Z_PDB                        8 
_cell.reciprocal_angle_alpha       ? 
_cell.reciprocal_angle_beta        ? 
_cell.reciprocal_angle_gamma       ? 
_cell.reciprocal_angle_alpha_esd   ? 
_cell.reciprocal_angle_beta_esd    ? 
_cell.reciprocal_angle_gamma_esd   ? 
_cell.reciprocal_length_a          ? 
_cell.reciprocal_length_b          ? 
_cell.reciprocal_length_c          ? 
_cell.reciprocal_length_a_esd      ? 
_cell.reciprocal_length_b_esd      ? 
_cell.reciprocal_length_c_esd      ? 
_cell.pdbx_unique_axis             ? 
# 
_symmetry.entry_id                         6IA2 
_symmetry.cell_setting                     ? 
_symmetry.Int_Tables_number                19 
_symmetry.space_group_name_Hall            ? 
_symmetry.space_group_name_H-M             'P 21 21 21' 
_symmetry.pdbx_full_space_group_name_H-M   ? 
# 
_exptl.absorpt_coefficient_mu     ? 
_exptl.absorpt_correction_T_max   ? 
_exptl.absorpt_correction_T_min   ? 
_exptl.absorpt_correction_type    ? 
_exptl.absorpt_process_details    ? 
_exptl.entry_id                   6IA2 
_exptl.crystals_number            1 
_exptl.details                    ? 
_exptl.method                     'X-RAY DIFFRACTION' 
_exptl.method_details             ? 
# 
_exptl_crystal.colour                      ? 
_exptl_crystal.density_diffrn              ? 
_exptl_crystal.density_Matthews            2.58 
_exptl_crystal.density_method              ? 
_exptl_crystal.density_percent_sol         52.40 
_exptl_crystal.description                 ? 
_exptl_crystal.F_000                       ? 
_exptl_crystal.id                          1 
_exptl_crystal.preparation                 ? 
_exptl_crystal.size_max                    ? 
_exptl_crystal.size_mid                    ? 
_exptl_crystal.size_min                    ? 
_exptl_crystal.size_rad                    ? 
_exptl_crystal.colour_lustre               ? 
_exptl_crystal.colour_modifier             ? 
_exptl_crystal.colour_primary              ? 
_exptl_crystal.density_meas                ? 
_exptl_crystal.density_meas_esd            ? 
_exptl_crystal.density_meas_gt             ? 
_exptl_crystal.density_meas_lt             ? 
_exptl_crystal.density_meas_temp           ? 
_exptl_crystal.density_meas_temp_esd       ? 
_exptl_crystal.density_meas_temp_gt        ? 
_exptl_crystal.density_meas_temp_lt        ? 
_exptl_crystal.pdbx_crystal_image_url      ? 
_exptl_crystal.pdbx_crystal_image_format   ? 
_exptl_crystal.pdbx_mosaicity              ? 
_exptl_crystal.pdbx_mosaicity_esd          ? 
# 
_exptl_crystal_grow.apparatus       ? 
_exptl_crystal_grow.atmosphere      ? 
_exptl_crystal_grow.crystal_id      1 
_exptl_crystal_grow.details         ? 
_exptl_crystal_grow.method          'VAPOR DIFFUSION, SITTING DROP' 
_exptl_crystal_grow.method_ref      ? 
_exptl_crystal_grow.pH              4.6 
_exptl_crystal_grow.pressure        ? 
_exptl_crystal_grow.pressure_esd    ? 
_exptl_crystal_grow.seeding         ? 
_exptl_crystal_grow.seeding_ref     ? 
_exptl_crystal_grow.temp            293.15 
_exptl_crystal_grow.temp_details    ? 
_exptl_crystal_grow.temp_esd        ? 
_exptl_crystal_grow.time            ? 
_exptl_crystal_grow.pdbx_details    '0.1M sodium acetate trihydrate pH 4.6, 2M ammonium sulfate' 
_exptl_crystal_grow.pdbx_pH_range   ? 
# 
_diffrn.ambient_environment              ? 
_diffrn.ambient_temp                     100 
_diffrn.ambient_temp_details             ? 
_diffrn.ambient_temp_esd                 ? 
_diffrn.crystal_id                       1 
_diffrn.crystal_support                  ? 
_diffrn.crystal_treatment                ? 
_diffrn.details                          ? 
_diffrn.id                               1 
_diffrn.ambient_pressure                 ? 
_diffrn.ambient_pressure_esd             ? 
_diffrn.ambient_pressure_gt              ? 
_diffrn.ambient_pressure_lt              ? 
_diffrn.ambient_temp_gt                  ? 
_diffrn.ambient_temp_lt                  ? 
_diffrn.pdbx_serial_crystal_experiment   N 
# 
_diffrn_detector.details                      ? 
_diffrn_detector.detector                     PIXEL 
_diffrn_detector.diffrn_id                    1 
_diffrn_detector.type                         'DECTRIS PILATUS 2M' 
_diffrn_detector.area_resol_mean              ? 
_diffrn_detector.dtime                        ? 
_diffrn_detector.pdbx_frames_total            ? 
_diffrn_detector.pdbx_collection_time_total   ? 
_diffrn_detector.pdbx_collection_date         2016-01-07 
_diffrn_detector.pdbx_frequency               ? 
# 
_diffrn_radiation.collimation                      ? 
_diffrn_radiation.diffrn_id                        1 
_diffrn_radiation.filter_edge                      ? 
_diffrn_radiation.inhomogeneity                    ? 
_diffrn_radiation.monochromator                    ? 
_diffrn_radiation.polarisn_norm                    ? 
_diffrn_radiation.polarisn_ratio                   ? 
_diffrn_radiation.probe                            ? 
_diffrn_radiation.type                             ? 
_diffrn_radiation.xray_symbol                      ? 
_diffrn_radiation.wavelength_id                    1 
_diffrn_radiation.pdbx_monochromatic_or_laue_m_l   M 
_diffrn_radiation.pdbx_wavelength_list             ? 
_diffrn_radiation.pdbx_wavelength                  ? 
_diffrn_radiation.pdbx_diffrn_protocol             'SINGLE WAVELENGTH' 
_diffrn_radiation.pdbx_analyzer                    ? 
_diffrn_radiation.pdbx_scattering_type             x-ray 
# 
_diffrn_radiation_wavelength.id           1 
_diffrn_radiation_wavelength.wavelength   0.91841 
_diffrn_radiation_wavelength.wt           1.0 
# 
_diffrn_source.current                     ? 
_diffrn_source.details                     ? 
_diffrn_source.diffrn_id                   1 
_diffrn_source.power                       ? 
_diffrn_source.size                        ? 
_diffrn_source.source                      SYNCHROTRON 
_diffrn_source.target                      ? 
_diffrn_source.type                        'BESSY BEAMLINE 14.2' 
_diffrn_source.voltage                     ? 
_diffrn_source.take-off_angle              ? 
_diffrn_source.pdbx_wavelength_list        0.91841 
_diffrn_source.pdbx_wavelength             ? 
_diffrn_source.pdbx_synchrotron_beamline   14.2 
_diffrn_source.pdbx_synchrotron_site       BESSY 
# 
_reflns.B_iso_Wilson_estimate            46.160 
_reflns.entry_id                         6IA2 
_reflns.data_reduction_details           ? 
_reflns.data_reduction_method            ? 
_reflns.d_resolution_high                2.270 
_reflns.d_resolution_low                 25.545 
_reflns.details                          ? 
_reflns.limit_h_max                      ? 
_reflns.limit_h_min                      ? 
_reflns.limit_k_max                      ? 
_reflns.limit_k_min                      ? 
_reflns.limit_l_max                      ? 
_reflns.limit_l_min                      ? 
_reflns.number_all                       ? 
_reflns.number_obs                       6194 
_reflns.observed_criterion               ? 
_reflns.observed_criterion_F_max         ? 
_reflns.observed_criterion_F_min         ? 
_reflns.observed_criterion_I_max         ? 
_reflns.observed_criterion_I_min         ? 
_reflns.observed_criterion_sigma_F       ? 
_reflns.observed_criterion_sigma_I       ? 
_reflns.percent_possible_obs             99.400 
_reflns.R_free_details                   ? 
_reflns.Rmerge_F_all                     ? 
_reflns.Rmerge_F_obs                     ? 
_reflns.Friedel_coverage                 ? 
_reflns.number_gt                        ? 
_reflns.threshold_expression             ? 
_reflns.pdbx_redundancy                  6.832 
_reflns.pdbx_Rmerge_I_obs                0.046 
_reflns.pdbx_Rmerge_I_all                ? 
_reflns.pdbx_Rsym_value                  ? 
_reflns.pdbx_netI_over_av_sigmaI         ? 
_reflns.pdbx_netI_over_sigmaI            27.100 
_reflns.pdbx_res_netI_over_av_sigmaI_2   ? 
_reflns.pdbx_res_netI_over_sigmaI_2      ? 
_reflns.pdbx_chi_squared                 0.912 
_reflns.pdbx_scaling_rejects             ? 
_reflns.pdbx_d_res_high_opt              ? 
_reflns.pdbx_d_res_low_opt               ? 
_reflns.pdbx_d_res_opt_method            ? 
_reflns.phase_calculation_details        ? 
_reflns.pdbx_Rrim_I_all                  0.050 
_reflns.pdbx_Rpim_I_all                  ? 
_reflns.pdbx_d_opt                       ? 
_reflns.pdbx_number_measured_all         ? 
_reflns.pdbx_diffrn_id                   1 
_reflns.pdbx_ordinal                     1 
_reflns.pdbx_CC_half                     1.000 
_reflns.pdbx_R_split                     ? 
# 
loop_
_reflns_shell.d_res_high 
_reflns_shell.d_res_low 
_reflns_shell.meanI_over_sigI_all 
_reflns_shell.meanI_over_sigI_obs 
_reflns_shell.number_measured_all 
_reflns_shell.number_measured_obs 
_reflns_shell.number_possible 
_reflns_shell.number_unique_all 
_reflns_shell.number_unique_obs 
_reflns_shell.percent_possible_all 
_reflns_shell.percent_possible_obs 
_reflns_shell.Rmerge_F_all 
_reflns_shell.Rmerge_F_obs 
_reflns_shell.Rmerge_I_all 
_reflns_shell.Rmerge_I_obs 
_reflns_shell.meanI_over_sigI_gt 
_reflns_shell.meanI_over_uI_all 
_reflns_shell.meanI_over_uI_gt 
_reflns_shell.number_measured_gt 
_reflns_shell.number_unique_gt 
_reflns_shell.percent_possible_gt 
_reflns_shell.Rmerge_F_gt 
_reflns_shell.Rmerge_I_gt 
_reflns_shell.pdbx_redundancy 
_reflns_shell.pdbx_Rsym_value 
_reflns_shell.pdbx_chi_squared 
_reflns_shell.pdbx_netI_over_sigmaI_all 
_reflns_shell.pdbx_netI_over_sigmaI_obs 
_reflns_shell.pdbx_Rrim_I_all 
_reflns_shell.pdbx_Rpim_I_all 
_reflns_shell.pdbx_rejects 
_reflns_shell.pdbx_ordinal 
_reflns_shell.pdbx_diffrn_id 
_reflns_shell.pdbx_CC_half 
_reflns_shell.pdbx_R_split 
2.270 2.410  ? 3.550  ? ? ? ? 945 98.600  ? ? ? ? 0.503 ? ? ? ? ? ? ? ? 6.145 ? ? ? ? 0.549 ? ? 1 1 0.873 ? 
2.410 2.570  ? 5.730  ? ? ? ? 917 100.000 ? ? ? ? 0.345 ? ? ? ? ? ? ? ? 7.192 ? ? ? ? 0.372 ? ? 2 1 0.952 ? 
2.570 2.780  ? 9.360  ? ? ? ? 874 100.000 ? ? ? ? 0.209 ? ? ? ? ? ? ? ? 7.156 ? ? ? ? 0.226 ? ? 3 1 0.983 ? 
2.780 3.040  ? 18.940 ? ? ? ? 794 99.700  ? ? ? ? 0.087 ? ? ? ? ? ? ? ? 7.132 ? ? ? ? 0.094 ? ? 4 1 1.000 ? 
3.040 3.400  ? 35.130 ? ? ? ? 721 98.900  ? ? ? ? 0.040 ? ? ? ? ? ? ? ? 7.011 ? ? ? ? 0.044 ? ? 5 1 1.000 ? 
3.400 3.920  ? 44.930 ? ? ? ? 655 99.100  ? ? ? ? 0.031 ? ? ? ? ? ? ? ? 6.901 ? ? ? ? 0.033 ? ? 6 1 1.000 ? 
3.920 4.780  ? 61.250 ? ? ? ? 555 100.000 ? ? ? ? 0.025 ? ? ? ? ? ? ? ? 6.850 ? ? ? ? 0.027 ? ? 7 1 1.000 ? 
4.780 6.700  ? 60.850 ? ? ? ? 456 99.800  ? ? ? ? 0.026 ? ? ? ? ? ? ? ? 6.498 ? ? ? ? 0.028 ? ? 8 1 0.999 ? 
6.700 25.545 ? 70.420 ? ? ? ? 277 97.900  ? ? ? ? 0.017 ? ? ? ? ? ? ? ? 5.993 ? ? ? ? 0.018 ? ? 9 1 1.000 ? 
# 
_refine.aniso_B[1][1]                            ? 
_refine.aniso_B[1][2]                            ? 
_refine.aniso_B[1][3]                            ? 
_refine.aniso_B[2][2]                            ? 
_refine.aniso_B[2][3]                            ? 
_refine.aniso_B[3][3]                            ? 
_refine.B_iso_max                                74.850 
_refine.B_iso_mean                               41.6514 
_refine.B_iso_min                                22.600 
_refine.correlation_coeff_Fo_to_Fc               ? 
_refine.correlation_coeff_Fo_to_Fc_free          ? 
_refine.details                                  ? 
_refine.diff_density_max                         ? 
_refine.diff_density_max_esd                     ? 
_refine.diff_density_min                         ? 
_refine.diff_density_min_esd                     ? 
_refine.diff_density_rms                         ? 
_refine.diff_density_rms_esd                     ? 
_refine.entry_id                                 6IA2 
_refine.pdbx_refine_id                           'X-RAY DIFFRACTION' 
_refine.ls_abs_structure_details                 ? 
_refine.ls_abs_structure_Flack                   ? 
_refine.ls_abs_structure_Flack_esd               ? 
_refine.ls_abs_structure_Rogers                  ? 
_refine.ls_abs_structure_Rogers_esd              ? 
_refine.ls_d_res_high                            2.27 
_refine.ls_d_res_low                             25.5450 
_refine.ls_extinction_coef                       ? 
_refine.ls_extinction_coef_esd                   ? 
_refine.ls_extinction_expression                 ? 
_refine.ls_extinction_method                     ? 
_refine.ls_goodness_of_fit_all                   ? 
_refine.ls_goodness_of_fit_all_esd               ? 
_refine.ls_goodness_of_fit_obs                   ? 
_refine.ls_goodness_of_fit_obs_esd               ? 
_refine.ls_hydrogen_treatment                    ? 
_refine.ls_matrix_type                           ? 
_refine.ls_number_constraints                    ? 
_refine.ls_number_parameters                     ? 
_refine.ls_number_reflns_all                     ? 
_refine.ls_number_reflns_obs                     6176 
_refine.ls_number_reflns_R_free                  309 
_refine.ls_number_reflns_R_work                  ? 
_refine.ls_number_restraints                     ? 
_refine.ls_percent_reflns_obs                    99.2000 
_refine.ls_percent_reflns_R_free                 5.0000 
_refine.ls_R_factor_all                          ? 
_refine.ls_R_factor_obs                          0.2137 
_refine.ls_R_factor_R_free                       0.2460 
_refine.ls_R_factor_R_free_error                 ? 
_refine.ls_R_factor_R_free_error_details         ? 
_refine.ls_R_factor_R_work                       0.2119 
_refine.ls_R_Fsqd_factor_obs                     ? 
_refine.ls_R_I_factor_obs                        ? 
_refine.ls_redundancy_reflns_all                 ? 
_refine.ls_redundancy_reflns_obs                 ? 
_refine.ls_restrained_S_all                      ? 
_refine.ls_restrained_S_obs                      ? 
_refine.ls_shift_over_esd_max                    ? 
_refine.ls_shift_over_esd_mean                   ? 
_refine.ls_structure_factor_coef                 ? 
_refine.ls_weighting_details                     ? 
_refine.ls_weighting_scheme                      ? 
_refine.ls_wR_factor_all                         ? 
_refine.ls_wR_factor_obs                         ? 
_refine.ls_wR_factor_R_free                      ? 
_refine.ls_wR_factor_R_work                      ? 
_refine.occupancy_max                            ? 
_refine.occupancy_min                            ? 
_refine.solvent_model_details                    ? 
_refine.solvent_model_param_bsol                 ? 
_refine.solvent_model_param_ksol                 ? 
_refine.ls_R_factor_gt                           ? 
_refine.ls_goodness_of_fit_gt                    ? 
_refine.ls_goodness_of_fit_ref                   ? 
_refine.ls_shift_over_su_max                     ? 
_refine.ls_shift_over_su_max_lt                  ? 
_refine.ls_shift_over_su_mean                    ? 
_refine.ls_shift_over_su_mean_lt                 ? 
_refine.pdbx_ls_sigma_I                          ? 
_refine.pdbx_ls_sigma_F                          1.360 
_refine.pdbx_ls_sigma_Fsqd                       ? 
_refine.pdbx_data_cutoff_high_absF               ? 
_refine.pdbx_data_cutoff_high_rms_absF           ? 
_refine.pdbx_data_cutoff_low_absF                ? 
_refine.pdbx_isotropic_thermal_model             ? 
_refine.pdbx_ls_cross_valid_method               THROUGHOUT 
_refine.pdbx_method_to_determine_struct          'MOLECULAR REPLACEMENT' 
_refine.pdbx_starting_model                      3GLP 
_refine.pdbx_stereochemistry_target_values       ? 
_refine.pdbx_R_Free_selection_details            ? 
_refine.pdbx_stereochem_target_val_spec_case     ? 
_refine.pdbx_overall_ESU_R                       ? 
_refine.pdbx_overall_ESU_R_Free                  ? 
_refine.pdbx_solvent_vdw_probe_radii             1.1100 
_refine.pdbx_solvent_ion_probe_radii             ? 
_refine.pdbx_solvent_shrinkage_radii             0.9000 
_refine.pdbx_real_space_R                        ? 
_refine.pdbx_density_correlation                 ? 
_refine.pdbx_pd_number_of_powder_patterns        ? 
_refine.pdbx_pd_number_of_points                 ? 
_refine.pdbx_pd_meas_number_of_points            ? 
_refine.pdbx_pd_proc_ls_prof_R_factor            ? 
_refine.pdbx_pd_proc_ls_prof_wR_factor           ? 
_refine.pdbx_pd_Marquardt_correlation_coeff      ? 
_refine.pdbx_pd_Fsqrd_R_factor                   ? 
_refine.pdbx_pd_ls_matrix_band_width             ? 
_refine.pdbx_overall_phase_error                 30.1300 
_refine.pdbx_overall_SU_R_free_Cruickshank_DPI   ? 
_refine.pdbx_overall_SU_R_free_Blow_DPI          ? 
_refine.pdbx_overall_SU_R_Blow_DPI               ? 
_refine.pdbx_TLS_residual_ADP_flag               ? 
_refine.pdbx_diffrn_id                           1 
_refine.overall_SU_B                             ? 
_refine.overall_SU_ML                            0.3000 
_refine.overall_SU_R_Cruickshank_DPI             ? 
_refine.overall_SU_R_free                        ? 
_refine.overall_FOM_free_R_set                   ? 
_refine.overall_FOM_work_R_set                   ? 
_refine.pdbx_average_fsc_overall                 ? 
_refine.pdbx_average_fsc_work                    ? 
_refine.pdbx_average_fsc_free                    ? 
# 
_refine_hist.cycle_id                         final 
_refine_hist.pdbx_refine_id                   'X-RAY DIFFRACTION' 
_refine_hist.d_res_high                       2.27 
_refine_hist.d_res_low                        25.5450 
_refine_hist.pdbx_number_atoms_ligand         6 
_refine_hist.number_atoms_solvent             10 
_refine_hist.number_atoms_total               820 
_refine_hist.pdbx_number_residues_total       38 
_refine_hist.pdbx_B_iso_mean_ligand           65.15 
_refine_hist.pdbx_B_iso_mean_solvent          40.11 
_refine_hist.pdbx_number_atoms_protein        0 
_refine_hist.pdbx_number_atoms_nucleic_acid   804 
# 
loop_
_refine_ls_restr.pdbx_refine_id 
_refine_ls_restr.criterion 
_refine_ls_restr.dev_ideal 
_refine_ls_restr.dev_ideal_target 
_refine_ls_restr.number 
_refine_ls_restr.rejects 
_refine_ls_restr.type 
_refine_ls_restr.weight 
_refine_ls_restr.pdbx_restraint_function 
'X-RAY DIFFRACTION' ? 0.005  ? 984  ? f_bond_d           ? ? 
'X-RAY DIFFRACTION' ? 0.911  ? 1539 ? f_angle_d          ? ? 
'X-RAY DIFFRACTION' ? 0.032  ? 204  ? f_chiral_restr     ? ? 
'X-RAY DIFFRACTION' ? 0.005  ? 41   ? f_plane_restr      ? ? 
'X-RAY DIFFRACTION' ? 10.712 ? 494  ? f_dihedral_angle_d ? ? 
# 
loop_
_refine_ls_shell.pdbx_refine_id 
_refine_ls_shell.d_res_high 
_refine_ls_shell.d_res_low 
_refine_ls_shell.number_reflns_all 
_refine_ls_shell.number_reflns_obs 
_refine_ls_shell.number_reflns_R_free 
_refine_ls_shell.number_reflns_R_work 
_refine_ls_shell.percent_reflns_obs 
_refine_ls_shell.percent_reflns_R_free 
_refine_ls_shell.R_factor_all 
_refine_ls_shell.R_factor_obs 
_refine_ls_shell.R_factor_R_free 
_refine_ls_shell.R_factor_R_free_error 
_refine_ls_shell.R_factor_R_work 
_refine_ls_shell.redundancy_reflns_all 
_refine_ls_shell.redundancy_reflns_obs 
_refine_ls_shell.wR_factor_all 
_refine_ls_shell.wR_factor_obs 
_refine_ls_shell.wR_factor_R_free 
_refine_ls_shell.wR_factor_R_work 
_refine_ls_shell.pdbx_total_number_of_bins_used 
_refine_ls_shell.pdbx_phase_error 
_refine_ls_shell.pdbx_fsc_work 
_refine_ls_shell.pdbx_fsc_free 
'X-RAY DIFFRACTION' 2.2694 2.8587  3015 . 151 2864 100.0000 . . . 0.3410 0.0000 0.2774 . . . . . . 2 . . . 
'X-RAY DIFFRACTION' 2.8587 25.5470 3161 . 158 3003 99.0000  . . . 0.2211 0.0000 0.1941 . . . . . . 2 . . . 
# 
_struct.entry_id                     6IA2 
_struct.title                        'Crystal structure of a self-complementary RNA duplex recognized by Com' 
_struct.pdbx_model_details           ? 
_struct.pdbx_formula_weight          ? 
_struct.pdbx_formula_weight_method   ? 
_struct.pdbx_model_type_details      ? 
_struct.pdbx_CASP_flag               N 
# 
_struct_keywords.entry_id        6IA2 
_struct_keywords.text            'RNA duplex, Com binding motif, RNA' 
_struct_keywords.pdbx_keywords   RNA 
# 
loop_
_struct_asym.id 
_struct_asym.pdbx_blank_PDB_chainid_flag 
_struct_asym.pdbx_modified 
_struct_asym.entity_id 
_struct_asym.details 
A N N 1 ? 
B N N 1 ? 
C N N 2 ? 
D N N 3 ? 
E N N 4 ? 
F N N 4 ? 
# 
_struct_ref.id                         1 
_struct_ref.db_name                    PDB 
_struct_ref.db_code                    6IA2 
_struct_ref.pdbx_db_accession          6IA2 
_struct_ref.pdbx_db_isoform            ? 
_struct_ref.entity_id                  1 
_struct_ref.pdbx_seq_one_letter_code   ? 
_struct_ref.pdbx_align_begin           1 
# 
loop_
_struct_ref_seq.align_id 
_struct_ref_seq.ref_id 
_struct_ref_seq.pdbx_PDB_id_code 
_struct_ref_seq.pdbx_strand_id 
_struct_ref_seq.seq_align_beg 
_struct_ref_seq.pdbx_seq_align_beg_ins_code 
_struct_ref_seq.seq_align_end 
_struct_ref_seq.pdbx_seq_align_end_ins_code 
_struct_ref_seq.pdbx_db_accession 
_struct_ref_seq.db_align_beg 
_struct_ref_seq.pdbx_db_align_beg_ins_code 
_struct_ref_seq.db_align_end 
_struct_ref_seq.pdbx_db_align_end_ins_code 
_struct_ref_seq.pdbx_auth_seq_align_beg 
_struct_ref_seq.pdbx_auth_seq_align_end 
1 1 6IA2 A 1 ? 19 ? 6IA2 1 ? 19 ? 1 19 
2 1 6IA2 B 1 ? 19 ? 6IA2 1 ? 19 ? 1 19 
# 
_pdbx_struct_assembly.id                   1 
_pdbx_struct_assembly.details              author_and_software_defined_assembly 
_pdbx_struct_assembly.method_details       PISA 
_pdbx_struct_assembly.oligomeric_details   dimeric 
_pdbx_struct_assembly.oligomeric_count     2 
# 
loop_
_pdbx_struct_assembly_prop.biol_id 
_pdbx_struct_assembly_prop.type 
_pdbx_struct_assembly_prop.value 
_pdbx_struct_assembly_prop.details 
1 'ABSA (A^2)' 2050 ? 
1 MORE         -28  ? 
1 'SSA (A^2)'  6920 ? 
# 
_pdbx_struct_assembly_gen.assembly_id       1 
_pdbx_struct_assembly_gen.oper_expression   1 
_pdbx_struct_assembly_gen.asym_id_list      A,B,C,D,E,F 
# 
_pdbx_struct_assembly_auth_evidence.id                     1 
_pdbx_struct_assembly_auth_evidence.assembly_id            1 
_pdbx_struct_assembly_auth_evidence.experimental_support   'assay for oligomerization' 
_pdbx_struct_assembly_auth_evidence.details                ? 
# 
_pdbx_struct_oper_list.id                   1 
_pdbx_struct_oper_list.type                 'identity operation' 
_pdbx_struct_oper_list.name                 1_555 
_pdbx_struct_oper_list.symmetry_operation   x,y,z 
_pdbx_struct_oper_list.matrix[1][1]         1.0000000000 
_pdbx_struct_oper_list.matrix[1][2]         0.0000000000 
_pdbx_struct_oper_list.matrix[1][3]         0.0000000000 
_pdbx_struct_oper_list.vector[1]            0.0000000000 
_pdbx_struct_oper_list.matrix[2][1]         0.0000000000 
_pdbx_struct_oper_list.matrix[2][2]         1.0000000000 
_pdbx_struct_oper_list.matrix[2][3]         0.0000000000 
_pdbx_struct_oper_list.vector[2]            0.0000000000 
_pdbx_struct_oper_list.matrix[3][1]         0.0000000000 
_pdbx_struct_oper_list.matrix[3][2]         0.0000000000 
_pdbx_struct_oper_list.matrix[3][3]         1.0000000000 
_pdbx_struct_oper_list.vector[3]            0.0000000000 
# 
loop_
_struct_conn.id 
_struct_conn.conn_type_id 
_struct_conn.pdbx_leaving_atom_flag 
_struct_conn.pdbx_PDB_id 
_struct_conn.ptnr1_label_asym_id 
_struct_conn.ptnr1_label_comp_id 
_struct_conn.ptnr1_label_seq_id 
_struct_conn.ptnr1_label_atom_id 
_struct_conn.pdbx_ptnr1_label_alt_id 
_struct_conn.pdbx_ptnr1_PDB_ins_code 
_struct_conn.pdbx_ptnr1_standard_comp_id 
_struct_conn.ptnr1_symmetry 
_struct_conn.ptnr2_label_asym_id 
_struct_conn.ptnr2_label_comp_id 
_struct_conn.ptnr2_label_seq_id 
_struct_conn.ptnr2_label_atom_id 
_struct_conn.pdbx_ptnr2_label_alt_id 
_struct_conn.pdbx_ptnr2_PDB_ins_code 
_struct_conn.ptnr1_auth_asym_id 
_struct_conn.ptnr1_auth_comp_id 
_struct_conn.ptnr1_auth_seq_id 
_struct_conn.ptnr2_auth_asym_id 
_struct_conn.ptnr2_auth_comp_id 
_struct_conn.ptnr2_auth_seq_id 
_struct_conn.ptnr2_symmetry 
_struct_conn.pdbx_ptnr3_label_atom_id 
_struct_conn.pdbx_ptnr3_label_seq_id 
_struct_conn.pdbx_ptnr3_label_comp_id 
_struct_conn.pdbx_ptnr3_label_asym_id 
_struct_conn.pdbx_ptnr3_label_alt_id 
_struct_conn.pdbx_ptnr3_PDB_ins_code 
_struct_conn.details 
_struct_conn.pdbx_dist_value 
_struct_conn.pdbx_value_order 
_struct_conn.pdbx_role 
hydrog1  hydrog ? ? A A 1  N1 ? ? ? 1_555 B U 19 N3 ? ? A A 1  B U 19 1_555 ? ? ? ? ? ? WATSON-CRICK  ? ? ? 
hydrog2  hydrog ? ? A A 1  N6 ? ? ? 1_555 B U 19 O4 ? ? A A 1  B U 19 1_555 ? ? ? ? ? ? WATSON-CRICK  ? ? ? 
hydrog3  hydrog ? ? A G 2  N1 ? ? ? 1_555 B C 18 N3 ? ? A G 2  B C 18 1_555 ? ? ? ? ? ? WATSON-CRICK  ? ? ? 
hydrog4  hydrog ? ? A G 2  N2 ? ? ? 1_555 B C 18 O2 ? ? A G 2  B C 18 1_555 ? ? ? ? ? ? WATSON-CRICK  ? ? ? 
hydrog5  hydrog ? ? A G 2  O6 ? ? ? 1_555 B C 18 N4 ? ? A G 2  B C 18 1_555 ? ? ? ? ? ? WATSON-CRICK  ? ? ? 
hydrog6  hydrog ? ? A A 3  N6 ? ? ? 1_555 B C 17 N3 ? ? A A 3  B C 17 1_555 ? ? ? ? ? ? 'A-C MISPAIR' ? ? ? 
hydrog7  hydrog ? ? A G 4  N1 ? ? ? 1_555 B C 16 N3 ? ? A G 4  B C 16 1_555 ? ? ? ? ? ? WATSON-CRICK  ? ? ? 
hydrog8  hydrog ? ? A G 4  N2 ? ? ? 1_555 B C 16 O2 ? ? A G 4  B C 16 1_555 ? ? ? ? ? ? WATSON-CRICK  ? ? ? 
hydrog9  hydrog ? ? A G 4  O6 ? ? ? 1_555 B C 16 N4 ? ? A G 4  B C 16 1_555 ? ? ? ? ? ? WATSON-CRICK  ? ? ? 
hydrog10 hydrog ? ? A A 5  N1 ? ? ? 1_555 B U 15 N3 ? ? A A 5  B U 15 1_555 ? ? ? ? ? ? WATSON-CRICK  ? ? ? 
hydrog11 hydrog ? ? A A 5  N6 ? ? ? 1_555 B U 15 O4 ? ? A A 5  B U 15 1_555 ? ? ? ? ? ? WATSON-CRICK  ? ? ? 
hydrog12 hydrog ? ? A A 6  N1 ? ? ? 1_555 B U 14 N3 ? ? A A 6  B U 14 1_555 ? ? ? ? ? ? WATSON-CRICK  ? ? ? 
hydrog13 hydrog ? ? A A 6  N6 ? ? ? 1_555 B U 14 O4 ? ? A A 6  B U 14 1_555 ? ? ? ? ? ? WATSON-CRICK  ? ? ? 
hydrog14 hydrog ? ? A C 7  N3 ? ? ? 1_555 B G 13 N1 ? ? A C 7  B G 13 1_555 ? ? ? ? ? ? WATSON-CRICK  ? ? ? 
hydrog15 hydrog ? ? A C 7  N4 ? ? ? 1_555 B G 13 O6 ? ? A C 7  B G 13 1_555 ? ? ? ? ? ? WATSON-CRICK  ? ? ? 
hydrog16 hydrog ? ? A C 7  O2 ? ? ? 1_555 B G 13 N2 ? ? A C 7  B G 13 1_555 ? ? ? ? ? ? WATSON-CRICK  ? ? ? 
hydrog17 hydrog ? ? A C 8  N3 ? ? ? 1_555 B A 12 N6 ? ? A C 8  B A 12 1_555 ? ? ? ? ? ? 'C-A MISPAIR' ? ? ? 
hydrog18 hydrog ? ? A C 9  N3 ? ? ? 1_555 B G 11 N1 A ? A C 9  B G 11 1_555 ? ? ? ? ? ? WATSON-CRICK  ? ? ? 
hydrog19 hydrog ? ? A C 9  N3 ? ? ? 1_555 B G 11 N1 B ? A C 9  B G 11 1_555 ? ? ? ? ? ? WATSON-CRICK  ? ? ? 
hydrog20 hydrog ? ? A C 9  N4 ? ? ? 1_555 B G 11 O6 A ? A C 9  B G 11 1_555 ? ? ? ? ? ? WATSON-CRICK  ? ? ? 
hydrog21 hydrog ? ? A C 9  N4 ? ? ? 1_555 B G 11 O6 B ? A C 9  B G 11 1_555 ? ? ? ? ? ? WATSON-CRICK  ? ? ? 
hydrog22 hydrog ? ? A C 9  O2 ? ? ? 1_555 B G 11 N2 A ? A C 9  B G 11 1_555 ? ? ? ? ? ? WATSON-CRICK  ? ? ? 
hydrog23 hydrog ? ? A C 9  O2 ? ? ? 1_555 B G 11 N2 B ? A C 9  B G 11 1_555 ? ? ? ? ? ? WATSON-CRICK  ? ? ? 
hydrog24 hydrog ? ? A G 10 N1 B ? ? 1_555 B G 10 O6 B ? A G 10 B G 10 1_555 ? ? ? ? ? ? TYPE_6_PAIR   ? ? ? 
hydrog25 hydrog ? ? A G 10 N2 B ? ? 1_555 B G 10 N7 B ? A G 10 B G 10 1_555 ? ? ? ? ? ? TYPE_6_PAIR   ? ? ? 
hydrog26 hydrog ? ? A G 11 N1 ? ? ? 1_555 B C 9  N3 ? ? A G 11 B C 9  1_555 ? ? ? ? ? ? WATSON-CRICK  ? ? ? 
hydrog27 hydrog ? ? A G 11 N2 ? ? ? 1_555 B C 9  O2 ? ? A G 11 B C 9  1_555 ? ? ? ? ? ? WATSON-CRICK  ? ? ? 
hydrog28 hydrog ? ? A G 11 O6 ? ? ? 1_555 B C 9  N4 ? ? A G 11 B C 9  1_555 ? ? ? ? ? ? WATSON-CRICK  ? ? ? 
hydrog29 hydrog ? ? A A 12 N6 ? ? ? 1_555 B C 8  N3 ? ? A A 12 B C 8  1_555 ? ? ? ? ? ? 'A-C MISPAIR' ? ? ? 
hydrog30 hydrog ? ? A G 13 N1 ? ? ? 1_555 B C 7  N3 ? ? A G 13 B C 7  1_555 ? ? ? ? ? ? WATSON-CRICK  ? ? ? 
hydrog31 hydrog ? ? A G 13 N2 ? ? ? 1_555 B C 7  O2 ? ? A G 13 B C 7  1_555 ? ? ? ? ? ? WATSON-CRICK  ? ? ? 
hydrog32 hydrog ? ? A G 13 O6 ? ? ? 1_555 B C 7  N4 ? ? A G 13 B C 7  1_555 ? ? ? ? ? ? WATSON-CRICK  ? ? ? 
hydrog33 hydrog ? ? A U 14 N3 ? ? ? 1_555 B A 6  N1 ? ? A U 14 B A 6  1_555 ? ? ? ? ? ? WATSON-CRICK  ? ? ? 
hydrog34 hydrog ? ? A U 14 O4 ? ? ? 1_555 B A 6  N6 ? ? A U 14 B A 6  1_555 ? ? ? ? ? ? WATSON-CRICK  ? ? ? 
hydrog35 hydrog ? ? A U 15 N3 ? ? ? 1_555 B A 5  N1 ? ? A U 15 B A 5  1_555 ? ? ? ? ? ? WATSON-CRICK  ? ? ? 
hydrog36 hydrog ? ? A U 15 O4 ? ? ? 1_555 B A 5  N6 ? ? A U 15 B A 5  1_555 ? ? ? ? ? ? WATSON-CRICK  ? ? ? 
hydrog37 hydrog ? ? A C 16 N3 ? ? ? 1_555 B G 4  N1 ? ? A C 16 B G 4  1_555 ? ? ? ? ? ? WATSON-CRICK  ? ? ? 
hydrog38 hydrog ? ? A C 16 N4 ? ? ? 1_555 B G 4  O6 ? ? A C 16 B G 4  1_555 ? ? ? ? ? ? WATSON-CRICK  ? ? ? 
hydrog39 hydrog ? ? A C 16 O2 ? ? ? 1_555 B G 4  N2 ? ? A C 16 B G 4  1_555 ? ? ? ? ? ? WATSON-CRICK  ? ? ? 
hydrog40 hydrog ? ? A C 17 N3 ? ? ? 1_555 B A 3  N6 ? ? A C 17 B A 3  1_555 ? ? ? ? ? ? 'C-A MISPAIR' ? ? ? 
hydrog41 hydrog ? ? A C 18 N3 ? ? ? 1_555 B G 2  N1 ? ? A C 18 B G 2  1_555 ? ? ? ? ? ? WATSON-CRICK  ? ? ? 
hydrog42 hydrog ? ? A C 18 N4 ? ? ? 1_555 B G 2  O6 ? ? A C 18 B G 2  1_555 ? ? ? ? ? ? WATSON-CRICK  ? ? ? 
hydrog43 hydrog ? ? A C 18 O2 ? ? ? 1_555 B G 2  N2 ? ? A C 18 B G 2  1_555 ? ? ? ? ? ? WATSON-CRICK  ? ? ? 
hydrog44 hydrog ? ? A U 19 N3 ? ? ? 1_555 B A 1  N1 ? ? A U 19 B A 1  1_555 ? ? ? ? ? ? WATSON-CRICK  ? ? ? 
hydrog45 hydrog ? ? A U 19 O4 ? ? ? 1_555 B A 1  N6 ? ? A U 19 B A 1  1_555 ? ? ? ? ? ? WATSON-CRICK  ? ? ? 
# 
_struct_conn_type.id          hydrog 
_struct_conn_type.criteria    ? 
_struct_conn_type.reference   ? 
# 
loop_
_struct_site.id 
_struct_site.pdbx_evidence_code 
_struct_site.pdbx_auth_asym_id 
_struct_site.pdbx_auth_comp_id 
_struct_site.pdbx_auth_seq_id 
_struct_site.pdbx_auth_ins_code 
_struct_site.pdbx_num_residues 
_struct_site.details 
AC1 Software B CL  101 ? 1 'binding site for residue CL B 101'  
AC2 Software B SO4 102 ? 2 'binding site for residue SO4 B 102' 
# 
loop_
_struct_site_gen.id 
_struct_site_gen.site_id 
_struct_site_gen.pdbx_num_res 
_struct_site_gen.label_comp_id 
_struct_site_gen.label_asym_id 
_struct_site_gen.label_seq_id 
_struct_site_gen.pdbx_auth_ins_code 
_struct_site_gen.auth_comp_id 
_struct_site_gen.auth_asym_id 
_struct_site_gen.auth_seq_id 
_struct_site_gen.label_atom_id 
_struct_site_gen.label_alt_id 
_struct_site_gen.symmetry 
_struct_site_gen.details 
1 AC1 1 G B 11 ? G B 11 . ? 1_555 ? 
2 AC2 2 C B 9  ? C B 9  . ? 1_555 ? 
3 AC2 2 G B 10 ? G B 10 . ? 1_555 ? 
# 
loop_
_pdbx_refine_tls.pdbx_refine_id 
_pdbx_refine_tls.id 
_pdbx_refine_tls.details 
_pdbx_refine_tls.method 
_pdbx_refine_tls.origin_x 
_pdbx_refine_tls.origin_y 
_pdbx_refine_tls.origin_z 
_pdbx_refine_tls.T[1][1] 
_pdbx_refine_tls.T[2][2] 
_pdbx_refine_tls.T[3][3] 
_pdbx_refine_tls.T[1][2] 
_pdbx_refine_tls.T[1][3] 
_pdbx_refine_tls.T[2][3] 
_pdbx_refine_tls.L[1][1] 
_pdbx_refine_tls.L[2][2] 
_pdbx_refine_tls.L[3][3] 
_pdbx_refine_tls.L[1][2] 
_pdbx_refine_tls.L[1][3] 
_pdbx_refine_tls.L[2][3] 
_pdbx_refine_tls.S[1][1] 
_pdbx_refine_tls.S[2][2] 
_pdbx_refine_tls.S[3][3] 
_pdbx_refine_tls.S[1][2] 
_pdbx_refine_tls.S[1][3] 
_pdbx_refine_tls.S[2][3] 
_pdbx_refine_tls.S[2][1] 
_pdbx_refine_tls.S[3][1] 
_pdbx_refine_tls.S[3][2] 
'X-RAY DIFFRACTION' 1 ? refined 3.2084  -7.6909  -1.5516 0.4102 0.3336 0.3128 -0.0101 0.0058  -0.0429 0.4358 2.0399 0.5352 0.4263  0.1899  -0.1920 0.1532  -0.2506 0.0976  0.0318  -0.1267 0.3318  0.7248  -0.1247 -0.2960 
'X-RAY DIFFRACTION' 2 ? refined -6.9247 15.7349  4.7746  0.2187 0.3688 0.3820 -0.0031 0.0197  -0.0181 1.5561 1.9837 1.1044 0.6670  -0.3811 -0.6732 0.3203  -0.1974 -0.1071 0.2024  0.0010  -0.1126 -0.0308 -0.1179 0.1357  
'X-RAY DIFFRACTION' 3 ? refined -3.4273 6.7743   1.1915  0.2385 0.3689 0.3867 0.0348  0.0617  0.0035  0.4651 2.7415 1.5403 0.3702  -0.4435 0.7360  -0.1180 -0.1746 0.3148  -0.1474 -0.1917 0.1454  -0.2224 0.3406  0.3032  
'X-RAY DIFFRACTION' 4 ? refined 7.7405  -15.1946 -4.1086 0.3578 0.3480 0.3949 -0.0142 -0.1309 -0.0146 1.0091 2.2913 1.0159 -0.0366 0.0143  -0.1372 0.5924  -0.4257 -0.1567 -0.1023 -0.6185 0.3070  -0.0672 0.3819  -0.0440 
# 
loop_
_pdbx_refine_tls_group.pdbx_refine_id 
_pdbx_refine_tls_group.id 
_pdbx_refine_tls_group.refine_tls_id 
_pdbx_refine_tls_group.beg_auth_asym_id 
_pdbx_refine_tls_group.beg_auth_seq_id 
_pdbx_refine_tls_group.end_auth_asym_id 
_pdbx_refine_tls_group.end_auth_seq_id 
_pdbx_refine_tls_group.selection_details 
_pdbx_refine_tls_group.beg_label_asym_id 
_pdbx_refine_tls_group.beg_label_seq_id 
_pdbx_refine_tls_group.end_label_asym_id 
_pdbx_refine_tls_group.end_label_seq_id 
_pdbx_refine_tls_group.selection 
'X-RAY DIFFRACTION' 1 1 A 1  A 11 
;chain 'A' and (resid 1 through 11 )
;
? ? ? ? ? 
'X-RAY DIFFRACTION' 2 2 A 12 A 19 
;chain 'A' and (resid 12 through 19 )
;
? ? ? ? ? 
'X-RAY DIFFRACTION' 3 3 B 1  B 11 
;chain 'B' and (resid 1 through 11 )
;
? ? ? ? ? 
'X-RAY DIFFRACTION' 4 4 B 12 B 19 
;chain 'B' and (resid 12 through 19 )
;
? ? ? ? ? 
# 
loop_
_chem_comp_atom.comp_id 
_chem_comp_atom.atom_id 
_chem_comp_atom.type_symbol 
_chem_comp_atom.pdbx_aromatic_flag 
_chem_comp_atom.pdbx_stereo_config 
_chem_comp_atom.pdbx_ordinal 
A   OP3    O  N N 1   
A   P      P  N N 2   
A   OP1    O  N N 3   
A   OP2    O  N N 4   
A   "O5'"  O  N N 5   
A   "C5'"  C  N N 6   
A   "C4'"  C  N R 7   
A   "O4'"  O  N N 8   
A   "C3'"  C  N S 9   
A   "O3'"  O  N N 10  
A   "C2'"  C  N R 11  
A   "O2'"  O  N N 12  
A   "C1'"  C  N R 13  
A   N9     N  Y N 14  
A   C8     C  Y N 15  
A   N7     N  Y N 16  
A   C5     C  Y N 17  
A   C6     C  Y N 18  
A   N6     N  N N 19  
A   N1     N  Y N 20  
A   C2     C  Y N 21  
A   N3     N  Y N 22  
A   C4     C  Y N 23  
A   HOP3   H  N N 24  
A   HOP2   H  N N 25  
A   "H5'"  H  N N 26  
A   "H5''" H  N N 27  
A   "H4'"  H  N N 28  
A   "H3'"  H  N N 29  
A   "HO3'" H  N N 30  
A   "H2'"  H  N N 31  
A   "HO2'" H  N N 32  
A   "H1'"  H  N N 33  
A   H8     H  N N 34  
A   H61    H  N N 35  
A   H62    H  N N 36  
A   H2     H  N N 37  
C   OP3    O  N N 38  
C   P      P  N N 39  
C   OP1    O  N N 40  
C   OP2    O  N N 41  
C   "O5'"  O  N N 42  
C   "C5'"  C  N N 43  
C   "C4'"  C  N R 44  
C   "O4'"  O  N N 45  
C   "C3'"  C  N S 46  
C   "O3'"  O  N N 47  
C   "C2'"  C  N R 48  
C   "O2'"  O  N N 49  
C   "C1'"  C  N R 50  
C   N1     N  N N 51  
C   C2     C  N N 52  
C   O2     O  N N 53  
C   N3     N  N N 54  
C   C4     C  N N 55  
C   N4     N  N N 56  
C   C5     C  N N 57  
C   C6     C  N N 58  
C   HOP3   H  N N 59  
C   HOP2   H  N N 60  
C   "H5'"  H  N N 61  
C   "H5''" H  N N 62  
C   "H4'"  H  N N 63  
C   "H3'"  H  N N 64  
C   "HO3'" H  N N 65  
C   "H2'"  H  N N 66  
C   "HO2'" H  N N 67  
C   "H1'"  H  N N 68  
C   H41    H  N N 69  
C   H42    H  N N 70  
C   H5     H  N N 71  
C   H6     H  N N 72  
CL  CL     CL N N 73  
G   OP3    O  N N 74  
G   P      P  N N 75  
G   OP1    O  N N 76  
G   OP2    O  N N 77  
G   "O5'"  O  N N 78  
G   "C5'"  C  N N 79  
G   "C4'"  C  N R 80  
G   "O4'"  O  N N 81  
G   "C3'"  C  N S 82  
G   "O3'"  O  N N 83  
G   "C2'"  C  N R 84  
G   "O2'"  O  N N 85  
G   "C1'"  C  N R 86  
G   N9     N  Y N 87  
G   C8     C  Y N 88  
G   N7     N  Y N 89  
G   C5     C  Y N 90  
G   C6     C  N N 91  
G   O6     O  N N 92  
G   N1     N  N N 93  
G   C2     C  N N 94  
G   N2     N  N N 95  
G   N3     N  N N 96  
G   C4     C  Y N 97  
G   HOP3   H  N N 98  
G   HOP2   H  N N 99  
G   "H5'"  H  N N 100 
G   "H5''" H  N N 101 
G   "H4'"  H  N N 102 
G   "H3'"  H  N N 103 
G   "HO3'" H  N N 104 
G   "H2'"  H  N N 105 
G   "HO2'" H  N N 106 
G   "H1'"  H  N N 107 
G   H8     H  N N 108 
G   H1     H  N N 109 
G   H21    H  N N 110 
G   H22    H  N N 111 
HOH O      O  N N 112 
HOH H1     H  N N 113 
HOH H2     H  N N 114 
SO4 S      S  N N 115 
SO4 O1     O  N N 116 
SO4 O2     O  N N 117 
SO4 O3     O  N N 118 
SO4 O4     O  N N 119 
U   OP3    O  N N 120 
U   P      P  N N 121 
U   OP1    O  N N 122 
U   OP2    O  N N 123 
U   "O5'"  O  N N 124 
U   "C5'"  C  N N 125 
U   "C4'"  C  N R 126 
U   "O4'"  O  N N 127 
U   "C3'"  C  N S 128 
U   "O3'"  O  N N 129 
U   "C2'"  C  N R 130 
U   "O2'"  O  N N 131 
U   "C1'"  C  N R 132 
U   N1     N  N N 133 
U   C2     C  N N 134 
U   O2     O  N N 135 
U   N3     N  N N 136 
U   C4     C  N N 137 
U   O4     O  N N 138 
U   C5     C  N N 139 
U   C6     C  N N 140 
U   HOP3   H  N N 141 
U   HOP2   H  N N 142 
U   "H5'"  H  N N 143 
U   "H5''" H  N N 144 
U   "H4'"  H  N N 145 
U   "H3'"  H  N N 146 
U   "HO3'" H  N N 147 
U   "H2'"  H  N N 148 
U   "HO2'" H  N N 149 
U   "H1'"  H  N N 150 
U   H3     H  N N 151 
U   H5     H  N N 152 
U   H6     H  N N 153 
# 
loop_
_chem_comp_bond.comp_id 
_chem_comp_bond.atom_id_1 
_chem_comp_bond.atom_id_2 
_chem_comp_bond.value_order 
_chem_comp_bond.pdbx_aromatic_flag 
_chem_comp_bond.pdbx_stereo_config 
_chem_comp_bond.pdbx_ordinal 
A   OP3   P      sing N N 1   
A   OP3   HOP3   sing N N 2   
A   P     OP1    doub N N 3   
A   P     OP2    sing N N 4   
A   P     "O5'"  sing N N 5   
A   OP2   HOP2   sing N N 6   
A   "O5'" "C5'"  sing N N 7   
A   "C5'" "C4'"  sing N N 8   
A   "C5'" "H5'"  sing N N 9   
A   "C5'" "H5''" sing N N 10  
A   "C4'" "O4'"  sing N N 11  
A   "C4'" "C3'"  sing N N 12  
A   "C4'" "H4'"  sing N N 13  
A   "O4'" "C1'"  sing N N 14  
A   "C3'" "O3'"  sing N N 15  
A   "C3'" "C2'"  sing N N 16  
A   "C3'" "H3'"  sing N N 17  
A   "O3'" "HO3'" sing N N 18  
A   "C2'" "O2'"  sing N N 19  
A   "C2'" "C1'"  sing N N 20  
A   "C2'" "H2'"  sing N N 21  
A   "O2'" "HO2'" sing N N 22  
A   "C1'" N9     sing N N 23  
A   "C1'" "H1'"  sing N N 24  
A   N9    C8     sing Y N 25  
A   N9    C4     sing Y N 26  
A   C8    N7     doub Y N 27  
A   C8    H8     sing N N 28  
A   N7    C5     sing Y N 29  
A   C5    C6     sing Y N 30  
A   C5    C4     doub Y N 31  
A   C6    N6     sing N N 32  
A   C6    N1     doub Y N 33  
A   N6    H61    sing N N 34  
A   N6    H62    sing N N 35  
A   N1    C2     sing Y N 36  
A   C2    N3     doub Y N 37  
A   C2    H2     sing N N 38  
A   N3    C4     sing Y N 39  
C   OP3   P      sing N N 40  
C   OP3   HOP3   sing N N 41  
C   P     OP1    doub N N 42  
C   P     OP2    sing N N 43  
C   P     "O5'"  sing N N 44  
C   OP2   HOP2   sing N N 45  
C   "O5'" "C5'"  sing N N 46  
C   "C5'" "C4'"  sing N N 47  
C   "C5'" "H5'"  sing N N 48  
C   "C5'" "H5''" sing N N 49  
C   "C4'" "O4'"  sing N N 50  
C   "C4'" "C3'"  sing N N 51  
C   "C4'" "H4'"  sing N N 52  
C   "O4'" "C1'"  sing N N 53  
C   "C3'" "O3'"  sing N N 54  
C   "C3'" "C2'"  sing N N 55  
C   "C3'" "H3'"  sing N N 56  
C   "O3'" "HO3'" sing N N 57  
C   "C2'" "O2'"  sing N N 58  
C   "C2'" "C1'"  sing N N 59  
C   "C2'" "H2'"  sing N N 60  
C   "O2'" "HO2'" sing N N 61  
C   "C1'" N1     sing N N 62  
C   "C1'" "H1'"  sing N N 63  
C   N1    C2     sing N N 64  
C   N1    C6     sing N N 65  
C   C2    O2     doub N N 66  
C   C2    N3     sing N N 67  
C   N3    C4     doub N N 68  
C   C4    N4     sing N N 69  
C   C4    C5     sing N N 70  
C   N4    H41    sing N N 71  
C   N4    H42    sing N N 72  
C   C5    C6     doub N N 73  
C   C5    H5     sing N N 74  
C   C6    H6     sing N N 75  
G   OP3   P      sing N N 76  
G   OP3   HOP3   sing N N 77  
G   P     OP1    doub N N 78  
G   P     OP2    sing N N 79  
G   P     "O5'"  sing N N 80  
G   OP2   HOP2   sing N N 81  
G   "O5'" "C5'"  sing N N 82  
G   "C5'" "C4'"  sing N N 83  
G   "C5'" "H5'"  sing N N 84  
G   "C5'" "H5''" sing N N 85  
G   "C4'" "O4'"  sing N N 86  
G   "C4'" "C3'"  sing N N 87  
G   "C4'" "H4'"  sing N N 88  
G   "O4'" "C1'"  sing N N 89  
G   "C3'" "O3'"  sing N N 90  
G   "C3'" "C2'"  sing N N 91  
G   "C3'" "H3'"  sing N N 92  
G   "O3'" "HO3'" sing N N 93  
G   "C2'" "O2'"  sing N N 94  
G   "C2'" "C1'"  sing N N 95  
G   "C2'" "H2'"  sing N N 96  
G   "O2'" "HO2'" sing N N 97  
G   "C1'" N9     sing N N 98  
G   "C1'" "H1'"  sing N N 99  
G   N9    C8     sing Y N 100 
G   N9    C4     sing Y N 101 
G   C8    N7     doub Y N 102 
G   C8    H8     sing N N 103 
G   N7    C5     sing Y N 104 
G   C5    C6     sing N N 105 
G   C5    C4     doub Y N 106 
G   C6    O6     doub N N 107 
G   C6    N1     sing N N 108 
G   N1    C2     sing N N 109 
G   N1    H1     sing N N 110 
G   C2    N2     sing N N 111 
G   C2    N3     doub N N 112 
G   N2    H21    sing N N 113 
G   N2    H22    sing N N 114 
G   N3    C4     sing N N 115 
HOH O     H1     sing N N 116 
HOH O     H2     sing N N 117 
SO4 S     O1     doub N N 118 
SO4 S     O2     doub N N 119 
SO4 S     O3     sing N N 120 
SO4 S     O4     sing N N 121 
U   OP3   P      sing N N 122 
U   OP3   HOP3   sing N N 123 
U   P     OP1    doub N N 124 
U   P     OP2    sing N N 125 
U   P     "O5'"  sing N N 126 
U   OP2   HOP2   sing N N 127 
U   "O5'" "C5'"  sing N N 128 
U   "C5'" "C4'"  sing N N 129 
U   "C5'" "H5'"  sing N N 130 
U   "C5'" "H5''" sing N N 131 
U   "C4'" "O4'"  sing N N 132 
U   "C4'" "C3'"  sing N N 133 
U   "C4'" "H4'"  sing N N 134 
U   "O4'" "C1'"  sing N N 135 
U   "C3'" "O3'"  sing N N 136 
U   "C3'" "C2'"  sing N N 137 
U   "C3'" "H3'"  sing N N 138 
U   "O3'" "HO3'" sing N N 139 
U   "C2'" "O2'"  sing N N 140 
U   "C2'" "C1'"  sing N N 141 
U   "C2'" "H2'"  sing N N 142 
U   "O2'" "HO2'" sing N N 143 
U   "C1'" N1     sing N N 144 
U   "C1'" "H1'"  sing N N 145 
U   N1    C2     sing N N 146 
U   N1    C6     sing N N 147 
U   C2    O2     doub N N 148 
U   C2    N3     sing N N 149 
U   N3    C4     sing N N 150 
U   N3    H3     sing N N 151 
U   C4    O4     doub N N 152 
U   C4    C5     sing N N 153 
U   C5    C6     doub N N 154 
U   C5    H5     sing N N 155 
U   C6    H6     sing N N 156 
# 
loop_
_ndb_struct_conf_na.entry_id 
_ndb_struct_conf_na.feature 
6IA2 'double helix'        
6IA2 'a-form double helix' 
# 
loop_
_ndb_struct_na_base_pair.model_number 
_ndb_struct_na_base_pair.i_label_asym_id 
_ndb_struct_na_base_pair.i_label_comp_id 
_ndb_struct_na_base_pair.i_label_seq_id 
_ndb_struct_na_base_pair.i_symmetry 
_ndb_struct_na_base_pair.j_label_asym_id 
_ndb_struct_na_base_pair.j_label_comp_id 
_ndb_struct_na_base_pair.j_label_seq_id 
_ndb_struct_na_base_pair.j_symmetry 
_ndb_struct_na_base_pair.shear 
_ndb_struct_na_base_pair.stretch 
_ndb_struct_na_base_pair.stagger 
_ndb_struct_na_base_pair.buckle 
_ndb_struct_na_base_pair.propeller 
_ndb_struct_na_base_pair.opening 
_ndb_struct_na_base_pair.pair_number 
_ndb_struct_na_base_pair.pair_name 
_ndb_struct_na_base_pair.i_auth_asym_id 
_ndb_struct_na_base_pair.i_auth_seq_id 
_ndb_struct_na_base_pair.i_PDB_ins_code 
_ndb_struct_na_base_pair.j_auth_asym_id 
_ndb_struct_na_base_pair.j_auth_seq_id 
_ndb_struct_na_base_pair.j_PDB_ins_code 
_ndb_struct_na_base_pair.hbond_type_28 
_ndb_struct_na_base_pair.hbond_type_12 
1 A A 1  1_555 B U 19 1_555 0.021  0.000  -0.238 -12.925 -3.963  1.130  1  A_A1:U19_B  A 1  ? B 19 ? 20 1 
1 A G 2  1_555 B C 18 1_555 -0.928 -0.172 -0.103 -5.545  -16.526 4.770  2  A_G2:C18_B  A 2  ? B 18 ? 19 1 
1 A A 3  1_555 B C 17 1_555 -2.525 -0.373 0.218  3.959   -6.862  10.970 3  A_A3:C17_B  A 3  ? B 17 ? ?  1 
1 A G 4  1_555 B C 16 1_555 -0.093 -0.126 -0.080 -2.554  -5.815  1.129  4  A_G4:C16_B  A 4  ? B 16 ? 19 1 
1 A A 5  1_555 B U 15 1_555 -0.033 0.011  0.039  -0.700  -10.786 7.158  5  A_A5:U15_B  A 5  ? B 15 ? 20 1 
1 A A 6  1_555 B U 14 1_555 0.302  -0.036 -0.076 -3.758  -6.335  3.303  6  A_A6:U14_B  A 6  ? B 14 ? 20 1 
1 A C 7  1_555 B G 13 1_555 -0.090 -0.040 -0.135 5.649   -8.870  0.050  7  A_C7:G13_B  A 7  ? B 13 ? 19 1 
1 A C 8  1_555 B A 12 1_555 2.443  -0.395 0.212  -4.036  -16.288 8.719  8  A_C8:A12_B  A 8  ? B 12 ? ?  1 
1 A C 9  1_555 B G 11 1_555 -0.152 -0.047 0.269  2.767   -11.269 2.954  9  A_C9:G11_B  A 9  ? B 11 ? 19 1 
1 A G 10 1_555 B G 10 1_555 -1.803 -2.955 0.505  0.328   -1.618  93.317 10 A_G10:G10_B A 10 ? B 10 ? 6  1 
1 A G 11 1_555 B C 9  1_555 -0.361 -0.237 0.100  -6.621  -16.514 0.745  11 A_G11:C9_B  A 11 ? B 9  ? 19 1 
1 A A 12 1_555 B C 8  1_555 -2.819 -0.591 0.290  1.519   -12.974 3.352  12 A_A12:C8_B  A 12 ? B 8  ? ?  1 
1 A G 13 1_555 B C 7  1_555 -0.264 -0.202 0.306  0.185   -14.396 -1.036 13 A_G13:C7_B  A 13 ? B 7  ? 19 1 
1 A U 14 1_555 B A 6  1_555 0.022  0.079  0.373  -5.389  -12.534 2.733  14 A_U14:A6_B  A 14 ? B 6  ? 20 1 
1 A U 15 1_555 B A 5  1_555 -0.056 -0.052 -0.013 5.240   -9.236  1.645  15 A_U15:A5_B  A 15 ? B 5  ? 20 1 
1 A C 16 1_555 B G 4  1_555 0.260  -0.035 -0.110 11.119  -8.443  2.353  16 A_C16:G4_B  A 16 ? B 4  ? 19 1 
1 A C 17 1_555 B A 3  1_555 2.462  -0.476 -0.223 0.465   -15.116 6.240  17 A_C17:A3_B  A 17 ? B 3  ? ?  1 
1 A C 18 1_555 B G 2  1_555 0.147  -0.155 -0.012 1.385   -11.084 1.577  18 A_C18:G2_B  A 18 ? B 2  ? 19 1 
1 A U 19 1_555 B A 1  1_555 0.053  -0.076 -0.050 9.002   -11.592 4.506  19 A_U19:A1_B  A 19 ? B 1  ? 20 1 
# 
loop_
_ndb_struct_na_base_pair_step.model_number 
_ndb_struct_na_base_pair_step.i_label_asym_id_1 
_ndb_struct_na_base_pair_step.i_label_comp_id_1 
_ndb_struct_na_base_pair_step.i_label_seq_id_1 
_ndb_struct_na_base_pair_step.i_symmetry_1 
_ndb_struct_na_base_pair_step.j_label_asym_id_1 
_ndb_struct_na_base_pair_step.j_label_comp_id_1 
_ndb_struct_na_base_pair_step.j_label_seq_id_1 
_ndb_struct_na_base_pair_step.j_symmetry_1 
_ndb_struct_na_base_pair_step.i_label_asym_id_2 
_ndb_struct_na_base_pair_step.i_label_comp_id_2 
_ndb_struct_na_base_pair_step.i_label_seq_id_2 
_ndb_struct_na_base_pair_step.i_symmetry_2 
_ndb_struct_na_base_pair_step.j_label_asym_id_2 
_ndb_struct_na_base_pair_step.j_label_comp_id_2 
_ndb_struct_na_base_pair_step.j_label_seq_id_2 
_ndb_struct_na_base_pair_step.j_symmetry_2 
_ndb_struct_na_base_pair_step.shift 
_ndb_struct_na_base_pair_step.slide 
_ndb_struct_na_base_pair_step.rise 
_ndb_struct_na_base_pair_step.tilt 
_ndb_struct_na_base_pair_step.roll 
_ndb_struct_na_base_pair_step.twist 
_ndb_struct_na_base_pair_step.x_displacement 
_ndb_struct_na_base_pair_step.y_displacement 
_ndb_struct_na_base_pair_step.helical_rise 
_ndb_struct_na_base_pair_step.inclination 
_ndb_struct_na_base_pair_step.tip 
_ndb_struct_na_base_pair_step.helical_twist 
_ndb_struct_na_base_pair_step.step_number 
_ndb_struct_na_base_pair_step.step_name 
_ndb_struct_na_base_pair_step.i_auth_asym_id_1 
_ndb_struct_na_base_pair_step.i_auth_seq_id_1 
_ndb_struct_na_base_pair_step.i_PDB_ins_code_1 
_ndb_struct_na_base_pair_step.j_auth_asym_id_1 
_ndb_struct_na_base_pair_step.j_auth_seq_id_1 
_ndb_struct_na_base_pair_step.j_PDB_ins_code_1 
_ndb_struct_na_base_pair_step.i_auth_asym_id_2 
_ndb_struct_na_base_pair_step.i_auth_seq_id_2 
_ndb_struct_na_base_pair_step.i_PDB_ins_code_2 
_ndb_struct_na_base_pair_step.j_auth_asym_id_2 
_ndb_struct_na_base_pair_step.j_auth_seq_id_2 
_ndb_struct_na_base_pair_step.j_PDB_ins_code_2 
1 A A 1  1_555 B U 19 1_555 A G 2  1_555 B C 18 1_555 0.222  -1.867 3.086  1.269    5.194    24.629  -5.629 -0.178 2.650  11.995  
-2.932  25.194  1  AA_A1G2:C18U19_BB  A 1  ? B 19 ? A 2  ? B 18 ? 
1 A G 2  1_555 B C 18 1_555 A A 3  1_555 B C 17 1_555 0.085  -1.736 2.740  -8.215   8.166    24.533  -5.261 -1.747 1.945  17.990  
18.100  27.092  2  AA_G2A3:C17C18_BB  A 2  ? B 18 ? A 3  ? B 17 ? 
1 A A 3  1_555 B C 17 1_555 A G 4  1_555 B C 16 1_555 -0.471 -1.672 3.468  -0.272   7.141    37.215  -3.505 0.690  3.110  11.064  
0.422   37.871  3  AA_A3G4:C16C17_BB  A 3  ? B 17 ? A 4  ? B 16 ? 
1 A G 4  1_555 B C 16 1_555 A A 5  1_555 B U 15 1_555 0.693  -1.778 3.146  1.411    4.746    30.103  -4.255 -1.058 2.868  9.061   
-2.694  30.498  4  AA_G4A5:U15C16_BB  A 4  ? B 16 ? A 5  ? B 15 ? 
1 A A 5  1_555 B U 15 1_555 A A 6  1_555 B U 14 1_555 -0.397 -1.582 3.258  1.979    6.646    33.623  -3.669 0.967  2.875  11.340  
-3.377  34.311  5  AA_A5A6:U14U15_BB  A 5  ? B 15 ? A 6  ? B 14 ? 
1 A A 6  1_555 B U 14 1_555 A C 7  1_555 B G 13 1_555 0.343  -1.829 3.101  2.274    1.571    26.569  -4.342 -0.188 3.008  3.407   
-4.932  26.710  6  AA_A6C7:G13U14_BB  A 6  ? B 14 ? A 7  ? B 13 ? 
1 A C 7  1_555 B G 13 1_555 A C 8  1_555 B A 12 1_555 0.544  -1.529 3.539  1.248    7.121    41.811  -2.874 -0.619 3.262  9.889   
-1.733  42.404  7  AA_C7C8:A12G13_BB  A 7  ? B 13 ? A 8  ? B 12 ? 
1 A C 8  1_555 B A 12 1_555 A C 9  1_555 B G 11 1_555 -0.368 -2.090 2.782  3.074    7.077    21.790  -7.058 1.718  1.945  18.009  
-7.823  23.100  8  AA_C8C9:G11A12_BB  A 8  ? B 12 ? A 9  ? B 11 ? 
1 A C 9  1_555 B G 11 1_555 A G 10 1_555 B G 10 1_555 0.545  -3.444 -0.643 -170.983 34.111   65.966  -1.617 0.262  -1.363 17.307  
86.752  175.264 9  AA_C9G10:G10G11_BB A 9  ? B 11 ? A 10 ? B 10 ? 
1 A G 10 1_555 B G 10 1_555 A G 11 1_555 B C 9  1_555 0.108  -4.405 -1.329 133.694  -104.533 116.964 -2.292 -0.165 0.325  -52.732 
-67.442 174.626 10 AA_G10G11:C9G10_BB A 10 ? B 10 ? A 11 ? B 9  ? 
1 A G 11 1_555 B C 9  1_555 A A 12 1_555 B C 8  1_555 0.091  -2.096 2.843  -5.591   4.819    22.919  -6.269 -1.660 2.274  11.744  
13.625  24.063  11 AA_G11A12:C8C9_BB  A 11 ? B 9  ? A 12 ? B 8  ? 
1 A A 12 1_555 B C 8  1_555 A G 13 1_555 B C 7  1_555 -0.631 -1.076 3.316  -3.283   7.156    42.902  -2.135 0.535  3.144  9.686   
4.444   43.585  12 AA_A12G13:C7C8_BB  A 12 ? B 8  ? A 13 ? B 7  ? 
1 A G 13 1_555 B C 7  1_555 A U 14 1_555 B A 6  1_555 0.239  -1.343 3.395  -0.254   12.941   31.360  -4.310 -0.450 2.648  22.764  
0.447   33.864  13 AA_G13U14:A6C7_BB  A 13 ? B 7  ? A 14 ? B 6  ? 
1 A U 14 1_555 B A 6  1_555 A U 15 1_555 B A 5  1_555 0.178  -1.207 3.020  1.211    1.377    31.301  -2.471 -0.121 2.970  2.550   
-2.242  31.353  14 AA_U14U15:A5A6_BB  A 14 ? B 6  ? A 15 ? B 5  ? 
1 A U 15 1_555 B A 5  1_555 A C 16 1_555 B G 4  1_555 -0.047 -1.811 3.146  -2.233   1.186    30.857  -3.610 -0.323 3.072  2.224   
4.188   30.958  15 AA_U15C16:G4A5_BB  A 15 ? B 5  ? A 16 ? B 4  ? 
1 A C 16 1_555 B G 4  1_555 A C 17 1_555 B A 3  1_555 0.310  -1.517 3.507  4.070    8.665    40.051  -3.127 0.014  3.141  12.437  
-5.843  41.133  16 AA_C16C17:A3G4_BB  A 16 ? B 4  ? A 17 ? B 3  ? 
1 A C 17 1_555 B A 3  1_555 A C 18 1_555 B G 2  1_555 -0.593 -1.650 3.160  2.011    10.525   22.641  -6.469 1.877  2.132  25.083  
-4.791  25.019  17 AA_C17C18:G2A3_BB  A 17 ? B 3  ? A 18 ? B 2  ? 
1 A C 18 1_555 B G 2  1_555 A U 19 1_555 B A 1  1_555 0.791  -1.733 3.012  2.447    6.906    26.851  -5.041 -1.136 2.556  14.532  
-5.148  27.815  18 AA_C18U19:A1G2_BB  A 18 ? B 2  ? A 19 ? B 1  ? 
# 
_pdbx_audit_support.funding_organization   'Ministry of Science and Higher Education' 
_pdbx_audit_support.country                Poland 
_pdbx_audit_support.grant_number           'Iuventus Plus IP2012 049072' 
_pdbx_audit_support.ordinal                1 
# 
_pdbx_initial_refinement_model.id               1 
_pdbx_initial_refinement_model.entity_id_list   ? 
_pdbx_initial_refinement_model.type             'experimental model' 
_pdbx_initial_refinement_model.source_name      PDB 
_pdbx_initial_refinement_model.accession_code   3GLP 
_pdbx_initial_refinement_model.details          ? 
# 
_atom_sites.entry_id                    6IA2 
_atom_sites.fract_transf_matrix[1][1]   0.01165369 
_atom_sites.fract_transf_matrix[1][2]   -0.00295167 
_atom_sites.fract_transf_matrix[1][3]   0.02905411 
_atom_sites.fract_transf_matrix[2][1]   0.02284176 
_atom_sites.fract_transf_matrix[2][2]   0.00867949 
_atom_sites.fract_transf_matrix[2][3]   -0.00828013 
_atom_sites.fract_transf_matrix[3][1]   -0.00275506 
_atom_sites.fract_transf_matrix[3][2]   0.00919595 
_atom_sites.fract_transf_matrix[3][3]   0.00203930 
_atom_sites.fract_transf_vector[1]      -0.089171 
_atom_sites.fract_transf_vector[2]      0.044189 
_atom_sites.fract_transf_vector[3]      0.069577 
# 
loop_
_atom_type.symbol 
C  
CL 
N  
O  
P  
S  
# 
loop_
_atom_site.group_PDB 
_atom_site.id 
_atom_site.type_symbol 
_atom_site.label_atom_id 
_atom_site.label_alt_id 
_atom_site.label_comp_id 
_atom_site.label_asym_id 
_atom_site.label_entity_id 
_atom_site.label_seq_id 
_atom_site.pdbx_PDB_ins_code 
_atom_site.Cartn_x 
_atom_site.Cartn_y 
_atom_site.Cartn_z 
_atom_site.occupancy 
_atom_site.B_iso_or_equiv 
_atom_site.pdbx_formal_charge 
_atom_site.auth_seq_id 
_atom_site.auth_comp_id 
_atom_site.auth_asym_id 
_atom_site.auth_atom_id 
_atom_site.pdbx_PDB_model_num 
ATOM   1   O  "O5'" . A   A 1 1  ? -2.430  -21.151 -8.601  1.00 30.44 ? 1   A   A "O5'" 1 
ATOM   2   C  "C5'" . A   A 1 1  ? -3.772  -21.606 -8.482  1.00 33.81 ? 1   A   A "C5'" 1 
ATOM   3   C  "C4'" . A   A 1 1  ? -3.971  -22.435 -7.236  1.00 47.36 ? 1   A   A "C4'" 1 
ATOM   4   O  "O4'" . A   A 1 1  ? -3.173  -23.646 -7.310  1.00 49.80 ? 1   A   A "O4'" 1 
ATOM   5   C  "C3'" . A   A 1 1  ? -3.523  -21.791 -5.937  1.00 42.39 ? 1   A   A "C3'" 1 
ATOM   6   O  "O3'" . A   A 1 1  ? -4.457  -20.864 -5.427  1.00 40.53 ? 1   A   A "O3'" 1 
ATOM   7   C  "C2'" . A   A 1 1  ? -3.283  -22.996 -5.041  1.00 43.52 ? 1   A   A "C2'" 1 
ATOM   8   O  "O2'" . A   A 1 1  ? -4.509  -23.557 -4.593  1.00 42.49 ? 1   A   A "O2'" 1 
ATOM   9   C  "C1'" . A   A 1 1  ? -2.655  -23.960 -6.037  1.00 41.91 ? 1   A   A "C1'" 1 
ATOM   10  N  N9    . A   A 1 1  ? -1.200  -23.772 -6.097  1.00 39.47 ? 1   A   A N9    1 
ATOM   11  C  C8    . A   A 1 1  ? -0.487  -23.221 -7.128  1.00 36.09 ? 1   A   A C8    1 
ATOM   12  N  N7    . A   A 1 1  ? 0.793   -23.174 -6.890  1.00 36.96 ? 1   A   A N7    1 
ATOM   13  C  C5    . A   A 1 1  ? 0.925   -23.725 -5.622  1.00 39.46 ? 1   A   A C5    1 
ATOM   14  C  C6    . A   A 1 1  ? 2.044   -23.957 -4.801  1.00 40.58 ? 1   A   A C6    1 
ATOM   15  N  N6    . A   A 1 1  ? 3.295   -23.652 -5.153  1.00 44.42 ? 1   A   A N6    1 
ATOM   16  N  N1    . A   A 1 1  ? 1.829   -24.517 -3.592  1.00 39.85 ? 1   A   A N1    1 
ATOM   17  C  C2    . A   A 1 1  ? 0.572   -24.829 -3.239  1.00 47.41 ? 1   A   A C2    1 
ATOM   18  N  N3    . A   A 1 1  ? -0.559  -24.656 -3.920  1.00 39.69 ? 1   A   A N3    1 
ATOM   19  C  C4    . A   A 1 1  ? -0.303  -24.092 -5.117  1.00 39.84 ? 1   A   A C4    1 
ATOM   20  P  P     . G   A 1 2  ? -3.933  -19.558 -4.656  1.00 49.66 ? 2   G   A P     1 
ATOM   21  O  OP1   . G   A 1 2  ? -5.112  -18.683 -4.473  1.00 49.56 ? 2   G   A OP1   1 
ATOM   22  O  OP2   . G   A 1 2  ? -2.707  -19.034 -5.323  1.00 60.68 ? 2   G   A OP2   1 
ATOM   23  O  "O5'" . G   A 1 2  ? -3.504  -20.114 -3.232  1.00 47.49 ? 2   G   A "O5'" 1 
ATOM   24  C  "C5'" . G   A 1 2  ? -4.438  -20.819 -2.431  1.00 46.31 ? 2   G   A "C5'" 1 
ATOM   25  C  "C4'" . G   A 1 2  ? -3.755  -21.515 -1.283  1.00 54.71 ? 2   G   A "C4'" 1 
ATOM   26  O  "O4'" . G   A 1 2  ? -2.760  -22.454 -1.782  1.00 45.94 ? 2   G   A "O4'" 1 
ATOM   27  C  "C3'" . G   A 1 2  ? -2.966  -20.634 -0.331  1.00 49.41 ? 2   G   A "C3'" 1 
ATOM   28  O  "O3'" . G   A 1 2  ? -3.775  -19.919 0.585   1.00 65.65 ? 2   G   A "O3'" 1 
ATOM   29  C  "C2'" . G   A 1 2  ? -2.024  -21.638 0.323   1.00 51.54 ? 2   G   A "C2'" 1 
ATOM   30  O  "O2'" . G   A 1 2  ? -2.693  -22.402 1.320   1.00 41.12 ? 2   G   A "O2'" 1 
ATOM   31  C  "C1'" . G   A 1 2  ? -1.693  -22.549 -0.859  1.00 46.11 ? 2   G   A "C1'" 1 
ATOM   32  N  N9    . G   A 1 2  ? -0.444  -22.118 -1.517  1.00 45.01 ? 2   G   A N9    1 
ATOM   33  C  C8    . G   A 1 2  ? -0.319  -21.411 -2.686  1.00 41.69 ? 2   G   A C8    1 
ATOM   34  N  N7    . G   A 1 2  ? 0.916   -21.167 -3.008  1.00 37.66 ? 2   G   A N7    1 
ATOM   35  C  C5    . G   A 1 2  ? 1.659   -21.737 -1.983  1.00 48.35 ? 2   G   A C5    1 
ATOM   36  C  C6    . G   A 1 2  ? 3.066   -21.787 -1.779  1.00 42.79 ? 2   G   A C6    1 
ATOM   37  O  O6    . G   A 1 2  ? 3.964   -21.330 -2.488  1.00 37.59 ? 2   G   A O6    1 
ATOM   38  N  N1    . G   A 1 2  ? 3.395   -22.463 -0.608  1.00 54.15 ? 2   G   A N1    1 
ATOM   39  C  C2    . G   A 1 2  ? 2.489   -23.023 0.260   1.00 53.39 ? 2   G   A C2    1 
ATOM   40  N  N2    . G   A 1 2  ? 3.011   -23.634 1.335   1.00 55.31 ? 2   G   A N2    1 
ATOM   41  N  N3    . G   A 1 2  ? 1.175   -22.980 0.088   1.00 40.84 ? 2   G   A N3    1 
ATOM   42  C  C4    . G   A 1 2  ? 0.832   -22.325 -1.048  1.00 47.92 ? 2   G   A C4    1 
ATOM   43  P  P     . A   A 1 3  ? -3.223  -18.582 1.296   1.00 64.63 ? 3   A   A P     1 
ATOM   44  O  OP1   . A   A 1 3  ? -4.293  -18.117 2.216   1.00 64.81 ? 3   A   A OP1   1 
ATOM   45  O  OP2   . A   A 1 3  ? -2.725  -17.653 0.253   1.00 58.15 ? 3   A   A OP2   1 
ATOM   46  O  "O5'" . A   A 1 3  ? -2.019  -19.095 2.208   1.00 47.43 ? 3   A   A "O5'" 1 
ATOM   47  C  "C5'" . A   A 1 3  ? -2.288  -19.915 3.338   1.00 50.65 ? 3   A   A "C5'" 1 
ATOM   48  C  "C4'" . A   A 1 3  ? -1.070  -20.137 4.204   1.00 56.87 ? 3   A   A "C4'" 1 
ATOM   49  O  "O4'" . A   A 1 3  ? -0.139  -21.049 3.557   1.00 54.46 ? 3   A   A "O4'" 1 
ATOM   50  C  "C3'" . A   A 1 3  ? -0.217  -18.919 4.511   1.00 59.85 ? 3   A   A "C3'" 1 
ATOM   51  O  "O3'" . A   A 1 3  ? -0.771  -18.072 5.499   1.00 54.41 ? 3   A   A "O3'" 1 
ATOM   52  C  "C2'" . A   A 1 3  ? 1.103   -19.556 4.919   1.00 60.11 ? 3   A   A "C2'" 1 
ATOM   53  O  "O2'" . A   A 1 3  ? 1.009   -20.104 6.226   1.00 43.67 ? 3   A   A "O2'" 1 
ATOM   54  C  "C1'" . A   A 1 3  ? 1.188   -20.707 3.917   1.00 53.07 ? 3   A   A "C1'" 1 
ATOM   55  N  N9    . A   A 1 3  ? 1.924   -20.307 2.702   1.00 55.97 ? 3   A   A N9    1 
ATOM   56  C  C8    . A   A 1 3  ? 1.404   -19.914 1.495   1.00 47.13 ? 3   A   A C8    1 
ATOM   57  N  N7    . A   A 1 3  ? 2.317   -19.619 0.603   1.00 38.65 ? 3   A   A N7    1 
ATOM   58  C  C5    . A   A 1 3  ? 3.518   -19.819 1.259   1.00 36.69 ? 3   A   A C5    1 
ATOM   59  C  C6    . A   A 1 3  ? 4.864   -19.673 0.859   1.00 51.77 ? 3   A   A C6    1 
ATOM   60  N  N6    . A   A 1 3  ? 5.261   -19.275 -0.358  1.00 40.05 ? 3   A   A N6    1 
ATOM   61  N  N1    . A   A 1 3  ? 5.815   -19.951 1.777   1.00 54.26 ? 3   A   A N1    1 
ATOM   62  C  C2    . A   A 1 3  ? 5.451   -20.352 2.999   1.00 53.58 ? 3   A   A C2    1 
ATOM   63  N  N3    . A   A 1 3  ? 4.223   -20.531 3.482   1.00 56.13 ? 3   A   A N3    1 
ATOM   64  C  C4    . A   A 1 3  ? 3.290   -20.239 2.557   1.00 49.97 ? 3   A   A C4    1 
ATOM   65  P  P     . G   A 1 4  ? -0.477  -16.493 5.459   1.00 67.53 ? 4   G   A P     1 
ATOM   66  O  OP1   . G   A 1 4  ? -1.171  -15.920 6.640   1.00 67.04 ? 4   G   A OP1   1 
ATOM   67  O  OP2   . G   A 1 4  ? -0.769  -15.950 4.101   1.00 55.34 ? 4   G   A OP2   1 
ATOM   68  O  "O5'" . G   A 1 4  ? 1.095   -16.390 5.715   1.00 66.21 ? 4   G   A "O5'" 1 
ATOM   69  C  "C5'" . G   A 1 4  ? 1.637   -16.768 6.968   1.00 44.31 ? 4   G   A "C5'" 1 
ATOM   70  C  "C4'" . G   A 1 4  ? 3.144   -16.737 6.988   1.00 47.57 ? 4   G   A "C4'" 1 
ATOM   71  O  "O4'" . G   A 1 4  ? 3.701   -17.686 6.041   1.00 54.85 ? 4   G   A "O4'" 1 
ATOM   72  C  "C3'" . G   A 1 4  ? 3.816   -15.428 6.615   1.00 48.65 ? 4   G   A "C3'" 1 
ATOM   73  O  "O3'" . G   A 1 4  ? 3.745   -14.456 7.646   1.00 45.36 ? 4   G   A "O3'" 1 
ATOM   74  C  "C2'" . G   A 1 4  ? 5.231   -15.893 6.303   1.00 48.35 ? 4   G   A "C2'" 1 
ATOM   75  O  "O2'" . G   A 1 4  ? 5.929   -16.204 7.501   1.00 53.38 ? 4   G   A "O2'" 1 
ATOM   76  C  "C1'" . G   A 1 4  ? 4.947   -17.207 5.574   1.00 51.11 ? 4   G   A "C1'" 1 
ATOM   77  N  N9    . G   A 1 4  ? 4.860   -16.972 4.125   1.00 54.77 ? 4   G   A N9    1 
ATOM   78  C  C8    . G   A 1 4  ? 3.734   -16.896 3.344   1.00 51.39 ? 4   G   A C8    1 
ATOM   79  N  N7    . G   A 1 4  ? 4.009   -16.637 2.094   1.00 55.90 ? 4   G   A N7    1 
ATOM   80  C  C5    . G   A 1 4  ? 5.395   -16.520 2.057   1.00 55.54 ? 4   G   A C5    1 
ATOM   81  C  C6    . G   A 1 4  ? 6.274   -16.241 0.975   1.00 46.26 ? 4   G   A C6    1 
ATOM   82  O  O6    . G   A 1 4  ? 5.997   -16.031 -0.211  1.00 40.14 ? 4   G   A O6    1 
ATOM   83  N  N1    . G   A 1 4  ? 7.603   -16.221 1.380   1.00 38.44 ? 4   G   A N1    1 
ATOM   84  C  C2    . G   A 1 4  ? 8.037   -16.429 2.667   1.00 52.96 ? 4   G   A C2    1 
ATOM   85  N  N2    . G   A 1 4  ? 9.369   -16.356 2.852   1.00 34.74 ? 4   G   A N2    1 
ATOM   86  N  N3    . G   A 1 4  ? 7.222   -16.683 3.688   1.00 44.06 ? 4   G   A N3    1 
ATOM   87  C  C4    . G   A 1 4  ? 5.930   -16.715 3.309   1.00 43.53 ? 4   G   A C4    1 
ATOM   88  P  P     . A   A 1 5  ? 3.689   -12.889 7.290   1.00 64.08 ? 5   A   A P     1 
ATOM   89  O  OP1   . A   A 1 5  ? 3.427   -12.177 8.566   1.00 73.13 ? 5   A   A OP1   1 
ATOM   90  O  OP2   . A   A 1 5  ? 2.785   -12.658 6.132   1.00 59.28 ? 5   A   A OP2   1 
ATOM   91  O  "O5'" . A   A 1 5  ? 5.174   -12.553 6.812   1.00 69.70 ? 5   A   A "O5'" 1 
ATOM   92  C  "C5'" . A   A 1 5  ? 6.287   -12.775 7.670   1.00 52.91 ? 5   A   A "C5'" 1 
ATOM   93  C  "C4'" . A   A 1 5  ? 7.599   -12.677 6.923   1.00 47.45 ? 5   A   A "C4'" 1 
ATOM   94  O  "O4'" . A   A 1 5  ? 7.660   -13.693 5.889   1.00 55.43 ? 5   A   A "O4'" 1 
ATOM   95  C  "C3'" . A   A 1 5  ? 7.850   -11.384 6.169   1.00 42.53 ? 5   A   A "C3'" 1 
ATOM   96  O  "O3'" . A   A 1 5  ? 8.276   -10.327 7.008   1.00 50.35 ? 5   A   A "O3'" 1 
ATOM   97  C  "C2'" . A   A 1 5  ? 8.884   -11.807 5.138   1.00 38.09 ? 5   A   A "C2'" 1 
ATOM   98  O  "O2'" . A   A 1 5  ? 10.167  -11.941 5.727   1.00 44.70 ? 5   A   A "O2'" 1 
ATOM   99  C  "C1'" . A   A 1 5  ? 8.383   -13.203 4.780   1.00 52.78 ? 5   A   A "C1'" 1 
ATOM   100 N  N9    . A   A 1 5  ? 7.494   -13.149 3.609   1.00 46.01 ? 5   A   A N9    1 
ATOM   101 C  C8    . A   A 1 5  ? 6.124   -13.209 3.545   1.00 42.19 ? 5   A   A C8    1 
ATOM   102 N  N7    . A   A 1 5  ? 5.661   -13.105 2.319   1.00 35.87 ? 5   A   A N7    1 
ATOM   103 C  C5    . A   A 1 5  ? 6.795   -12.953 1.535   1.00 40.72 ? 5   A   A C5    1 
ATOM   104 C  C6    . A   A 1 5  ? 6.987   -12.795 0.153   1.00 47.38 ? 5   A   A C6    1 
ATOM   105 N  N6    . A   A 1 5  ? 5.989   -12.753 -0.741  1.00 39.19 ? 5   A   A N6    1 
ATOM   106 N  N1    . A   A 1 5  ? 8.262   -12.678 -0.291  1.00 43.01 ? 5   A   A N1    1 
ATOM   107 C  C2    . A   A 1 5  ? 9.263   -12.715 0.599   1.00 33.54 ? 5   A   A C2    1 
ATOM   108 N  N3    . A   A 1 5  ? 9.211   -12.859 1.923   1.00 36.97 ? 5   A   A N3    1 
ATOM   109 C  C4    . A   A 1 5  ? 7.932   -12.976 2.326   1.00 45.28 ? 5   A   A C4    1 
ATOM   110 P  P     . A   A 1 6  ? 7.889   -8.812  6.652   1.00 47.67 ? 6   A   A P     1 
ATOM   111 O  OP1   . A   A 1 6  ? 8.084   -8.056  7.917   1.00 58.49 ? 6   A   A OP1   1 
ATOM   112 O  OP2   . A   A 1 6  ? 6.576   -8.776  5.956   1.00 57.23 ? 6   A   A OP2   1 
ATOM   113 O  "O5'" . A   A 1 6  ? 8.968   -8.368  5.563   1.00 41.39 ? 6   A   A "O5'" 1 
ATOM   114 C  "C5'" . A   A 1 6  ? 10.360  -8.453  5.840   1.00 44.00 ? 6   A   A "C5'" 1 
ATOM   115 C  "C4'" . A   A 1 6  ? 11.198  -8.237  4.602   1.00 42.62 ? 6   A   A "C4'" 1 
ATOM   116 O  "O4'" . A   A 1 6  ? 11.032  -9.347  3.679   1.00 44.66 ? 6   A   A "O4'" 1 
ATOM   117 C  "C3'" . A   A 1 6  ? 10.851  -7.020  3.770   1.00 47.14 ? 6   A   A "C3'" 1 
ATOM   118 O  "O3'" A A   A 1 6  ? 11.401  -5.823  4.286   0.50 44.53 ? 6   A   A "O3'" 1 
ATOM   119 O  "O3'" B A   A 1 6  ? 11.401  -5.823  4.286   0.50 44.53 ? 6   A   A "O3'" 1 
ATOM   120 C  "C2'" . A   A 1 6  ? 11.388  -7.391  2.400   1.00 42.81 ? 6   A   A "C2'" 1 
ATOM   121 O  "O2'" . A   A 1 6  ? 12.798  -7.257  2.374   1.00 37.50 ? 6   A   A "O2'" 1 
ATOM   122 C  "C1'" . A   A 1 6  ? 11.051  -8.874  2.351   1.00 36.48 ? 6   A   A "C1'" 1 
ATOM   123 N  N9    . A   A 1 6  ? 9.722   -9.103  1.757   1.00 41.18 ? 6   A   A N9    1 
ATOM   124 C  C8    . A   A 1 6  ? 8.534   -9.353  2.395   1.00 37.14 ? 6   A   A C8    1 
ATOM   125 N  N7    . A   A 1 6  ? 7.521   -9.520  1.581   1.00 32.55 ? 6   A   A N7    1 
ATOM   126 C  C5    . A   A 1 6  ? 8.076   -9.366  0.321   1.00 35.97 ? 6   A   A C5    1 
ATOM   127 C  C6    . A   A 1 6  ? 7.525   -9.417  -0.977  1.00 39.33 ? 6   A   A C6    1 
ATOM   128 N  N6    . A   A 1 6  ? 6.235   -9.645  -1.233  1.00 44.90 ? 6   A   A N6    1 
ATOM   129 N  N1    . A   A 1 6  ? 8.361   -9.218  -2.018  1.00 33.87 ? 6   A   A N1    1 
ATOM   130 C  C2    . A   A 1 6  ? 9.654   -8.980  -1.765  1.00 26.50 ? 6   A   A C2    1 
ATOM   131 N  N3    . A   A 1 6  ? 10.289  -8.899  -0.589  1.00 29.49 ? 6   A   A N3    1 
ATOM   132 C  C4    . A   A 1 6  ? 9.431   -9.108  0.418   1.00 28.88 ? 6   A   A C4    1 
ATOM   133 P  P     . C   A 1 7  ? 10.593  -4.452  4.114   1.00 37.80 ? 7   C   A P     1 
ATOM   134 O  OP1   . C   A 1 7  ? 11.285  -3.384  4.886   1.00 38.50 ? 7   C   A OP1   1 
ATOM   135 O  OP2   . C   A 1 7  ? 9.155   -4.784  4.365   1.00 43.92 ? 7   C   A OP2   1 
ATOM   136 O  "O5'" . C   A 1 7  ? 10.746  -4.115  2.562   1.00 36.08 ? 7   C   A "O5'" 1 
ATOM   137 C  "C5'" . C   A 1 7  ? 12.004  -3.745  2.030   1.00 45.98 ? 7   C   A "C5'" 1 
ATOM   138 C  "C4'" . C   A 1 7  ? 12.045  -3.869  0.530   1.00 48.46 ? 7   C   A "C4'" 1 
ATOM   139 O  "O4'" . C   A 1 7  ? 11.522  -5.156  0.109   1.00 40.84 ? 7   C   A "O4'" 1 
ATOM   140 C  "C3'" . C   A 1 7  ? 11.215  -2.874  -0.262  1.00 43.75 ? 7   C   A "C3'" 1 
ATOM   141 O  "O3'" . C   A 1 7  ? 11.836  -1.610  -0.370  1.00 35.36 ? 7   C   A "O3'" 1 
ATOM   142 C  "C2'" . C   A 1 7  ? 11.079  -3.575  -1.600  1.00 41.88 ? 7   C   A "C2'" 1 
ATOM   143 O  "O2'" . C   A 1 7  ? 12.291  -3.461  -2.331  1.00 41.11 ? 7   C   A "O2'" 1 
ATOM   144 C  "C1'" . C   A 1 7  ? 10.916  -5.026  -1.161  1.00 42.84 ? 7   C   A "C1'" 1 
ATOM   145 N  N1    . C   A 1 7  ? 9.487   -5.400  -1.080  1.00 45.69 ? 7   C   A N1    1 
ATOM   146 C  C2    . C   A 1 7  ? 8.877   -5.680  -2.305  1.00 38.70 ? 7   C   A C2    1 
ATOM   147 O  O2    . C   A 1 7  ? 9.573   -5.607  -3.329  1.00 38.93 ? 7   C   A O2    1 
ATOM   148 N  N3    . C   A 1 7  ? 7.576   -6.027  -2.350  1.00 25.16 ? 7   C   A N3    1 
ATOM   149 C  C4    . C   A 1 7  ? 6.871   -6.098  -1.220  1.00 44.01 ? 7   C   A C4    1 
ATOM   150 N  N4    . C   A 1 7  ? 5.572   -6.446  -1.324  1.00 27.50 ? 7   C   A N4    1 
ATOM   151 C  C5    . C   A 1 7  ? 7.470   -5.813  0.052   1.00 30.82 ? 7   C   A C5    1 
ATOM   152 C  C6    . C   A 1 7  ? 8.772   -5.468  0.083   1.00 28.78 ? 7   C   A C6    1 
ATOM   153 P  P     . C   A 1 8  ? 10.949  -0.291  -0.566  1.00 33.09 ? 8   C   A P     1 
ATOM   154 O  OP1   . C   A 1 8  ? 11.898  0.848   -0.645  1.00 34.77 ? 8   C   A OP1   1 
ATOM   155 O  OP2   . C   A 1 8  ? 9.808   -0.283  0.379   1.00 37.93 ? 8   C   A OP2   1 
ATOM   156 O  "O5'" . C   A 1 8  ? 10.276  -0.476  -1.995  1.00 29.62 ? 8   C   A "O5'" 1 
ATOM   157 C  "C5'" . C   A 1 8  ? 11.075  -0.577  -3.157  1.00 24.72 ? 8   C   A "C5'" 1 
ATOM   158 C  "C4'" . C   A 1 8  ? 10.217  -0.880  -4.345  1.00 23.18 ? 8   C   A "C4'" 1 
ATOM   159 O  "O4'" . C   A 1 8  ? 9.598   -2.169  -4.160  1.00 27.04 ? 8   C   A "O4'" 1 
ATOM   160 C  "C3'" . C   A 1 8  ? 9.040   0.062   -4.546  1.00 33.38 ? 8   C   A "C3'" 1 
ATOM   161 O  "O3'" . C   A 1 8  ? 9.413   1.286   -5.147  1.00 32.31 ? 8   C   A "O3'" 1 
ATOM   162 C  "C2'" . C   A 1 8  ? 8.090   -0.780  -5.372  1.00 23.45 ? 8   C   A "C2'" 1 
ATOM   163 O  "O2'" . C   A 1 8  ? 8.532   -0.830  -6.714  1.00 31.33 ? 8   C   A "O2'" 1 
ATOM   164 C  "C1'" . C   A 1 8  ? 8.315   -2.172  -4.755  1.00 33.00 ? 8   C   A "C1'" 1 
ATOM   165 N  N1    . C   A 1 8  ? 7.320   -2.469  -3.708  1.00 33.11 ? 8   C   A N1    1 
ATOM   166 C  C2    . C   A 1 8  ? 6.058   -2.892  -4.103  1.00 37.34 ? 8   C   A C2    1 
ATOM   167 O  O2    . C   A 1 8  ? 5.844   -3.027  -5.320  1.00 30.81 ? 8   C   A O2    1 
ATOM   168 N  N3    . C   A 1 8  ? 5.127   -3.144  -3.146  1.00 37.35 ? 8   C   A N3    1 
ATOM   169 C  C4    . C   A 1 8  ? 5.434   -2.973  -1.845  1.00 41.90 ? 8   C   A C4    1 
ATOM   170 N  N4    . C   A 1 8  ? 4.503   -3.228  -0.917  1.00 32.63 ? 8   C   A N4    1 
ATOM   171 C  C5    . C   A 1 8  ? 6.721   -2.538  -1.422  1.00 26.20 ? 8   C   A C5    1 
ATOM   172 C  C6    . C   A 1 8  ? 7.620   -2.296  -2.382  1.00 37.75 ? 8   C   A C6    1 
ATOM   173 P  P     . C   A 1 9  ? 8.572   2.627   -4.869  1.00 34.03 ? 9   C   A P     1 
ATOM   174 O  OP1   . C   A 1 9  ? 9.375   3.744   -5.427  1.00 38.28 ? 9   C   A OP1   1 
ATOM   175 O  OP2   . C   A 1 9  ? 8.105   2.695   -3.461  1.00 39.24 ? 9   C   A OP2   1 
ATOM   176 O  "O5'" . C   A 1 9  ? 7.307   2.470   -5.822  1.00 33.57 ? 9   C   A "O5'" 1 
ATOM   177 C  "C5'" . C   A 1 9  ? 7.490   2.396   -7.225  1.00 28.06 ? 9   C   A "C5'" 1 
ATOM   178 C  "C4'" . C   A 1 9  ? 6.196   2.122   -7.946  1.00 26.02 ? 9   C   A "C4'" 1 
ATOM   179 O  "O4'" . C   A 1 9  ? 5.756   0.773   -7.670  1.00 25.72 ? 9   C   A "O4'" 1 
ATOM   180 C  "C3'" . C   A 1 9  ? 4.992   2.976   -7.563  1.00 34.22 ? 9   C   A "C3'" 1 
ATOM   181 O  "O3'" . C   A 1 9  ? 5.030   4.266   -8.144  1.00 36.24 ? 9   C   A "O3'" 1 
ATOM   182 C  "C2'" . C   A 1 9  ? 3.832   2.114   -8.045  1.00 34.55 ? 9   C   A "C2'" 1 
ATOM   183 O  "O2'" . C   A 1 9  ? 3.713   2.170   -9.468  1.00 29.10 ? 9   C   A "O2'" 1 
ATOM   184 C  "C1'" . C   A 1 9  ? 4.340   0.721   -7.684  1.00 28.59 ? 9   C   A "C1'" 1 
ATOM   185 N  N1    . C   A 1 9  ? 3.864   0.303   -6.357  1.00 34.83 ? 9   C   A N1    1 
ATOM   186 C  C2    . C   A 1 9  ? 2.631   -0.332  -6.323  1.00 33.68 ? 9   C   A C2    1 
ATOM   187 O  O2    . C   A 1 9  ? 2.037   -0.511  -7.405  1.00 34.96 ? 9   C   A O2    1 
ATOM   188 N  N3    . C   A 1 9  ? 2.140   -0.724  -5.118  1.00 32.41 ? 9   C   A N3    1 
ATOM   189 C  C4    . C   A 1 9  ? 2.846   -0.508  -3.995  1.00 34.86 ? 9   C   A C4    1 
ATOM   190 N  N4    . C   A 1 9  ? 2.335   -0.940  -2.839  1.00 27.90 ? 9   C   A N4    1 
ATOM   191 C  C5    . C   A 1 9  ? 4.113   0.150   -4.009  1.00 29.35 ? 9   C   A C5    1 
ATOM   192 C  C6    . C   A 1 9  ? 4.582   0.540   -5.205  1.00 41.33 ? 9   C   A C6    1 
ATOM   193 P  P     A G   A 1 10 ? 4.228   5.490   -7.497  0.30 35.51 ? 10  G   A P     1 
ATOM   194 P  P     B G   A 1 10 ? 4.231   5.482   -7.468  0.70 34.04 ? 10  G   A P     1 
ATOM   195 O  OP1   A G   A 1 10 ? 4.935   6.735   -7.883  0.30 37.21 ? 10  G   A OP1   1 
ATOM   196 O  OP1   B G   A 1 10 ? 4.509   6.672   -8.304  0.70 38.68 ? 10  G   A OP1   1 
ATOM   197 O  OP2   A G   A 1 10 ? 3.958   5.196   -6.067  0.30 39.16 ? 10  G   A OP2   1 
ATOM   198 O  OP2   B G   A 1 10 ? 4.538   5.492   -6.016  0.70 44.92 ? 10  G   A OP2   1 
ATOM   199 O  "O5'" A G   A 1 10 ? 2.836   5.460   -8.261  0.30 34.68 ? 10  G   A "O5'" 1 
ATOM   200 O  "O5'" B G   A 1 10 ? 2.683   5.130   -7.635  0.70 32.42 ? 10  G   A "O5'" 1 
ATOM   201 C  "C5'" A G   A 1 10 ? 1.669   5.020   -7.596  0.30 31.18 ? 10  G   A "C5'" 1 
ATOM   202 C  "C5'" B G   A 1 10 ? 2.089   5.049   -8.923  0.70 27.94 ? 10  G   A "C5'" 1 
ATOM   203 C  "C4'" A G   A 1 10 ? 0.672   4.430   -8.555  0.30 36.24 ? 10  G   A "C4'" 1 
ATOM   204 C  "C4'" B G   A 1 10 ? 0.754   4.348   -8.891  0.70 34.82 ? 10  G   A "C4'" 1 
ATOM   205 O  "O4'" A G   A 1 10 ? 0.672   2.980   -8.452  0.30 38.80 ? 10  G   A "O4'" 1 
ATOM   206 O  "O4'" B G   A 1 10 ? 0.898   3.025   -8.309  0.70 40.93 ? 10  G   A "O4'" 1 
ATOM   207 C  "C3'" A G   A 1 10 ? -0.766  4.827   -8.287  0.30 40.72 ? 10  G   A "C3'" 1 
ATOM   208 C  "C3'" B G   A 1 10 ? -0.342  5.006   -8.061  0.70 40.91 ? 10  G   A "C3'" 1 
ATOM   209 O  "O3'" A G   A 1 10 ? -1.075  6.089   -8.847  0.30 43.57 ? 10  G   A "O3'" 1 
ATOM   210 O  "O3'" B G   A 1 10 ? -1.001  6.059   -8.755  0.70 45.86 ? 10  G   A "O3'" 1 
ATOM   211 C  "C2'" A G   A 1 10 ? -1.558  3.666   -8.873  0.30 38.42 ? 10  G   A "C2'" 1 
ATOM   212 C  "C2'" B G   A 1 10 ? -1.261  3.834   -7.740  0.70 39.12 ? 10  G   A "C2'" 1 
ATOM   213 O  "O2'" A G   A 1 10 ? -1.644  3.770   -10.286 0.30 39.08 ? 10  G   A "O2'" 1 
ATOM   214 O  "O2'" B G   A 1 10 ? -2.082  3.524   -8.853  0.70 33.35 ? 10  G   A "O2'" 1 
ATOM   215 C  "C1'" A G   A 1 10 ? -0.648  2.489   -8.531  0.30 37.46 ? 10  G   A "C1'" 1 
ATOM   216 C  "C1'" B G   A 1 10 ? -0.254  2.701   -7.557  0.70 40.18 ? 10  G   A "C1'" 1 
ATOM   217 N  N9    A G   A 1 10 ? -1.002  1.869   -7.236  0.30 37.49 ? 10  G   A N9    1 
ATOM   218 N  N9    B G   A 1 10 ? 0.127   2.548   -6.139  0.70 37.73 ? 10  G   A N9    1 
ATOM   219 C  C8    A G   A 1 10 ? -2.132  1.134   -6.977  0.30 30.44 ? 10  G   A C8    1 
ATOM   220 C  C8    B G   A 1 10 ? 1.268   2.992   -5.513  0.70 38.92 ? 10  G   A C8    1 
ATOM   221 N  N7    A G   A 1 10 ? -2.196  0.712   -5.747  0.30 34.09 ? 10  G   A N7    1 
ATOM   222 N  N7    B G   A 1 10 ? 1.294   2.700   -4.239  0.70 43.69 ? 10  G   A N7    1 
ATOM   223 C  C5    A G   A 1 10 ? -1.043  1.197   -5.144  0.30 37.93 ? 10  G   A C5    1 
ATOM   224 C  C5    B G   A 1 10 ? 0.097   2.031   -4.010  0.70 41.35 ? 10  G   A C5    1 
ATOM   225 C  C6    A G   A 1 10 ? -0.567  1.060   -3.810  0.30 42.10 ? 10  G   A C6    1 
ATOM   226 C  C6    B G   A 1 10 ? -0.443  1.478   -2.817  0.70 41.39 ? 10  G   A C6    1 
ATOM   227 O  O6    A G   A 1 10 ? -1.087  0.459   -2.861  0.30 43.72 ? 10  G   A O6    1 
ATOM   228 O  O6    B G   A 1 10 ? 0.044   1.454   -1.678  0.70 43.93 ? 10  G   A O6    1 
ATOM   229 N  N1    A G   A 1 10 ? 0.647   1.712   -3.618  0.30 41.01 ? 10  G   A N1    1 
ATOM   230 N  N1    B G   A 1 10 ? -1.686  0.895   -3.049  0.70 47.65 ? 10  G   A N1    1 
ATOM   231 C  C2    A G   A 1 10 ? 1.318   2.411   -4.588  0.30 40.72 ? 10  G   A C2    1 
ATOM   232 C  C2    B G   A 1 10 ? -2.332  0.850   -4.265  0.70 44.90 ? 10  G   A C2    1 
ATOM   233 N  N2    A G   A 1 10 ? 2.479   2.984   -4.232  0.30 36.33 ? 10  G   A N2    1 
ATOM   234 N  N2    B G   A 1 10 ? -3.530  0.239   -4.285  0.70 37.69 ? 10  G   A N2    1 
ATOM   235 N  N3    A G   A 1 10 ? 0.881   2.540   -5.826  0.30 41.02 ? 10  G   A N3    1 
ATOM   236 N  N3    B G   A 1 10 ? -1.836  1.361   -5.384  0.70 36.30 ? 10  G   A N3    1 
ATOM   237 C  C4    A G   A 1 10 ? -0.299  1.922   -6.046  0.30 37.99 ? 10  G   A C4    1 
ATOM   238 C  C4    B G   A 1 10 ? -0.632  1.934   -5.178  0.70 37.00 ? 10  G   A C4    1 
ATOM   239 P  P     . G   A 1 11 ? -1.761  7.225   -7.951  1.00 38.00 ? 11  G   A P     1 
ATOM   240 O  OP1   . G   A 1 11 ? -1.825  8.454   -8.784  1.00 58.23 ? 11  G   A OP1   1 
ATOM   241 O  OP2   . G   A 1 11 ? -1.163  7.280   -6.591  1.00 50.13 ? 11  G   A OP2   1 
ATOM   242 O  "O5'" . G   A 1 11 ? -3.253  6.710   -7.815  1.00 40.16 ? 11  G   A "O5'" 1 
ATOM   243 C  "C5'" . G   A 1 11 ? -3.781  6.405   -6.544  1.00 43.91 ? 11  G   A "C5'" 1 
ATOM   244 C  "C4'" . G   A 1 11 ? -4.878  5.385   -6.643  1.00 54.55 ? 11  G   A "C4'" 1 
ATOM   245 O  "O4'" . G   A 1 11 ? -4.340  4.057   -6.392  1.00 52.77 ? 11  G   A "O4'" 1 
ATOM   246 C  "C3'" . G   A 1 11 ? -5.974  5.562   -5.608  1.00 55.72 ? 11  G   A "C3'" 1 
ATOM   247 O  "O3'" . G   A 1 11 ? -6.960  6.474   -6.053  1.00 54.88 ? 11  G   A "O3'" 1 
ATOM   248 C  "C2'" . G   A 1 11 ? -6.480  4.146   -5.407  1.00 50.96 ? 11  G   A "C2'" 1 
ATOM   249 O  "O2'" . G   A 1 11 ? -7.314  3.774   -6.493  1.00 54.40 ? 11  G   A "O2'" 1 
ATOM   250 C  "C1'" . G   A 1 11 ? -5.173  3.359   -5.498  1.00 43.51 ? 11  G   A "C1'" 1 
ATOM   251 N  N9    . G   A 1 11 ? -4.465  3.343   -4.198  1.00 42.61 ? 11  G   A N9    1 
ATOM   252 C  C8    . G   A 1 11 ? -3.236  3.911   -3.943  1.00 41.33 ? 11  G   A C8    1 
ATOM   253 N  N7    . G   A 1 11 ? -2.842  3.786   -2.703  1.00 41.26 ? 11  G   A N7    1 
ATOM   254 C  C5    . G   A 1 11 ? -3.874  3.082   -2.094  1.00 54.90 ? 11  G   A C5    1 
ATOM   255 C  C6    . G   A 1 11 ? -4.019  2.640   -0.743  1.00 56.57 ? 11  G   A C6    1 
ATOM   256 O  O6    . G   A 1 11 ? -3.236  2.778   0.211   1.00 38.95 ? 11  G   A O6    1 
ATOM   257 N  N1    . G   A 1 11 ? -5.233  1.978   -0.550  1.00 44.89 ? 11  G   A N1    1 
ATOM   258 C  C2    . G   A 1 11 ? -6.177  1.756   -1.521  1.00 37.38 ? 11  G   A C2    1 
ATOM   259 N  N2    . G   A 1 11 ? -7.277  1.093   -1.135  1.00 43.92 ? 11  G   A N2    1 
ATOM   260 N  N3    . G   A 1 11 ? -6.051  2.148   -2.783  1.00 39.69 ? 11  G   A N3    1 
ATOM   261 C  C4    . G   A 1 11 ? -4.886  2.807   -3.001  1.00 47.32 ? 11  G   A C4    1 
ATOM   262 P  P     . A   A 1 12 ? -7.544  7.593   -5.063  1.00 52.87 ? 12  A   A P     1 
ATOM   263 O  OP1   . A   A 1 12 ? -8.336  8.506   -5.926  1.00 60.40 ? 12  A   A OP1   1 
ATOM   264 O  OP2   . A   A 1 12 ? -6.485  8.116   -4.164  1.00 50.22 ? 12  A   A OP2   1 
ATOM   265 O  "O5'" . A   A 1 12 ? -8.548  6.776   -4.143  1.00 43.10 ? 12  A   A "O5'" 1 
ATOM   266 C  "C5'" . A   A 1 12 ? -9.576  5.990   -4.729  1.00 43.69 ? 12  A   A "C5'" 1 
ATOM   267 C  "C4'" . A   A 1 12 ? -10.344 5.243   -3.674  1.00 41.53 ? 12  A   A "C4'" 1 
ATOM   268 O  "O4'" . A   A 1 12 ? -9.495  4.217   -3.104  1.00 52.09 ? 12  A   A "O4'" 1 
ATOM   269 C  "C3'" . A   A 1 12 ? -10.769 6.065   -2.468  1.00 37.72 ? 12  A   A "C3'" 1 
ATOM   270 O  "O3'" . A   A 1 12 ? -11.924 6.850   -2.701  1.00 45.34 ? 12  A   A "O3'" 1 
ATOM   271 C  "C2'" . A   A 1 12 ? -10.943 5.002   -1.393  1.00 42.53 ? 12  A   A "C2'" 1 
ATOM   272 O  "O2'" . A   A 1 12 ? -12.174 4.308   -1.561  1.00 46.19 ? 12  A   A "O2'" 1 
ATOM   273 C  "C1'" . A   A 1 12 ? -9.807  4.040   -1.740  1.00 43.23 ? 12  A   A "C1'" 1 
ATOM   274 N  N9    . A   A 1 12 ? -8.595  4.284   -0.941  1.00 46.59 ? 12  A   A N9    1 
ATOM   275 C  C8    . A   A 1 12 ? -7.408  4.869   -1.305  1.00 50.26 ? 12  A   A C8    1 
ATOM   276 N  N7    . A   A 1 12 ? -6.526  4.911   -0.330  1.00 48.48 ? 12  A   A N7    1 
ATOM   277 C  C5    . A   A 1 12 ? -7.184  4.313   0.740   1.00 48.42 ? 12  A   A C5    1 
ATOM   278 C  C6    . A   A 1 12 ? -6.817  4.033   2.070   1.00 43.05 ? 12  A   A C6    1 
ATOM   279 N  N6    . A   A 1 12 ? -5.641  4.319   2.613   1.00 28.38 ? 12  A   A N6    1 
ATOM   280 N  N1    . A   A 1 12 ? -7.727  3.431   2.855   1.00 45.91 ? 12  A   A N1    1 
ATOM   281 C  C2    . A   A 1 12 ? -8.920  3.121   2.356   1.00 38.10 ? 12  A   A C2    1 
ATOM   282 N  N3    . A   A 1 12 ? -9.381  3.316   1.130   1.00 41.99 ? 12  A   A N3    1 
ATOM   283 C  C4    . A   A 1 12 ? -8.456  3.927   0.372   1.00 46.25 ? 12  A   A C4    1 
ATOM   284 P  P     . G   A 1 13 ? -12.063 8.295   -2.012  1.00 44.11 ? 13  G   A P     1 
ATOM   285 O  OP1   . G   A 1 13 ? -13.211 8.991   -2.642  1.00 57.94 ? 13  G   A OP1   1 
ATOM   286 O  OP2   . G   A 1 13 ? -10.730 8.946   -2.019  1.00 44.64 ? 13  G   A OP2   1 
ATOM   287 O  "O5'" . G   A 1 13 ? -12.420 7.951   -0.499  1.00 38.29 ? 13  G   A "O5'" 1 
ATOM   288 C  "C5'" . G   A 1 13 ? -13.480 7.065   -0.197  1.00 32.68 ? 13  G   A "C5'" 1 
ATOM   289 C  "C4'" . G   A 1 13 ? -13.503 6.735   1.269   1.00 34.99 ? 13  G   A "C4'" 1 
ATOM   290 O  "O4'" . G   A 1 13 ? -12.435 5.810   1.576   1.00 40.20 ? 13  G   A "O4'" 1 
ATOM   291 C  "C3'" . G   A 1 13 ? -13.263 7.903   2.215   1.00 40.31 ? 13  G   A "C3'" 1 
ATOM   292 O  "O3'" . G   A 1 13 ? -14.432 8.676   2.430   1.00 33.32 ? 13  G   A "O3'" 1 
ATOM   293 C  "C2'" . G   A 1 13 ? -12.751 7.208   3.471   1.00 37.48 ? 13  G   A "C2'" 1 
ATOM   294 O  "O2'" . G   A 1 13 ? -13.822 6.645   4.209   1.00 44.63 ? 13  G   A "O2'" 1 
ATOM   295 C  "C1'" . G   A 1 13 ? -11.930 6.068   2.871   1.00 35.44 ? 13  G   A "C1'" 1 
ATOM   296 N  N9    . G   A 1 13 ? -10.515 6.444   2.743   1.00 38.10 ? 13  G   A N9    1 
ATOM   297 C  C8    . G   A 1 13 ? -9.900  6.926   1.615   1.00 36.33 ? 13  G   A C8    1 
ATOM   298 N  N7    . G   A 1 13 ? -8.645  7.201   1.811   1.00 39.38 ? 13  G   A N7    1 
ATOM   299 C  C5    . G   A 1 13 ? -8.423  6.882   3.137   1.00 34.11 ? 13  G   A C5    1 
ATOM   300 C  C6    . G   A 1 13 ? -7.241  6.963   3.902   1.00 34.87 ? 13  G   A C6    1 
ATOM   301 O  O6    . G   A 1 13 ? -6.133  7.345   3.525   1.00 45.41 ? 13  G   A O6    1 
ATOM   302 N  N1    . G   A 1 13 ? -7.444  6.553   5.219   1.00 46.19 ? 13  G   A N1    1 
ATOM   303 C  C2    . G   A 1 13 ? -8.649  6.105   5.715   1.00 41.10 ? 13  G   A C2    1 
ATOM   304 N  N2    . G   A 1 13 ? -8.670  5.741   7.004   1.00 43.10 ? 13  G   A N2    1 
ATOM   305 N  N3    . G   A 1 13 ? -9.761  6.011   5.000   1.00 32.17 ? 13  G   A N3    1 
ATOM   306 C  C4    . G   A 1 13 ? -9.573  6.422   3.733   1.00 26.61 ? 13  G   A C4    1 
ATOM   307 P  P     . U   A 1 14 ? -14.337 10.265  2.645   1.00 41.69 ? 14  U   A P     1 
ATOM   308 O  OP1   . U   A 1 14 ? -15.726 10.786  2.705   1.00 58.05 ? 14  U   A OP1   1 
ATOM   309 O  OP2   . U   A 1 14 ? -13.332 10.849  1.713   1.00 35.11 ? 14  U   A OP2   1 
ATOM   310 O  "O5'" . U   A 1 14 ? -13.749 10.420  4.112   1.00 44.21 ? 14  U   A "O5'" 1 
ATOM   311 C  "C5'" . U   A 1 14 ? -14.461 9.947   5.242   1.00 27.11 ? 14  U   A "C5'" 1 
ATOM   312 C  "C4'" . U   A 1 14 ? -13.576 9.944   6.456   1.00 30.07 ? 14  U   A "C4'" 1 
ATOM   313 O  "O4'" . U   A 1 14 ? -12.462 9.047   6.239   1.00 37.89 ? 14  U   A "O4'" 1 
ATOM   314 C  "C3'" . U   A 1 14 ? -12.906 11.264  6.793   1.00 31.66 ? 14  U   A "C3'" 1 
ATOM   315 O  "O3'" . U   A 1 14 ? -13.775 12.164  7.457   1.00 29.18 ? 14  U   A "O3'" 1 
ATOM   316 C  "C2'" . U   A 1 14 ? -11.710 10.820  7.626   1.00 26.18 ? 14  U   A "C2'" 1 
ATOM   317 O  "O2'" . U   A 1 14 ? -12.097 10.478  8.947   1.00 38.57 ? 14  U   A "O2'" 1 
ATOM   318 C  "C1'" . U   A 1 14 ? -11.319 9.528   6.915   1.00 31.11 ? 14  U   A "C1'" 1 
ATOM   319 N  N1    . U   A 1 14 ? -10.230 9.737   5.937   1.00 45.31 ? 14  U   A N1    1 
ATOM   320 C  C2    . U   A 1 14 ? -8.954  9.854   6.446   1.00 27.56 ? 14  U   A C2    1 
ATOM   321 O  O2    . U   A 1 14 ? -8.672  9.801   7.643   1.00 34.29 ? 14  U   A O2    1 
ATOM   322 N  N3    . U   A 1 14 ? -7.995  10.042  5.499   1.00 33.68 ? 14  U   A N3    1 
ATOM   323 C  C4    . U   A 1 14 ? -8.146  10.125  4.148   1.00 32.61 ? 14  U   A C4    1 
ATOM   324 O  O4    . U   A 1 14 ? -7.134  10.294  3.469   1.00 36.68 ? 14  U   A O4    1 
ATOM   325 C  C5    . U   A 1 14 ? -9.496  10.004  3.695   1.00 44.60 ? 14  U   A C5    1 
ATOM   326 C  C6    . U   A 1 14 ? -10.476 9.815   4.586   1.00 51.02 ? 14  U   A C6    1 
ATOM   327 P  P     . U   A 1 15 ? -13.561 13.747  7.334   1.00 33.64 ? 15  U   A P     1 
ATOM   328 O  OP1   . U   A 1 15 ? -14.727 14.418  7.955   1.00 46.91 ? 15  U   A OP1   1 
ATOM   329 O  OP2   . U   A 1 15 ? -13.151 14.077  5.949   1.00 42.63 ? 15  U   A OP2   1 
ATOM   330 O  "O5'" . U   A 1 15 ? -12.273 14.028  8.214   1.00 34.43 ? 15  U   A "O5'" 1 
ATOM   331 C  "C5'" . U   A 1 15 ? -12.328 14.015  9.625   1.00 38.85 ? 15  U   A "C5'" 1 
ATOM   332 C  "C4'" . U   A 1 15 ? -10.941 13.921  10.202  1.00 28.72 ? 15  U   A "C4'" 1 
ATOM   333 O  "O4'" . U   A 1 15 ? -10.207 12.904  9.495   1.00 28.56 ? 15  U   A "O4'" 1 
ATOM   334 C  "C3'" . U   A 1 15 ? -10.059 15.147  10.054  1.00 28.35 ? 15  U   A "C3'" 1 
ATOM   335 O  "O3'" . U   A 1 15 ? -10.338 16.144  11.007  1.00 43.55 ? 15  U   A "O3'" 1 
ATOM   336 C  "C2'" . U   A 1 15 ? -8.668  14.561  10.196  1.00 30.81 ? 15  U   A "C2'" 1 
ATOM   337 O  "O2'" . U   A 1 15 ? -8.379  14.276  11.557  1.00 44.21 ? 15  U   A "O2'" 1 
ATOM   338 C  "C1'" . U   A 1 15 ? -8.833  13.232  9.480   1.00 32.95 ? 15  U   A "C1'" 1 
ATOM   339 N  N1    . U   A 1 15 ? -8.364  13.276  8.084   1.00 34.86 ? 15  U   A N1    1 
ATOM   340 C  C2    . U   A 1 15 ? -6.997  13.219  7.877   1.00 40.97 ? 15  U   A C2    1 
ATOM   341 O  O2    . U   A 1 15 ? -6.197  13.167  8.806   1.00 32.30 ? 15  U   A O2    1 
ATOM   342 N  N3    . U   A 1 15 ? -6.614  13.236  6.549   1.00 31.21 ? 15  U   A N3    1 
ATOM   343 C  C4    . U   A 1 15 ? -7.460  13.299  5.455   1.00 33.41 ? 15  U   A C4    1 
ATOM   344 O  O4    . U   A 1 15 ? -6.998  13.294  4.318   1.00 30.93 ? 15  U   A O4    1 
ATOM   345 C  C5    . U   A 1 15 ? -8.854  13.354  5.773   1.00 36.30 ? 15  U   A C5    1 
ATOM   346 C  C6    . U   A 1 15 ? -9.257  13.333  7.050   1.00 30.64 ? 15  U   A C6    1 
ATOM   347 P  P     . C   A 1 16 ? -10.100 17.677  10.627  1.00 45.15 ? 16  C   A P     1 
ATOM   348 O  OP1   . C   A 1 16 ? -10.699 18.473  11.725  1.00 36.75 ? 16  C   A OP1   1 
ATOM   349 O  OP2   . C   A 1 16 ? -10.491 17.859  9.200   1.00 44.42 ? 16  C   A OP2   1 
ATOM   350 O  "O5'" . C   A 1 16 ? -8.524  17.846  10.722  1.00 40.93 ? 16  C   A "O5'" 1 
ATOM   351 C  "C5'" . C   A 1 16 ? -7.841  17.497  11.917  1.00 36.38 ? 16  C   A "C5'" 1 
ATOM   352 C  "C4'" . C   A 1 16 ? -6.352  17.459  11.706  1.00 36.53 ? 16  C   A "C4'" 1 
ATOM   353 O  "O4'" . C   A 1 16 ? -5.982  16.352  10.848  1.00 37.27 ? 16  C   A "O4'" 1 
ATOM   354 C  "C3'" . C   A 1 16 ? -5.755  18.668  11.013  1.00 33.77 ? 16  C   A "C3'" 1 
ATOM   355 O  "O3'" . C   A 1 16 ? -5.578  19.752  11.897  1.00 36.07 ? 16  C   A "O3'" 1 
ATOM   356 C  "C2'" . C   A 1 16 ? -4.445  18.123  10.477  1.00 28.37 ? 16  C   A "C2'" 1 
ATOM   357 O  "O2'" . C   A 1 16 ? -3.492  18.031  11.519  1.00 35.26 ? 16  C   A "O2'" 1 
ATOM   358 C  "C1'" . C   A 1 16 ? -4.848  16.707  10.079  1.00 35.86 ? 16  C   A "C1'" 1 
ATOM   359 N  N1    . C   A 1 16 ? -5.188  16.635  8.643   1.00 34.11 ? 16  C   A N1    1 
ATOM   360 C  C2    . C   A 1 16 ? -4.124  16.534  7.761   1.00 36.50 ? 16  C   A C2    1 
ATOM   361 O  O2    . C   A 1 16 ? -2.965  16.503  8.224   1.00 29.29 ? 16  C   A O2    1 
ATOM   362 N  N3    . C   A 1 16 ? -4.386  16.467  6.435   1.00 34.96 ? 16  C   A N3    1 
ATOM   363 C  C4    . C   A 1 16 ? -5.641  16.508  5.991   1.00 38.57 ? 16  C   A C4    1 
ATOM   364 N  N4    . C   A 1 16 ? -5.828  16.442  4.667   1.00 30.08 ? 16  C   A N4    1 
ATOM   365 C  C5    . C   A 1 16 ? -6.755  16.621  6.877   1.00 29.22 ? 16  C   A C5    1 
ATOM   366 C  C6    . C   A 1 16 ? -6.480  16.680  8.185   1.00 25.76 ? 16  C   A C6    1 
ATOM   367 P  P     . C   A 1 17 ? -5.614  21.255  11.345  1.00 43.06 ? 17  C   A P     1 
ATOM   368 O  OP1   . C   A 1 17 ? -5.446  22.100  12.563  1.00 56.16 ? 17  C   A OP1   1 
ATOM   369 O  OP2   . C   A 1 17 ? -6.745  21.449  10.400  1.00 32.43 ? 17  C   A OP2   1 
ATOM   370 O  "O5'" . C   A 1 17 ? -4.332  21.365  10.432  1.00 37.36 ? 17  C   A "O5'" 1 
ATOM   371 C  "C5'" . C   A 1 17 ? -3.032  21.371  10.986  1.00 28.40 ? 17  C   A "C5'" 1 
ATOM   372 C  "C4'" . C   A 1 17 ? -2.016  21.254  9.883   1.00 42.38 ? 17  C   A "C4'" 1 
ATOM   373 O  "O4'" . C   A 1 17 ? -2.286  20.065  9.097   1.00 39.99 ? 17  C   A "O4'" 1 
ATOM   374 C  "C3'" . C   A 1 17 ? -2.047  22.363  8.855   1.00 42.09 ? 17  C   A "C3'" 1 
ATOM   375 O  "O3'" . C   A 1 17 ? -1.419  23.549  9.293   1.00 36.85 ? 17  C   A "O3'" 1 
ATOM   376 C  "C2'" . C   A 1 17 ? -1.372  21.715  7.661   1.00 39.50 ? 17  C   A "C2'" 1 
ATOM   377 O  "O2'" . C   A 1 17 ? 0.025   21.657  7.870   1.00 39.90 ? 17  C   A "O2'" 1 
ATOM   378 C  "C1'" . C   A 1 17 ? -1.918  20.292  7.753   1.00 34.13 ? 17  C   A "C1'" 1 
ATOM   379 N  N1    . C   A 1 17 ? -3.105  20.103  6.900   1.00 37.87 ? 17  C   A N1    1 
ATOM   380 C  C2    . C   A 1 17 ? -2.887  19.893  5.541   1.00 42.67 ? 17  C   A C2    1 
ATOM   381 O  O2    . C   A 1 17 ? -1.717  19.885  5.132   1.00 29.39 ? 17  C   A O2    1 
ATOM   382 N  N3    . C   A 1 17 ? -3.947  19.717  4.721   1.00 29.77 ? 17  C   A N3    1 
ATOM   383 C  C4    . C   A 1 17 ? -5.182  19.737  5.229   1.00 43.50 ? 17  C   A C4    1 
ATOM   384 N  N4    . C   A 1 17 ? -6.210  19.551  4.391   1.00 27.80 ? 17  C   A N4    1 
ATOM   385 C  C5    . C   A 1 17 ? -5.428  19.951  6.621   1.00 36.78 ? 17  C   A C5    1 
ATOM   386 C  C6    . C   A 1 17 ? -4.367  20.127  7.413   1.00 30.89 ? 17  C   A C6    1 
ATOM   387 P  P     . C   A 1 18 ? -2.121  24.962  8.987   1.00 38.81 ? 18  C   A P     1 
ATOM   388 O  OP1   . C   A 1 18 ? -1.766  25.882  10.107  1.00 49.54 ? 18  C   A OP1   1 
ATOM   389 O  OP2   . C   A 1 18 ? -3.530  24.718  8.586   1.00 39.47 ? 18  C   A OP2   1 
ATOM   390 O  "O5'" . C   A 1 18 ? -1.362  25.489  7.700   1.00 37.00 ? 18  C   A "O5'" 1 
ATOM   391 C  "C5'" . C   A 1 18 ? 0.018   25.754  7.754   1.00 30.85 ? 18  C   A "C5'" 1 
ATOM   392 C  "C4'" . C   A 1 18 ? 0.610   25.716  6.381   1.00 50.44 ? 18  C   A "C4'" 1 
ATOM   393 O  "O4'" . C   A 1 18 ? 0.403   24.396  5.810   1.00 34.87 ? 18  C   A "O4'" 1 
ATOM   394 C  "C3'" . C   A 1 18 ? 0.003   26.662  5.349   1.00 49.12 ? 18  C   A "C3'" 1 
ATOM   395 O  "O3'" . C   A 1 18 ? 0.479   27.996  5.455   1.00 50.25 ? 18  C   A "O3'" 1 
ATOM   396 C  "C2'" . C   A 1 18 ? 0.387   25.982  4.039   1.00 39.09 ? 18  C   A "C2'" 1 
ATOM   397 O  "O2'" . C   A 1 18 ? 1.757   26.205  3.748   1.00 35.82 ? 18  C   A "O2'" 1 
ATOM   398 C  "C1'" . C   A 1 18 ? 0.216   24.506  4.412   1.00 37.71 ? 18  C   A "C1'" 1 
ATOM   399 N  N1    . C   A 1 18 ? -1.140  24.018  4.076   1.00 31.09 ? 18  C   A N1    1 
ATOM   400 C  C2    . C   A 1 18 ? -1.393  23.656  2.752   1.00 48.18 ? 18  C   A C2    1 
ATOM   401 O  O2    . C   A 1 18 ? -0.474  23.743  1.921   1.00 43.50 ? 18  C   A O2    1 
ATOM   402 N  N3    . C   A 1 18 ? -2.623  23.220  2.403   1.00 29.04 ? 18  C   A N3    1 
ATOM   403 C  C4    . C   A 1 18 ? -3.585  23.141  3.315   1.00 34.77 ? 18  C   A C4    1 
ATOM   404 N  N4    . C   A 1 18 ? -4.781  22.694  2.905   1.00 29.51 ? 18  C   A N4    1 
ATOM   405 C  C5    . C   A 1 18 ? -3.357  23.516  4.673   1.00 44.43 ? 18  C   A C5    1 
ATOM   406 C  C6    . C   A 1 18 ? -2.131  23.949  5.009   1.00 29.07 ? 18  C   A C6    1 
ATOM   407 P  P     . U   A 1 19 ? -0.491  29.269  5.214   1.00 41.45 ? 19  U   A P     1 
ATOM   408 O  OP1   . U   A 1 19 ? 0.317   30.457  5.569   1.00 49.38 ? 19  U   A OP1   1 
ATOM   409 O  OP2   . U   A 1 19 ? -1.823  29.047  5.838   1.00 47.63 ? 19  U   A OP2   1 
ATOM   410 O  "O5'" . U   A 1 19 ? -0.734  29.307  3.643   1.00 35.47 ? 19  U   A "O5'" 1 
ATOM   411 C  "C5'" . U   A 1 19 ? 0.352   29.384  2.743   1.00 44.48 ? 19  U   A "C5'" 1 
ATOM   412 C  "C4'" . U   A 1 19 ? -0.032  28.915  1.363   1.00 48.93 ? 19  U   A "C4'" 1 
ATOM   413 O  "O4'" . U   A 1 19 ? -0.560  27.570  1.415   1.00 37.07 ? 19  U   A "O4'" 1 
ATOM   414 C  "C3'" . U   A 1 19 ? -1.121  29.697  0.650   1.00 46.98 ? 19  U   A "C3'" 1 
ATOM   415 O  "O3'" . U   A 1 19 ? -0.646  30.919  0.108   1.00 40.68 ? 19  U   A "O3'" 1 
ATOM   416 C  "C2'" . U   A 1 19 ? -1.589  28.707  -0.411  1.00 38.61 ? 19  U   A "C2'" 1 
ATOM   417 O  "O2'" . U   A 1 19 ? -0.711  28.733  -1.529  1.00 33.80 ? 19  U   A "O2'" 1 
ATOM   418 C  "C1'" . U   A 1 19 ? -1.416  27.360  0.314   1.00 36.82 ? 19  U   A "C1'" 1 
ATOM   419 N  N1    . U   A 1 19 ? -2.697  26.787  0.784   1.00 30.96 ? 19  U   A N1    1 
ATOM   420 C  C2    . U   A 1 19 ? -3.435  26.108  -0.166  1.00 30.75 ? 19  U   A C2    1 
ATOM   421 O  O2    . U   A 1 19 ? -3.039  25.997  -1.313  1.00 32.77 ? 19  U   A O2    1 
ATOM   422 N  N3    . U   A 1 19 ? -4.646  25.601  0.266   1.00 30.08 ? 19  U   A N3    1 
ATOM   423 C  C4    . U   A 1 19 ? -5.156  25.706  1.552   1.00 36.75 ? 19  U   A C4    1 
ATOM   424 O  O4    . U   A 1 19 ? -6.237  25.189  1.818   1.00 43.23 ? 19  U   A O4    1 
ATOM   425 C  C5    . U   A 1 19 ? -4.332  26.428  2.484   1.00 29.92 ? 19  U   A C5    1 
ATOM   426 C  C6    . U   A 1 19 ? -3.150  26.929  2.078   1.00 30.57 ? 19  U   A C6    1 
ATOM   427 O  "O5'" . A   B 1 1  ? -10.883 20.541  -6.001  1.00 54.02 ? 1   A   B "O5'" 1 
ATOM   428 C  "C5'" . A   B 1 1  ? -10.628 20.791  -7.376  1.00 47.78 ? 1   A   B "C5'" 1 
ATOM   429 C  "C4'" . A   B 1 1  ? -9.378  21.614  -7.576  1.00 55.85 ? 1   A   B "C4'" 1 
ATOM   430 O  "O4'" . A   B 1 1  ? -9.517  22.914  -6.932  1.00 44.70 ? 1   A   B "O4'" 1 
ATOM   431 C  "C3'" . A   B 1 1  ? -8.107  21.051  -6.969  1.00 61.15 ? 1   A   B "C3'" 1 
ATOM   432 O  "O3'" . A   B 1 1  ? -7.528  20.019  -7.738  1.00 60.07 ? 1   A   B "O3'" 1 
ATOM   433 C  "C2'" . A   B 1 1  ? -7.240  22.290  -6.844  1.00 58.50 ? 1   A   B "C2'" 1 
ATOM   434 O  "O2'" . A   B 1 1  ? -6.766  22.683  -8.124  1.00 57.82 ? 1   A   B "O2'" 1 
ATOM   435 C  "C1'" . A   B 1 1  ? -8.280  23.307  -6.377  1.00 53.48 ? 1   A   B "C1'" 1 
ATOM   436 N  N9    . A   B 1 1  ? -8.420  23.269  -4.910  1.00 49.53 ? 1   A   B N9    1 
ATOM   437 C  C8    . A   B 1 1  ? -9.453  22.699  -4.205  1.00 47.64 ? 1   A   B C8    1 
ATOM   438 N  N7    . A   B 1 1  ? -9.311  22.781  -2.905  1.00 46.86 ? 1   A   B N7    1 
ATOM   439 C  C5    . A   B 1 1  ? -8.096  23.438  -2.739  1.00 40.45 ? 1   A   B C5    1 
ATOM   440 C  C6    . A   B 1 1  ? -7.384  23.833  -1.589  1.00 40.14 ? 1   A   B C6    1 
ATOM   441 N  N6    . A   B 1 1  ? -7.824  23.613  -0.344  1.00 32.43 ? 1   A   B N6    1 
ATOM   442 N  N1    . A   B 1 1  ? -6.204  24.478  -1.762  1.00 47.37 ? 1   A   B N1    1 
ATOM   443 C  C2    . A   B 1 1  ? -5.779  24.704  -3.013  1.00 39.98 ? 1   A   B C2    1 
ATOM   444 N  N3    . A   B 1 1  ? -6.363  24.379  -4.170  1.00 48.64 ? 1   A   B N3    1 
ATOM   445 C  C4    . A   B 1 1  ? -7.532  23.744  -3.967  1.00 44.52 ? 1   A   B C4    1 
ATOM   446 P  P     . G   B 1 2  ? -6.716  18.847  -7.003  1.00 51.04 ? 2   G   B P     1 
ATOM   447 O  OP1   . G   B 1 2  ? -6.520  17.771  -8.001  1.00 48.54 ? 2   G   B OP1   1 
ATOM   448 O  OP2   . G   B 1 2  ? -7.362  18.542  -5.696  1.00 50.04 ? 2   G   B OP2   1 
ATOM   449 O  "O5'" . G   B 1 2  ? -5.313  19.522  -6.702  1.00 52.35 ? 2   G   B "O5'" 1 
ATOM   450 C  "C5'" . G   B 1 2  ? -4.545  20.065  -7.759  1.00 54.52 ? 2   G   B "C5'" 1 
ATOM   451 C  "C4'" . G   B 1 2  ? -3.309  20.716  -7.222  1.00 55.46 ? 2   G   B "C4'" 1 
ATOM   452 O  "O4'" . G   B 1 2  ? -3.679  21.915  -6.493  1.00 53.20 ? 2   G   B "O4'" 1 
ATOM   453 C  "C3'" . G   B 1 2  ? -2.527  19.892  -6.206  1.00 48.80 ? 2   G   B "C3'" 1 
ATOM   454 O  "O3'" . G   B 1 2  ? -1.687  18.920  -6.806  1.00 47.99 ? 2   G   B "O3'" 1 
ATOM   455 C  "C2'" . G   B 1 2  ? -1.785  20.965  -5.435  1.00 55.36 ? 2   G   B "C2'" 1 
ATOM   456 O  "O2'" . G   B 1 2  ? -0.691  21.448  -6.201  1.00 52.82 ? 2   G   B "O2'" 1 
ATOM   457 C  "C1'" . G   B 1 2  ? -2.859  22.059  -5.358  1.00 49.75 ? 2   G   B "C1'" 1 
ATOM   458 N  N9    . G   B 1 2  ? -3.701  21.866  -4.163  1.00 40.35 ? 2   G   B N9    1 
ATOM   459 C  C8    . G   B 1 2  ? -4.932  21.258  -4.072  1.00 36.89 ? 2   G   B C8    1 
ATOM   460 N  N7    . G   B 1 2  ? -5.386  21.192  -2.847  1.00 36.87 ? 2   G   B N7    1 
ATOM   461 C  C5    . G   B 1 2  ? -4.390  21.792  -2.080  1.00 40.64 ? 2   G   B C5    1 
ATOM   462 C  C6    . G   B 1 2  ? -4.292  22.034  -0.681  1.00 37.56 ? 2   G   B C6    1 
ATOM   463 O  O6    . G   B 1 2  ? -5.090  21.764  0.230   1.00 33.48 ? 2   G   B O6    1 
ATOM   464 N  N1    . G   B 1 2  ? -3.089  22.653  -0.358  1.00 27.99 ? 2   G   B N1    1 
ATOM   465 C  C2    . G   B 1 2  ? -2.114  23.006  -1.252  1.00 34.55 ? 2   G   B C2    1 
ATOM   466 N  N2    . G   B 1 2  ? -1.016  23.600  -0.751  1.00 40.68 ? 2   G   B N2    1 
ATOM   467 N  N3    . G   B 1 2  ? -2.206  22.793  -2.548  1.00 30.06 ? 2   G   B N3    1 
ATOM   468 C  C4    . G   B 1 2  ? -3.351  22.192  -2.885  1.00 30.04 ? 2   G   B C4    1 
ATOM   469 P  P     . A   B 1 3  ? -1.364  17.531  -6.052  1.00 53.11 ? 3   A   B P     1 
ATOM   470 O  OP1   . A   B 1 3  ? -0.590  16.732  -7.038  1.00 61.74 ? 3   A   B OP1   1 
ATOM   471 O  OP2   . A   B 1 3  ? -2.562  16.938  -5.410  1.00 54.91 ? 3   A   B OP2   1 
ATOM   472 O  "O5'" . A   B 1 3  ? -0.365  17.960  -4.893  1.00 43.06 ? 3   A   B "O5'" 1 
ATOM   473 C  "C5'" . A   B 1 3  ? 0.876   18.542  -5.247  1.00 37.29 ? 3   A   B "C5'" 1 
ATOM   474 C  "C4'" . A   B 1 3  ? 1.604   19.067  -4.053  1.00 43.40 ? 3   A   B "C4'" 1 
ATOM   475 O  "O4'" . A   B 1 3  ? 0.849   20.153  -3.454  1.00 59.50 ? 3   A   B "O4'" 1 
ATOM   476 C  "C3'" . A   B 1 3  ? 1.795   18.101  -2.903  1.00 43.31 ? 3   A   B "C3'" 1 
ATOM   477 O  "O3'" . A   B 1 3  ? 2.809   17.136  -3.123  1.00 34.69 ? 3   A   B "O3'" 1 
ATOM   478 C  "C2'" . A   B 1 3  ? 2.082   19.054  -1.758  1.00 37.85 ? 3   A   B "C2'" 1 
ATOM   479 O  "O2'" . A   B 1 3  ? 3.378   19.600  -1.896  1.00 33.14 ? 3   A   B "O2'" 1 
ATOM   480 C  "C1'" . A   B 1 3  ? 1.079   20.167  -2.061  1.00 52.12 ? 3   A   B "C1'" 1 
ATOM   481 N  N9    . A   B 1 3  ? -0.192  19.911  -1.368  1.00 44.94 ? 3   A   B N9    1 
ATOM   482 C  C8    . A   B 1 3  ? -1.374  19.431  -1.873  1.00 38.77 ? 3   A   B C8    1 
ATOM   483 N  N7    . A   B 1 3  ? -2.301  19.286  -0.960  1.00 39.75 ? 3   A   B N7    1 
ATOM   484 C  C5    . A   B 1 3  ? -1.685  19.685  0.210   1.00 37.58 ? 3   A   B C5    1 
ATOM   485 C  C6    . A   B 1 3  ? -2.131  19.780  1.532   1.00 22.60 ? 3   A   B C6    1 
ATOM   486 N  N6    . A   B 1 3  ? -3.367  19.452  1.909   1.00 35.82 ? 3   A   B N6    1 
ATOM   487 N  N1    . A   B 1 3  ? -1.252  20.216  2.460   1.00 26.63 ? 3   A   B N1    1 
ATOM   488 C  C2    . A   B 1 3  ? -0.012  20.555  2.092   1.00 30.76 ? 3   A   B C2    1 
ATOM   489 N  N3    . A   B 1 3  ? 0.520   20.516  0.872   1.00 40.61 ? 3   A   B N3    1 
ATOM   490 C  C4    . A   B 1 3  ? -0.379  20.067  -0.024  1.00 41.83 ? 3   A   B C4    1 
ATOM   491 P  P     . G   B 1 4  ? 2.640   15.658  -2.505  1.00 47.35 ? 4   G   B P     1 
ATOM   492 O  OP1   . G   B 1 4  ? 3.772   14.834  -2.990  1.00 56.44 ? 4   G   B OP1   1 
ATOM   493 O  OP2   . G   B 1 4  ? 1.239   15.194  -2.646  1.00 44.96 ? 4   G   B OP2   1 
ATOM   494 O  "O5'" . G   B 1 4  ? 2.872   15.876  -0.951  1.00 48.74 ? 4   G   B "O5'" 1 
ATOM   495 C  "C5'" . G   B 1 4  ? 4.129   16.330  -0.483  1.00 39.78 ? 4   G   B "C5'" 1 
ATOM   496 C  "C4'" . G   B 1 4  ? 4.089   16.602  0.992   1.00 38.75 ? 4   G   B "C4'" 1 
ATOM   497 O  "O4'" . G   B 1 4  ? 3.138   17.657  1.282   1.00 36.05 ? 4   G   B "O4'" 1 
ATOM   498 C  "C3'" . G   B 1 4  ? 3.617   15.452  1.856   1.00 25.42 ? 4   G   B "C3'" 1 
ATOM   499 O  "O3'" . G   B 1 4  ? 4.631   14.499  2.076   1.00 38.25 ? 4   G   B "O3'" 1 
ATOM   500 C  "C2'" . G   B 1 4  ? 3.188   16.172  3.114   1.00 40.22 ? 4   G   B "C2'" 1 
ATOM   501 O  "O2'" . G   B 1 4  ? 4.334   16.600  3.832   1.00 27.51 ? 4   G   B "O2'" 1 
ATOM   502 C  "C1'" . G   B 1 4  ? 2.514   17.401  2.519   1.00 31.23 ? 4   G   B "C1'" 1 
ATOM   503 N  N9    . G   B 1 4  ? 1.087   17.140  2.272   1.00 31.50 ? 4   G   B N9    1 
ATOM   504 C  C8    . G   B 1 4  ? 0.460   16.994  1.060   1.00 32.34 ? 4   G   B C8    1 
ATOM   505 N  N7    . G   B 1 4  ? -0.824  16.759  1.180   1.00 33.30 ? 4   G   B N7    1 
ATOM   506 C  C5    . G   B 1 4  ? -1.045  16.740  2.554   1.00 27.71 ? 4   G   B C5    1 
ATOM   507 C  C6    . G   B 1 4  ? -2.230  16.526  3.299   1.00 27.43 ? 4   G   B C6    1 
ATOM   508 O  O6    . G   B 1 4  ? -3.375  16.310  2.896   1.00 33.90 ? 4   G   B O6    1 
ATOM   509 N  N1    . G   B 1 4  ? -2.006  16.590  4.665   1.00 25.89 ? 4   G   B N1    1 
ATOM   510 C  C2    . G   B 1 4  ? -0.794  16.834  5.255   1.00 37.90 ? 4   G   B C2    1 
ATOM   511 N  N2    . G   B 1 4  ? -0.793  16.859  6.598   1.00 31.73 ? 4   G   B N2    1 
ATOM   512 N  N3    . G   B 1 4  ? 0.324   17.032  4.575   1.00 36.52 ? 4   G   B N3    1 
ATOM   513 C  C4    . G   B 1 4  ? 0.126   16.971  3.238   1.00 26.81 ? 4   G   B C4    1 
ATOM   514 P  P     . A   B 1 5  ? 4.261   12.949  2.224   1.00 41.62 ? 5   A   B P     1 
ATOM   515 O  OP1   . A   B 1 5  ? 5.549   12.216  2.309   1.00 49.86 ? 5   A   B OP1   1 
ATOM   516 O  OP2   . A   B 1 5  ? 3.228   12.566  1.226   1.00 39.72 ? 5   A   B OP2   1 
ATOM   517 O  "O5'" . A   B 1 5  ? 3.582   12.876  3.653   1.00 36.79 ? 5   A   B "O5'" 1 
ATOM   518 C  "C5'" . A   B 1 5  ? 4.350   13.201  4.788   1.00 40.54 ? 5   A   B "C5'" 1 
ATOM   519 C  "C4'" . A   B 1 5  ? 3.497   13.268  6.012   1.00 26.78 ? 5   A   B "C4'" 1 
ATOM   520 O  "O4'" . A   B 1 5  ? 2.425   14.223  5.815   1.00 35.17 ? 5   A   B "O4'" 1 
ATOM   521 C  "C3'" . A   B 1 5  ? 2.778   11.992  6.397   1.00 31.05 ? 5   A   B "C3'" 1 
ATOM   522 O  "O3'" . A   B 1 5  ? 3.628   11.063  7.048   1.00 46.13 ? 5   A   B "O3'" 1 
ATOM   523 C  "C2'" . A   B 1 5  ? 1.676   12.527  7.288   1.00 25.68 ? 5   A   B "C2'" 1 
ATOM   524 O  "O2'" . A   B 1 5  ? 2.230   12.911  8.527   1.00 32.65 ? 5   A   B "O2'" 1 
ATOM   525 C  "C1'" . A   B 1 5  ? 1.292   13.810  6.547   1.00 40.31 ? 5   A   B "C1'" 1 
ATOM   526 N  N9    . A   B 1 5  ? 0.172   13.604  5.604   1.00 35.91 ? 5   A   B N9    1 
ATOM   527 C  C8    . A   B 1 5  ? 0.225   13.460  4.235   1.00 28.78 ? 5   A   B C8    1 
ATOM   528 N  N7    . A   B 1 5  ? -0.945  13.300  3.663   1.00 29.44 ? 5   A   B N7    1 
ATOM   529 C  C5    . A   B 1 5  ? -1.829  13.333  4.736   1.00 32.04 ? 5   A   B C5    1 
ATOM   530 C  C6    . A   B 1 5  ? -3.226  13.208  4.813   1.00 23.52 ? 5   A   B C6    1 
ATOM   531 N  N6    . A   B 1 5  ? -4.022  13.027  3.751   1.00 24.06 ? 5   A   B N6    1 
ATOM   532 N  N1    . A   B 1 5  ? -3.792  13.295  6.037   1.00 30.03 ? 5   A   B N1    1 
ATOM   533 C  C2    . A   B 1 5  ? -3.009  13.477  7.110   1.00 30.32 ? 5   A   B C2    1 
ATOM   534 N  N3    . A   B 1 5  ? -1.687  13.599  7.171   1.00 37.06 ? 5   A   B N3    1 
ATOM   535 C  C4    . A   B 1 5  ? -1.154  13.518  5.936   1.00 34.33 ? 5   A   B C4    1 
ATOM   536 P  P     . A   B 1 6  ? 3.319   9.480   7.025   1.00 45.42 ? 6   A   B P     1 
ATOM   537 O  OP1   . A   B 1 6  ? 4.531   8.775   7.507   1.00 61.72 ? 6   A   B OP1   1 
ATOM   538 O  OP2   . A   B 1 6  ? 2.744   9.067   5.728   1.00 39.43 ? 6   A   B OP2   1 
ATOM   539 O  "O5'" . A   B 1 6  ? 2.187   9.308   8.125   1.00 46.35 ? 6   A   B "O5'" 1 
ATOM   540 C  "C5'" . A   B 1 6  ? 2.397   9.769   9.449   1.00 38.43 ? 6   A   B "C5'" 1 
ATOM   541 C  "C4'" . A   B 1 6  ? 1.117   9.722   10.232  1.00 49.93 ? 6   A   B "C4'" 1 
ATOM   542 O  "O4'" . A   B 1 6  ? 0.205   10.737  9.736   1.00 48.96 ? 6   A   B "O4'" 1 
ATOM   543 C  "C3'" . A   B 1 6  ? 0.312   8.435   10.125  1.00 52.32 ? 6   A   B "C3'" 1 
ATOM   544 O  "O3'" . A   B 1 6  ? 0.802   7.388   10.946  1.00 53.17 ? 6   A   B "O3'" 1 
ATOM   545 C  "C2'" . A   B 1 6  ? -1.074  8.912   10.507  1.00 43.53 ? 6   A   B "C2'" 1 
ATOM   546 O  "O2'" . A   B 1 6  ? -1.102  9.197   11.892  1.00 45.85 ? 6   A   B "O2'" 1 
ATOM   547 C  "C1'" . A   B 1 6  ? -1.118  10.248  9.777   1.00 40.07 ? 6   A   B "C1'" 1 
ATOM   548 N  N9    . A   B 1 6  ? -1.583  10.098  8.387   1.00 48.26 ? 6   A   B N9    1 
ATOM   549 C  C8    . A   B 1 6  ? -0.808  9.946   7.254   1.00 36.05 ? 6   A   B C8    1 
ATOM   550 N  N7    . A   B 1 6  ? -1.505  9.844   6.151   1.00 33.14 ? 6   A   B N7    1 
ATOM   551 C  C5    . A   B 1 6  ? -2.831  9.937   6.588   1.00 42.86 ? 6   A   B C5    1 
ATOM   552 C  C6    . A   B 1 6  ? -4.069  9.899   5.915   1.00 31.62 ? 6   A   B C6    1 
ATOM   553 N  N6    . A   B 1 6  ? -4.191  9.759   4.600   1.00 41.73 ? 6   A   B N6    1 
ATOM   554 N  N1    . A   B 1 6  ? -5.203  10.014  6.638   1.00 36.56 ? 6   A   B N1    1 
ATOM   555 C  C2    . A   B 1 6  ? -5.101  10.155  7.970   1.00 33.98 ? 6   A   B C2    1 
ATOM   556 N  N3    . A   B 1 6  ? -3.994  10.198  8.716   1.00 44.96 ? 6   A   B N3    1 
ATOM   557 C  C4    . A   B 1 6  ? -2.888  10.087  7.962   1.00 34.77 ? 6   A   B C4    1 
ATOM   558 P  P     . C   B 1 7  ? 0.807   5.866   10.417  1.00 54.36 ? 7   C   B P     1 
ATOM   559 O  OP1   . C   B 1 7  ? 1.724   5.130   11.322  1.00 55.05 ? 7   C   B OP1   1 
ATOM   560 O  OP2   . C   B 1 7  ? 1.000   5.780   8.948   1.00 42.44 ? 7   C   B OP2   1 
ATOM   561 O  "O5'" . C   B 1 7  ? -0.681  5.373   10.685  1.00 51.92 ? 7   C   B "O5'" 1 
ATOM   562 C  "C5'" . C   B 1 7  ? -1.250  5.485   11.974  1.00 39.14 ? 7   C   B "C5'" 1 
ATOM   563 C  "C4'" . C   B 1 7  ? -2.751  5.430   11.918  1.00 47.66 ? 7   C   B "C4'" 1 
ATOM   564 O  "O4'" . C   B 1 7  ? -3.257  6.563   11.164  1.00 37.81 ? 7   C   B "O4'" 1 
ATOM   565 C  "C3'" . C   B 1 7  ? -3.368  4.228   11.215  1.00 42.92 ? 7   C   B "C3'" 1 
ATOM   566 O  "O3'" . C   B 1 7  ? -3.376  3.053   12.006  1.00 44.10 ? 7   C   B "O3'" 1 
ATOM   567 C  "C2'" . C   B 1 7  ? -4.755  4.748   10.885  1.00 48.11 ? 7   C   B "C2'" 1 
ATOM   568 O  "O2'" . C   B 1 7  ? -5.551  4.815   12.062  1.00 32.74 ? 7   C   B "O2'" 1 
ATOM   569 C  "C1'" . C   B 1 7  ? -4.430  6.182   10.474  1.00 42.74 ? 7   C   B "C1'" 1 
ATOM   570 N  N1    . C   B 1 7  ? -4.190  6.313   9.019   1.00 38.25 ? 7   C   B N1    1 
ATOM   571 C  C2    . C   B 1 7  ? -5.282  6.324   8.152   1.00 39.73 ? 7   C   B C2    1 
ATOM   572 O  O2    . C   B 1 7  ? -6.417  6.198   8.627   1.00 41.41 ? 7   C   B O2    1 
ATOM   573 N  N3    . C   B 1 7  ? -5.078  6.457   6.821   1.00 40.27 ? 7   C   B N3    1 
ATOM   574 C  C4    . C   B 1 7  ? -3.836  6.588   6.345   1.00 34.04 ? 7   C   B C4    1 
ATOM   575 N  N4    . C   B 1 7  ? -3.665  6.713   5.023   1.00 28.78 ? 7   C   B N4    1 
ATOM   576 C  C5    . C   B 1 7  ? -2.705  6.582   7.207   1.00 37.42 ? 7   C   B C5    1 
ATOM   577 C  C6    . C   B 1 7  ? -2.927  6.447   8.519   1.00 36.17 ? 7   C   B C6    1 
ATOM   578 P  P     . C   B 1 8  ? -2.844  1.661   11.398  1.00 46.93 ? 8   C   B P     1 
ATOM   579 O  OP1   . C   B 1 8  ? -2.715  0.706   12.529  1.00 52.52 ? 8   C   B OP1   1 
ATOM   580 O  OP2   . C   B 1 8  ? -1.656  1.931   10.557  1.00 45.66 ? 8   C   B OP2   1 
ATOM   581 O  "O5'" . C   B 1 8  ? -4.044  1.179   10.475  1.00 43.76 ? 8   C   B "O5'" 1 
ATOM   582 C  "C5'" . C   B 1 8  ? -5.350  1.064   11.019  1.00 31.92 ? 8   C   B "C5'" 1 
ATOM   583 C  "C4'" . C   B 1 8  ? -6.402  1.136   9.945   1.00 42.28 ? 8   C   B "C4'" 1 
ATOM   584 O  "O4'" . C   B 1 8  ? -6.388  2.449   9.325   1.00 40.28 ? 8   C   B "O4'" 1 
ATOM   585 C  "C3'" . C   B 1 8  ? -6.221  0.179   8.781   1.00 51.60 ? 8   C   B "C3'" 1 
ATOM   586 O  "O3'" . C   B 1 8  ? -6.680  -1.127  9.075   1.00 50.63 ? 8   C   B "O3'" 1 
ATOM   587 C  "C2'" . C   B 1 8  ? -7.005  0.866   7.676   1.00 37.08 ? 8   C   B "C2'" 1 
ATOM   588 O  "O2'" . C   B 1 8  ? -8.390  0.672   7.872   1.00 40.78 ? 8   C   B "O2'" 1 
ATOM   589 C  "C1'" . C   B 1 8  ? -6.680  2.331   7.951   1.00 34.38 ? 8   C   B "C1'" 1 
ATOM   590 N  N1    . C   B 1 8  ? -5.494  2.753   7.177   1.00 40.21 ? 8   C   B N1    1 
ATOM   591 C  C2    . C   B 1 8  ? -5.695  3.089   5.830   1.00 47.94 ? 8   C   B C2    1 
ATOM   592 O  O2    . C   B 1 8  ? -6.851  3.048   5.378   1.00 34.28 ? 8   C   B O2    1 
ATOM   593 N  N3    . C   B 1 8  ? -4.637  3.450   5.064   1.00 48.53 ? 8   C   B N3    1 
ATOM   594 C  C4    . C   B 1 8  ? -3.414  3.476   5.601   1.00 45.63 ? 8   C   B C4    1 
ATOM   595 N  N4    . C   B 1 8  ? -2.396  3.841   4.816   1.00 37.52 ? 8   C   B N4    1 
ATOM   596 C  C5    . C   B 1 8  ? -3.179  3.133   6.974   1.00 44.76 ? 8   C   B C5    1 
ATOM   597 C  C6    . C   B 1 8  ? -4.237  2.775   7.721   1.00 41.70 ? 8   C   B C6    1 
ATOM   598 P  P     . C   B 1 9  ? -6.101  -2.399  8.290   1.00 49.93 ? 9   C   B P     1 
ATOM   599 O  OP1   . C   B 1 9  ? -6.625  -3.576  9.034   1.00 59.79 ? 9   C   B OP1   1 
ATOM   600 O  OP2   . C   B 1 9  ? -4.642  -2.252  8.077   1.00 43.58 ? 9   C   B OP2   1 
ATOM   601 O  "O5'" . C   B 1 9  ? -6.835  -2.350  6.876   1.00 45.75 ? 9   C   B "O5'" 1 
ATOM   602 C  "C5'" . C   B 1 9  ? -8.221  -2.630  6.789   1.00 38.08 ? 9   C   B "C5'" 1 
ATOM   603 C  "C4'" . C   B 1 9  ? -8.773  -2.313  5.426   1.00 44.75 ? 9   C   B "C4'" 1 
ATOM   604 O  "O4'" . C   B 1 9  ? -8.521  -0.923  5.093   1.00 44.43 ? 9   C   B "O4'" 1 
ATOM   605 C  "C3'" . C   B 1 9  ? -8.160  -3.072  4.264   1.00 53.12 ? 9   C   B "C3'" 1 
ATOM   606 O  "O3'" . C   B 1 9  ? -8.625  -4.401  4.155   1.00 55.01 ? 9   C   B "O3'" 1 
ATOM   607 C  "C2'" . C   B 1 9  ? -8.506  -2.181  3.079   1.00 42.24 ? 9   C   B "C2'" 1 
ATOM   608 O  "O2'" . C   B 1 9  ? -9.875  -2.320  2.716   1.00 49.43 ? 9   C   B "O2'" 1 
ATOM   609 C  "C1'" . C   B 1 9  ? -8.315  -0.796  3.698   1.00 48.01 ? 9   C   B "C1'" 1 
ATOM   610 N  N1    . C   B 1 9  ? -6.944  -0.301  3.467   1.00 43.31 ? 9   C   B N1    1 
ATOM   611 C  C2    . C   B 1 9  ? -6.711  0.375   2.270   1.00 41.96 ? 9   C   B C2    1 
ATOM   612 O  O2    . C   B 1 9  ? -7.666  0.528   1.501   1.00 38.93 ? 9   C   B O2    1 
ATOM   613 N  N3    . C   B 1 9  ? -5.472  0.837   1.991   1.00 30.79 ? 9   C   B N3    1 
ATOM   614 C  C4    . C   B 1 9  ? -4.492  0.639   2.872   1.00 43.29 ? 9   C   B C4    1 
ATOM   615 N  N4    . C   B 1 9  ? -3.282  1.108   2.569   1.00 31.11 ? 9   C   B N4    1 
ATOM   616 C  C5    . C   B 1 9  ? -4.700  -0.056  4.109   1.00 47.19 ? 9   C   B C5    1 
ATOM   617 C  C6    . C   B 1 9  ? -5.931  -0.514  4.365   1.00 37.02 ? 9   C   B C6    1 
ATOM   618 P  P     A G   B 1 10 ? -7.631  -5.549  3.628   0.30 57.42 ? 10  G   B P     1 
ATOM   619 P  P     B G   B 1 10 ? -7.675  -5.524  3.525   0.70 59.84 ? 10  G   B P     1 
ATOM   620 O  OP1   A G   B 1 10 ? -8.291  -6.858  3.860   0.30 62.21 ? 10  G   B OP1   1 
ATOM   621 O  OP1   B G   B 1 10 ? -7.981  -6.823  4.174   0.70 63.44 ? 10  G   B OP1   1 
ATOM   622 O  OP2   A G   B 1 10 ? -6.275  -5.289  4.181   0.30 54.31 ? 10  G   B OP2   1 
ATOM   623 O  OP2   B G   B 1 10 ? -6.274  -5.012  3.527   0.70 47.97 ? 10  G   B OP2   1 
ATOM   624 O  "O5'" A G   B 1 10 ? -7.556  -5.311  2.054   0.30 50.18 ? 10  G   B "O5'" 1 
ATOM   625 O  "O5'" B G   B 1 10 ? -8.162  -5.591  2.015   0.70 52.51 ? 10  G   B "O5'" 1 
ATOM   626 C  "C5'" A G   B 1 10 ? -8.619  -5.720  1.208   0.30 46.64 ? 10  G   B "C5'" 1 
ATOM   627 C  "C5'" B G   B 1 10 ? -7.316  -5.134  0.983   0.70 42.28 ? 10  G   B "C5'" 1 
ATOM   628 C  "C4'" A G   B 1 10 ? -8.520  -5.086  -0.155  0.30 44.11 ? 10  G   B "C4'" 1 
ATOM   629 C  "C4'" B G   B 1 10 ? -8.090  -4.514  -0.145  0.70 46.06 ? 10  G   B "C4'" 1 
ATOM   630 O  "O4'" A G   B 1 10 ? -8.381  -3.648  -0.016  0.30 43.28 ? 10  G   B "O4'" 1 
ATOM   631 O  "O4'" B G   B 1 10 ? -7.953  -3.069  -0.107  0.70 43.78 ? 10  G   B "O4'" 1 
ATOM   632 C  "C3'" A G   B 1 10 ? -7.325  -5.484  -1.012  0.30 42.68 ? 10  G   B "C3'" 1 
ATOM   633 C  "C3'" B G   B 1 10 ? -7.593  -4.919  -1.521  0.70 41.94 ? 10  G   B "C3'" 1 
ATOM   634 O  "O3'" A G   B 1 10 ? -7.485  -6.738  -1.656  0.30 41.71 ? 10  G   B "O3'" 1 
ATOM   635 O  "O3'" B G   B 1 10 ? -8.229  -6.097  -1.955  0.70 43.95 ? 10  G   B "O3'" 1 
ATOM   636 C  "C2'" A G   B 1 10 ? -7.228  -4.312  -1.974  0.30 39.37 ? 10  G   B "C2'" 1 
ATOM   637 C  "C2'" B G   B 1 10 ? -7.930  -3.720  -2.385  0.70 36.86 ? 10  G   B "C2'" 1 
ATOM   638 O  "O2'" A G   B 1 10 ? -8.259  -4.386  -2.947  0.30 34.49 ? 10  G   B "O2'" 1 
ATOM   639 O  "O2'" B G   B 1 10 ? -9.295  -3.770  -2.755  0.70 47.12 ? 10  G   B "O2'" 1 
ATOM   640 C  "C1'" A G   B 1 10 ? -7.548  -3.149  -1.042  0.30 43.59 ? 10  G   B "C1'" 1 
ATOM   641 C  "C1'" B G   B 1 10 ? -7.730  -2.569  -1.403  0.70 44.38 ? 10  G   B "C1'" 1 
ATOM   642 N  N9    A G   B 1 10 ? -6.319  -2.603  -0.441  0.30 40.62 ? 10  G   B N9    1 
ATOM   643 N  N9    B G   B 1 10 ? -6.360  -2.021  -1.461  0.70 44.43 ? 10  G   B N9    1 
ATOM   644 C  C8    A G   B 1 10 ? -5.877  -2.720  0.854   0.30 36.76 ? 10  G   B C8    1 
ATOM   645 C  C8    B G   B 1 10 ? -5.803  -1.356  -2.525  0.70 41.91 ? 10  G   B C8    1 
ATOM   646 N  N7    A G   B 1 10 ? -4.732  -2.122  1.051   0.30 36.80 ? 10  G   B N7    1 
ATOM   647 N  N7    B G   B 1 10 ? -4.569  -0.985  -2.312  0.70 42.09 ? 10  G   B N7    1 
ATOM   648 C  C5    A G   B 1 10 ? -4.400  -1.586  -0.186  0.30 38.90 ? 10  G   B C5    1 
ATOM   649 C  C5    B G   B 1 10 ? -4.287  -1.431  -1.029  0.70 42.91 ? 10  G   B C5    1 
ATOM   650 C  C6    A G   B 1 10 ? -3.273  -0.827  -0.601  0.30 39.88 ? 10  G   B C6    1 
ATOM   651 C  C6    B G   B 1 10 ? -3.098  -1.319  -0.253  0.70 44.78 ? 10  G   B C6    1 
ATOM   652 O  O6    A G   B 1 10 ? -2.300  -0.460  0.066   0.30 40.14 ? 10  G   B O6    1 
ATOM   653 O  O6    B G   B 1 10 ? -2.027  -0.782  -0.568  0.70 39.86 ? 10  G   B O6    1 
ATOM   654 N  N1    A G   B 1 10 ? -3.343  -0.495  -1.950  0.30 40.39 ? 10  G   B N1    1 
ATOM   655 N  N1    B G   B 1 10 ? -3.239  -1.917  1.004   0.70 34.34 ? 10  G   B N1    1 
ATOM   656 C  C2    A G   B 1 10 ? -4.365  -0.842  -2.800  0.30 40.92 ? 10  G   B C2    1 
ATOM   657 C  C2    B G   B 1 10 ? -4.378  -2.540  1.443   0.70 33.10 ? 10  G   B C2    1 
ATOM   658 N  N2    A G   B 1 10 ? -4.253  -0.423  -4.071  0.30 34.52 ? 10  G   B N2    1 
ATOM   659 N  N2    B G   B 1 10 ? -4.354  -3.066  2.676   0.70 45.85 ? 10  G   B N2    1 
ATOM   660 N  N3    A G   B 1 10 ? -5.421  -1.546  -2.426  0.30 42.16 ? 10  G   B N3    1 
ATOM   661 N  N3    B G   B 1 10 ? -5.479  -2.646  0.729   0.70 34.63 ? 10  G   B N3    1 
ATOM   662 C  C4    A G   B 1 10 ? -5.370  -1.880  -1.118  0.30 41.08 ? 10  G   B C4    1 
ATOM   663 C  C4    B G   B 1 10 ? -5.378  -2.082  -0.492  0.70 39.15 ? 10  G   B C4    1 
ATOM   664 P  P     A G   B 1 11 ? -6.247  -7.460  -2.394  0.50 46.09 ? 11  G   B P     1 
ATOM   665 P  P     B G   B 1 11 ? -7.370  -7.378  -2.353  0.50 46.23 ? 11  G   B P     1 
ATOM   666 O  OP1   A G   B 1 11 ? -6.728  -8.779  -2.867  0.50 48.85 ? 11  G   B OP1   1 
ATOM   667 O  OP1   B G   B 1 11 ? -8.243  -8.579  -2.225  0.50 50.79 ? 11  G   B OP1   1 
ATOM   668 O  OP2   A G   B 1 11 ? -5.039  -7.434  -1.531  0.50 43.01 ? 11  G   B OP2   1 
ATOM   669 O  OP2   B G   B 1 11 ? -6.085  -7.313  -1.609  0.50 48.74 ? 11  G   B OP2   1 
ATOM   670 O  "O5'" A G   B 1 11 ? -5.988  -6.564  -3.688  0.50 46.82 ? 11  G   B "O5'" 1 
ATOM   671 O  "O5'" B G   B 1 11 ? -7.072  -7.136  -3.892  0.50 47.64 ? 11  G   B "O5'" 1 
ATOM   672 C  "C5'" A G   B 1 11 ? -6.949  -6.496  -4.732  0.50 41.12 ? 11  G   B "C5'" 1 
ATOM   673 C  "C5'" B G   B 1 11 ? -5.925  -6.413  -4.278  0.50 42.45 ? 11  G   B "C5'" 1 
ATOM   674 C  "C4'" A G   B 1 11 ? -6.460  -5.636  -5.863  0.50 48.26 ? 11  G   B "C4'" 1 
ATOM   675 C  "C4'" B G   B 1 11 ? -6.112  -5.703  -5.586  0.50 47.62 ? 11  G   B "C4'" 1 
ATOM   676 O  "O4'" A G   B 1 11 ? -6.214  -4.289  -5.374  0.50 57.09 ? 11  G   B "O4'" 1 
ATOM   677 O  "O4'" B G   B 1 11 ? -6.117  -4.269  -5.337  0.50 57.31 ? 11  G   B "O4'" 1 
ATOM   678 C  "C3'" A G   B 1 11 ? -5.133  -6.059  -6.476  0.50 48.43 ? 11  G   B "C3'" 1 
ATOM   679 C  "C3'" B G   B 1 11 ? -4.964  -5.938  -6.559  0.50 48.26 ? 11  G   B "C3'" 1 
ATOM   680 O  "O3'" A G   B 1 11 ? -5.276  -7.067  -7.452  0.50 55.24 ? 11  G   B "O3'" 1 
ATOM   681 O  "O3'" B G   B 1 11 ? -5.226  -7.022  -7.431  0.50 55.02 ? 11  G   B "O3'" 1 
ATOM   682 C  "C2'" A G   B 1 11 ? -4.590  -4.755  -7.032  0.50 46.08 ? 11  G   B "C2'" 1 
ATOM   683 C  "C2'" B G   B 1 11 ? -4.793  -4.596  -7.254  0.50 47.75 ? 11  G   B "C2'" 1 
ATOM   684 O  "O2'" A G   B 1 11 ? -5.240  -4.419  -8.247  0.50 52.45 ? 11  G   B "O2'" 1 
ATOM   685 O  "O2'" B G   B 1 11 ? -5.750  -4.447  -8.291  0.50 55.63 ? 11  G   B "O2'" 1 
ATOM   686 C  "C1'" A G   B 1 11 ? -5.033  -3.775  -5.951  0.50 50.19 ? 11  G   B "C1'" 1 
ATOM   687 C  "C1'" B G   B 1 11 ? -5.144  -3.636  -6.125  0.50 49.18 ? 11  G   B "C1'" 1 
ATOM   688 N  N9    A G   B 1 11 ? -4.014  -3.681  -4.893  0.50 44.84 ? 11  G   B N9    1 
ATOM   689 N  N9    B G   B 1 11 ? -3.995  -3.397  -5.230  0.50 42.99 ? 11  G   B N9    1 
ATOM   690 C  C8    A G   B 1 11 ? -4.085  -4.148  -3.600  0.50 42.18 ? 11  G   B C8    1 
ATOM   691 C  C8    B G   B 1 11 ? -3.972  -3.764  -3.903  0.50 43.69 ? 11  G   B C8    1 
ATOM   692 N  N7    A G   B 1 11 ? -2.999  -3.914  -2.912  0.50 43.15 ? 11  G   B N7    1 
ATOM   693 N  N7    B G   B 1 11 ? -2.870  -3.470  -3.285  0.50 44.89 ? 11  G   B N7    1 
ATOM   694 C  C5    A G   B 1 11 ? -2.163  -3.268  -3.815  0.50 43.19 ? 11  G   B C5    1 
ATOM   695 C  C5    B G   B 1 11 ? -2.110  -2.862  -4.269  0.50 43.65 ? 11  G   B C5    1 
ATOM   696 C  C6    A G   B 1 11 ? -0.847  -2.765  -3.661  0.50 42.37 ? 11  G   B C6    1 
ATOM   697 C  C6    B G   B 1 11 ? -0.805  -2.327  -4.176  0.50 43.05 ? 11  G   B C6    1 
ATOM   698 O  O6    A G   B 1 11 ? -0.121  -2.790  -2.663  0.50 42.80 ? 11  G   B O6    1 
ATOM   699 O  O6    B G   B 1 11 ? -0.064  -2.293  -3.188  0.50 41.36 ? 11  G   B O6    1 
ATOM   700 N  N1    A G   B 1 11 ? -0.377  -2.185  -4.836  0.50 44.51 ? 11  G   B N1    1 
ATOM   701 N  N1    B G   B 1 11 ? -0.388  -1.805  -5.396  0.50 41.24 ? 11  G   B N1    1 
ATOM   702 C  C2    A G   B 1 11 ? -1.078  -2.096  -6.011  0.50 40.54 ? 11  G   B C2    1 
ATOM   703 C  C2    B G   B 1 11 ? -1.131  -1.797  -6.548  0.50 39.43 ? 11  G   B C2    1 
ATOM   704 N  N2    A G   B 1 11 ? -0.448  -1.499  -7.030  0.50 37.84 ? 11  G   B N2    1 
ATOM   705 N  N2    B G   B 1 11 ? -0.538  -1.240  -7.611  0.50 39.72 ? 11  G   B N2    1 
ATOM   706 N  N3    A G   B 1 11 ? -2.307  -2.553  -6.169  0.50 44.07 ? 11  G   B N3    1 
ATOM   707 N  N3    B G   B 1 11 ? -2.358  -2.291  -6.649  0.50 43.45 ? 11  G   B N3    1 
ATOM   708 C  C4    A G   B 1 11 ? -2.777  -3.121  -5.040  0.50 42.63 ? 11  G   B C4    1 
ATOM   709 C  C4    B G   B 1 11 ? -2.784  -2.805  -5.476  0.50 41.28 ? 11  G   B C4    1 
ATOM   710 P  P     . A   B 1 12 ? -4.106  -8.143  -7.683  1.00 49.65 ? 12  A   B P     1 
ATOM   711 O  OP1   . A   B 1 12 ? -4.682  -9.138  -8.621  1.00 51.27 ? 12  A   B OP1   1 
ATOM   712 O  OP2   . A   B 1 12 ? -3.532  -8.583  -6.385  1.00 51.15 ? 12  A   B OP2   1 
ATOM   713 O  "O5'" . A   B 1 12 ? -2.961  -7.336  -8.434  1.00 56.90 ? 12  A   B "O5'" 1 
ATOM   714 C  "C5'" . A   B 1 12 ? -3.191  -6.815  -9.734  1.00 51.53 ? 12  A   B "C5'" 1 
ATOM   715 C  "C4'" . A   B 1 12 ? -1.983  -6.073  -10.240 1.00 48.86 ? 12  A   B "C4'" 1 
ATOM   716 O  "O4'" . A   B 1 12 ? -1.784  -4.875  -9.444  1.00 57.54 ? 12  A   B "O4'" 1 
ATOM   717 C  "C3'" . A   B 1 12 ? -0.649  -6.796  -10.128 1.00 32.96 ? 12  A   B "C3'" 1 
ATOM   718 O  "O3'" . A   B 1 12 ? -0.435  -7.786  -11.122 1.00 44.78 ? 12  A   B "O3'" 1 
ATOM   719 C  "C2'" . A   B 1 12 ? 0.330   -5.642  -10.185 1.00 30.39 ? 12  A   B "C2'" 1 
ATOM   720 O  "O2'" . A   B 1 12 ? 0.398   -5.124  -11.497 1.00 34.12 ? 12  A   B "O2'" 1 
ATOM   721 C  "C1'" . A   B 1 12 ? -0.401  -4.609  -9.332  1.00 51.84 ? 12  A   B "C1'" 1 
ATOM   722 N  N9    . A   B 1 12 ? 0.004   -4.719  -7.922  1.00 33.22 ? 12  A   B N9    1 
ATOM   723 C  C8    . A   B 1 12 ? -0.625  -5.295  -6.847  1.00 34.24 ? 12  A   B C8    1 
ATOM   724 N  N7    . A   B 1 12 ? 0.088   -5.217  -5.745  1.00 48.62 ? 12  A   B N7    1 
ATOM   725 C  C5    . A   B 1 12 ? 1.257   -4.562  -6.134  1.00 33.11 ? 12  A   B C5    1 
ATOM   726 C  C6    . A   B 1 12 ? 2.428   -4.154  -5.462  1.00 36.55 ? 12  A   B C6    1 
ATOM   727 N  N6    . A   B 1 12 ? 2.689   -4.339  -4.160  1.00 35.92 ? 12  A   B N6    1 
ATOM   728 N  N1    . A   B 1 12 ? 3.378   -3.533  -6.196  1.00 39.39 ? 12  A   B N1    1 
ATOM   729 C  C2    . A   B 1 12 ? 3.186   -3.326  -7.504  1.00 30.55 ? 12  A   B C2    1 
ATOM   730 N  N3    . A   B 1 12 ? 2.131   -3.650  -8.235  1.00 35.05 ? 12  A   B N3    1 
ATOM   731 C  C4    . A   B 1 12 ? 1.207   -4.271  -7.483  1.00 29.93 ? 12  A   B C4    1 
ATOM   732 P  P     . G   B 1 13 ? 0.300   -9.171  -10.747 1.00 46.28 ? 13  G   B P     1 
ATOM   733 O  OP1   . G   B 1 13 ? 0.053   -10.095 -11.879 1.00 57.75 ? 13  G   B OP1   1 
ATOM   734 O  OP2   . G   B 1 13 ? -0.078  -9.565  -9.363  1.00 62.17 ? 13  G   B OP2   1 
ATOM   735 O  "O5'" . G   B 1 13 ? 1.844   -8.800  -10.717 1.00 43.41 ? 13  G   B "O5'" 1 
ATOM   736 C  "C5'" . G   B 1 13 ? 2.465   -8.235  -11.862 1.00 38.22 ? 13  G   B "C5'" 1 
ATOM   737 C  "C4'" . G   B 1 13 ? 3.803   -7.627  -11.530 1.00 31.86 ? 13  G   B "C4'" 1 
ATOM   738 O  "O4'" . G   B 1 13 ? 3.630   -6.533  -10.596 1.00 47.15 ? 13  G   B "O4'" 1 
ATOM   739 C  "C3'" . G   B 1 13 ? 4.803   -8.532  -10.839 1.00 32.75 ? 13  G   B "C3'" 1 
ATOM   740 O  "O3'" . G   B 1 13 ? 5.453   -9.424  -11.727 1.00 49.29 ? 13  G   B "O3'" 1 
ATOM   741 C  "C2'" . G   B 1 13 ? 5.735   -7.530  -10.172 1.00 40.76 ? 13  G   B "C2'" 1 
ATOM   742 O  "O2'" . G   B 1 13 ? 6.636   -6.958  -11.109 1.00 30.93 ? 13  G   B "O2'" 1 
ATOM   743 C  "C1'" . G   B 1 13 ? 4.745   -6.451  -9.739  1.00 33.56 ? 13  G   B "C1'" 1 
ATOM   744 N  N9    . G   B 1 13 ? 4.286   -6.689  -8.363  1.00 32.44 ? 13  G   B N9    1 
ATOM   745 C  C8    . G   B 1 13 ? 3.059   -7.148  -7.954  1.00 42.69 ? 13  G   B C8    1 
ATOM   746 N  N7    . G   B 1 13 ? 2.982   -7.271  -6.658  1.00 39.90 ? 13  G   B N7    1 
ATOM   747 C  C5    . G   B 1 13 ? 4.235   -6.877  -6.201  1.00 33.03 ? 13  G   B C5    1 
ATOM   748 C  C6    . G   B 1 13 ? 4.756   -6.807  -4.875  1.00 25.26 ? 13  G   B C6    1 
ATOM   749 O  O6    . G   B 1 13 ? 4.163   -7.093  -3.838  1.00 32.18 ? 13  G   B O6    1 
ATOM   750 N  N1    . G   B 1 13 ? 6.084   -6.362  -4.837  1.00 24.76 ? 13  G   B N1    1 
ATOM   751 C  C2    . G   B 1 13 ? 6.809   -6.035  -5.975  1.00 35.22 ? 13  G   B C2    1 
ATOM   752 N  N2    . G   B 1 13 ? 8.070   -5.618  -5.794  1.00 32.81 ? 13  G   B N2    1 
ATOM   753 N  N3    . G   B 1 13 ? 6.334   -6.103  -7.217  1.00 29.05 ? 13  G   B N3    1 
ATOM   754 C  C4    . G   B 1 13 ? 5.046   -6.519  -7.246  1.00 23.36 ? 13  G   B C4    1 
ATOM   755 P  P     . U   B 1 14 ? 5.931   -10.866 -11.202 1.00 39.19 ? 14  U   B P     1 
ATOM   756 O  OP1   . U   B 1 14 ? 6.207   -11.727 -12.378 1.00 47.19 ? 14  U   B OP1   1 
ATOM   757 O  OP2   . U   B 1 14 ? 4.939   -11.291 -10.185 1.00 48.05 ? 14  U   B OP2   1 
ATOM   758 O  "O5'" . U   B 1 14 ? 7.315   -10.558 -10.479 1.00 41.56 ? 14  U   B "O5'" 1 
ATOM   759 C  "C5'" . U   B 1 14 ? 8.318   -9.817  -11.155 1.00 36.81 ? 14  U   B "C5'" 1 
ATOM   760 C  "C4'" . U   B 1 14 ? 9.452   -9.443  -10.233 1.00 37.81 ? 14  U   B "C4'" 1 
ATOM   761 O  "O4'" . U   B 1 14 ? 8.993   -8.455  -9.272  1.00 39.99 ? 14  U   B "O4'" 1 
ATOM   762 C  "C3'" . U   B 1 14 ? 9.997   -10.564 -9.368  1.00 25.19 ? 14  U   B "C3'" 1 
ATOM   763 O  "O3'" . U   B 1 14 ? 10.899  -11.407 -10.044 1.00 39.03 ? 14  U   B "O3'" 1 
ATOM   764 C  "C2'" . U   B 1 14 ? 10.620  -9.804  -8.210  1.00 40.04 ? 14  U   B "C2'" 1 
ATOM   765 O  "O2'" . U   B 1 14 ? 11.858  -9.232  -8.598  1.00 43.75 ? 14  U   B "O2'" 1 
ATOM   766 C  "C1'" . U   B 1 14 ? 9.613   -8.677  -8.025  1.00 32.85 ? 14  U   B "C1'" 1 
ATOM   767 N  N1    . U   B 1 14 ? 8.564   -9.025  -7.046  1.00 34.90 ? 14  U   B N1    1 
ATOM   768 C  C2    . U   B 1 14 ? 8.908   -8.908  -5.716  1.00 35.52 ? 14  U   B C2    1 
ATOM   769 O  O2    . U   B 1 14 ? 10.028  -8.542  -5.359  1.00 28.35 ? 14  U   B O2    1 
ATOM   770 N  N3    . U   B 1 14 ? 7.890   -9.219  -4.838  1.00 28.05 ? 14  U   B N3    1 
ATOM   771 C  C4    . U   B 1 14 ? 6.612   -9.633  -5.156  1.00 32.75 ? 14  U   B C4    1 
ATOM   772 O  O4    . U   B 1 14 ? 5.817   -9.871  -4.244  1.00 34.07 ? 14  U   B O4    1 
ATOM   773 C  C5    . U   B 1 14 ? 6.344   -9.736  -6.562  1.00 32.80 ? 14  U   B C5    1 
ATOM   774 C  C6    . U   B 1 14 ? 7.305   -9.433  -7.441  1.00 31.19 ? 14  U   B C6    1 
ATOM   775 P  P     . U   B 1 15 ? 11.127  -12.917 -9.536  1.00 43.20 ? 15  U   B P     1 
ATOM   776 O  OP1   . U   B 1 15 ? 12.130  -13.485 -10.462 1.00 53.81 ? 15  U   B OP1   1 
ATOM   777 O  OP2   . U   B 1 15 ? 9.840   -13.623 -9.297  1.00 47.65 ? 15  U   B OP2   1 
ATOM   778 O  "O5'" . U   B 1 15 ? 11.820  -12.742 -8.118  1.00 44.31 ? 15  U   B "O5'" 1 
ATOM   779 C  "C5'" . U   B 1 15 ? 13.131  -12.205 -8.021  1.00 35.55 ? 15  U   B "C5'" 1 
ATOM   780 C  "C4'" . U   B 1 15 ? 13.517  -12.025 -6.582  1.00 44.20 ? 15  U   B "C4'" 1 
ATOM   781 O  "O4'" . U   B 1 15 ? 12.584  -11.125 -5.932  1.00 33.08 ? 15  U   B "O4'" 1 
ATOM   782 C  "C3'" . U   B 1 15 ? 13.457  -13.282 -5.736  1.00 28.87 ? 15  U   B "C3'" 1 
ATOM   783 O  "O3'" . U   B 1 15 ? 14.603  -14.084 -5.890  1.00 34.92 ? 15  U   B "O3'" 1 
ATOM   784 C  "C2'" . U   B 1 15 ? 13.308  -12.721 -4.338  1.00 28.71 ? 15  U   B "C2'" 1 
ATOM   785 O  "O2'" . U   B 1 15 ? 14.552  -12.208 -3.893  1.00 34.33 ? 15  U   B "O2'" 1 
ATOM   786 C  "C1'" . U   B 1 15 ? 12.383  -11.536 -4.594  1.00 45.84 ? 15  U   B "C1'" 1 
ATOM   787 N  N1    . U   B 1 15 ? 10.952  -11.882 -4.410  1.00 43.78 ? 15  U   B N1    1 
ATOM   788 C  C2    . U   B 1 15 ? 10.477  -12.007 -3.117  1.00 26.97 ? 15  U   B C2    1 
ATOM   789 O  O2    . U   B 1 15 ? 11.166  -11.880 -2.116  1.00 31.95 ? 15  U   B O2    1 
ATOM   790 N  N3    . U   B 1 15 ? 9.147   -12.318 -3.021  1.00 33.08 ? 15  U   B N3    1 
ATOM   791 C  C4    . U   B 1 15 ? 8.258   -12.496 -4.054  1.00 38.84 ? 15  U   B C4    1 
ATOM   792 O  O4    . U   B 1 15 ? 7.092   -12.770 -3.786  1.00 39.77 ? 15  U   B O4    1 
ATOM   793 C  C5    . U   B 1 15 ? 8.817   -12.342 -5.361  1.00 47.20 ? 15  U   B C5    1 
ATOM   794 C  C6    . U   B 1 15 ? 10.114  -12.045 -5.492  1.00 49.62 ? 15  U   B C6    1 
ATOM   795 P  P     . C   B 1 16 ? 14.478  -15.669 -5.773  1.00 37.11 ? 16  C   B P     1 
ATOM   796 O  OP1   . C   B 1 16 ? 15.701  -16.248 -6.390  1.00 57.19 ? 16  C   B OP1   1 
ATOM   797 O  OP2   . C   B 1 16 ? 13.134  -16.083 -6.249  1.00 37.46 ? 16  C   B OP2   1 
ATOM   798 O  "O5'" . C   B 1 16 ? 14.470  -15.939 -4.206  1.00 40.07 ? 16  C   B "O5'" 1 
ATOM   799 C  "C5'" . C   B 1 16 ? 15.533  -15.508 -3.381  1.00 37.14 ? 16  C   B "C5'" 1 
ATOM   800 C  "C4'" . C   B 1 16 ? 15.180  -15.674 -1.922  1.00 47.01 ? 16  C   B "C4'" 1 
ATOM   801 O  "O4'" . C   B 1 16 ? 14.153  -14.711 -1.552  1.00 35.55 ? 16  C   B "O4'" 1 
ATOM   802 C  "C3'" . C   B 1 16 ? 14.573  -17.009 -1.518  1.00 40.37 ? 16  C   B "C3'" 1 
ATOM   803 O  "O3'" . C   B 1 16 ? 15.521  -18.061 -1.391  1.00 51.56 ? 16  C   B "O3'" 1 
ATOM   804 C  "C2'" . C   B 1 16 ? 13.867  -16.647 -0.219  1.00 30.09 ? 16  C   B "C2'" 1 
ATOM   805 O  "O2'" . C   B 1 16 ? 14.801  -16.457 0.835   1.00 30.67 ? 16  C   B "O2'" 1 
ATOM   806 C  "C1'" . C   B 1 16 ? 13.307  -15.278 -0.570  1.00 43.74 ? 16  C   B "C1'" 1 
ATOM   807 N  N1    . C   B 1 16 ? 11.927  -15.381 -1.102  1.00 36.12 ? 16  C   B N1    1 
ATOM   808 C  C2    . C   B 1 16 ? 10.917  -15.570 -0.157  1.00 33.43 ? 16  C   B C2    1 
ATOM   809 O  O2    . C   B 1 16 ? 11.215  -15.637 1.045   1.00 30.41 ? 16  C   B O2    1 
ATOM   810 N  N3    . C   B 1 16 ? 9.642   -15.664 -0.561  1.00 29.32 ? 16  C   B N3    1 
ATOM   811 C  C4    . C   B 1 16 ? 9.352   -15.583 -1.857  1.00 32.88 ? 16  C   B C4    1 
ATOM   812 N  N4    . C   B 1 16 ? 8.062   -15.685 -2.188  1.00 32.45 ? 16  C   B N4    1 
ATOM   813 C  C5    . C   B 1 16 ? 10.363  -15.407 -2.853  1.00 33.59 ? 16  C   B C5    1 
ATOM   814 C  C6    . C   B 1 16 ? 11.633  -15.304 -2.434  1.00 32.88 ? 16  C   B C6    1 
ATOM   815 P  P     . C   B 1 17 ? 15.111  -19.584 -1.731  1.00 46.77 ? 17  C   B P     1 
ATOM   816 O  OP1   . C   B 1 17 ? 16.316  -20.414 -1.521  1.00 57.24 ? 17  C   B OP1   1 
ATOM   817 O  OP2   . C   B 1 17 ? 14.409  -19.649 -3.043  1.00 41.65 ? 17  C   B OP2   1 
ATOM   818 O  "O5'" . C   B 1 17 ? 14.071  -19.971 -0.597  1.00 33.13 ? 17  C   B "O5'" 1 
ATOM   819 C  "C5'" . C   B 1 17 ? 14.452  -19.908 0.769   1.00 36.72 ? 17  C   B "C5'" 1 
ATOM   820 C  "C4'" . C   B 1 17 ? 13.265  -20.138 1.664   1.00 42.37 ? 17  C   B "C4'" 1 
ATOM   821 O  "O4'" . C   B 1 17 ? 12.323  -19.041 1.530   1.00 32.78 ? 17  C   B "O4'" 1 
ATOM   822 C  "C3'" . C   B 1 17 ? 12.436  -21.361 1.332   1.00 37.88 ? 17  C   B "C3'" 1 
ATOM   823 O  "O3'" . C   B 1 17 ? 13.018  -22.564 1.796   1.00 51.93 ? 17  C   B "O3'" 1 
ATOM   824 C  "C2'" . C   B 1 17 ? 11.096  -21.019 1.959   1.00 40.33 ? 17  C   B "C2'" 1 
ATOM   825 O  "O2'" . C   B 1 17 ? 11.132  -21.161 3.370   1.00 36.57 ? 17  C   B "O2'" 1 
ATOM   826 C  "C1'" . C   B 1 17 ? 11.007  -19.526 1.644   1.00 38.37 ? 17  C   B "C1'" 1 
ATOM   827 N  N1    . C   B 1 17 ? 10.300  -19.301 0.367   1.00 32.99 ? 17  C   B N1    1 
ATOM   828 C  C2    . C   B 1 17 ? 8.916   -19.436 0.385   1.00 43.07 ? 17  C   B C2    1 
ATOM   829 O  O2    . C   B 1 17 ? 8.375   -19.696 1.469   1.00 34.18 ? 17  C   B O2    1 
ATOM   830 N  N3    . C   B 1 17 ? 8.213   -19.258 -0.759  1.00 37.53 ? 17  C   B N3    1 
ATOM   831 C  C4    . C   B 1 17 ? 8.855   -18.980 -1.893  1.00 35.16 ? 17  C   B C4    1 
ATOM   832 N  N4    . C   B 1 17 ? 8.131   -18.823 -3.010  1.00 32.45 ? 17  C   B N4    1 
ATOM   833 C  C5    . C   B 1 17 ? 10.276  -18.867 -1.939  1.00 32.08 ? 17  C   B C5    1 
ATOM   834 C  C6    . C   B 1 17 ? 10.954  -19.026 -0.797  1.00 44.42 ? 17  C   B C6    1 
ATOM   835 P  P     . C   B 1 18 ? 13.041  -23.875 0.861   1.00 47.61 ? 18  C   B P     1 
ATOM   836 O  OP1   . C   B 1 18 ? 14.303  -24.616 1.121   1.00 50.37 ? 18  C   B OP1   1 
ATOM   837 O  OP2   . C   B 1 18 ? 12.716  -23.493 -0.536  1.00 62.52 ? 18  C   B OP2   1 
ATOM   838 O  "O5'" . C   B 1 18 ? 11.843  -24.735 1.453   1.00 43.95 ? 18  C   B "O5'" 1 
ATOM   839 C  "C5'" . C   B 1 18 ? 11.621  -24.755 2.853   1.00 39.72 ? 18  C   B "C5'" 1 
ATOM   840 C  "C4'" . C   B 1 18 ? 10.153  -24.817 3.190   1.00 49.83 ? 18  C   B "C4'" 1 
ATOM   841 O  "O4'" . C   B 1 18 ? 9.508   -23.559 2.864   1.00 48.28 ? 18  C   B "O4'" 1 
ATOM   842 C  "C3'" . C   B 1 18 ? 9.323   -25.847 2.444   1.00 54.66 ? 18  C   B "C3'" 1 
ATOM   843 O  "O3'" . C   B 1 18 ? 9.493   -27.164 2.940   1.00 67.62 ? 18  C   B "O3'" 1 
ATOM   844 C  "C2'" . C   B 1 18 ? 7.910   -25.296 2.609   1.00 55.22 ? 18  C   B "C2'" 1 
ATOM   845 O  "O2'" . C   B 1 18 ? 7.416   -25.551 3.913   1.00 44.98 ? 18  C   B "O2'" 1 
ATOM   846 C  "C1'" . C   B 1 18 ? 8.164   -23.792 2.498   1.00 47.76 ? 18  C   B "C1'" 1 
ATOM   847 N  N1    . C   B 1 18 ? 7.939   -23.296 1.120   1.00 44.55 ? 18  C   B N1    1 
ATOM   848 C  C2    . C   B 1 18 ? 6.633   -22.951 0.750   1.00 40.79 ? 18  C   B C2    1 
ATOM   849 O  O2    . C   B 1 18 ? 5.732   -23.070 1.595   1.00 39.95 ? 18  C   B O2    1 
ATOM   850 N  N3    . C   B 1 18 ? 6.383   -22.502 -0.509  1.00 40.16 ? 18  C   B N3    1 
ATOM   851 C  C4    . C   B 1 18 ? 7.387   -22.392 -1.391  1.00 50.77 ? 18  C   B C4    1 
ATOM   852 N  N4    . C   B 1 18 ? 7.108   -21.940 -2.619  1.00 46.62 ? 18  C   B N4    1 
ATOM   853 C  C5    . C   B 1 18 ? 8.731   -22.742 -1.042  1.00 58.76 ? 18  C   B C5    1 
ATOM   854 C  C6    . C   B 1 18 ? 8.961   -23.190 0.207   1.00 53.89 ? 18  C   B C6    1 
ATOM   855 P  P     . U   B 1 19 ? 9.346   -28.436 1.960   1.00 57.53 ? 19  U   B P     1 
ATOM   856 O  OP1   . U   B 1 19 ? 9.879   -29.631 2.659   1.00 57.10 ? 19  U   B OP1   1 
ATOM   857 O  OP2   . U   B 1 19 ? 9.939   -28.079 0.649   1.00 60.04 ? 19  U   B OP2   1 
ATOM   858 O  "O5'" . U   B 1 19 ? 7.770   -28.616 1.804   1.00 45.16 ? 19  U   B "O5'" 1 
ATOM   859 C  "C5'" . U   B 1 19 ? 6.947   -28.825 2.944   1.00 46.12 ? 19  U   B "C5'" 1 
ATOM   860 C  "C4'" . U   B 1 19 ? 5.474   -28.699 2.617   1.00 47.14 ? 19  U   B "C4'" 1 
ATOM   861 O  "O4'" . U   B 1 19 ? 5.169   -27.329 2.258   1.00 59.24 ? 19  U   B "O4'" 1 
ATOM   862 C  "C3'" . U   B 1 19 ? 4.950   -29.513 1.438   1.00 53.45 ? 19  U   B "C3'" 1 
ATOM   863 O  "O3'" . U   B 1 19 ? 4.699   -30.878 1.757   1.00 49.53 ? 19  U   B "O3'" 1 
ATOM   864 C  "C2'" . U   B 1 19 ? 3.695   -28.748 1.041   1.00 54.62 ? 19  U   B "C2'" 1 
ATOM   865 O  "O2'" . U   B 1 19 ? 2.617   -29.092 1.894   1.00 57.61 ? 19  U   B "O2'" 1 
ATOM   866 C  "C1'" . U   B 1 19 ? 4.104   -27.299 1.334   1.00 50.63 ? 19  U   B "C1'" 1 
ATOM   867 N  N1    . U   B 1 19 ? 4.540   -26.583 0.113   1.00 45.04 ? 19  U   B N1    1 
ATOM   868 C  C2    . U   B 1 19 ? 3.540   -26.024 -0.648  1.00 43.02 ? 19  U   B C2    1 
ATOM   869 O  O2    . U   B 1 19 ? 2.376   -26.099 -0.321  1.00 47.16 ? 19  U   B O2    1 
ATOM   870 N  N3    . U   B 1 19 ? 3.952   -25.367 -1.783  1.00 43.63 ? 19  U   B N3    1 
ATOM   871 C  C4    . U   B 1 19 ? 5.253   -25.235 -2.232  1.00 47.18 ? 19  U   B C4    1 
ATOM   872 O  O4    . U   B 1 19 ? 5.471   -24.625 -3.281  1.00 46.68 ? 19  U   B O4    1 
ATOM   873 C  C5    . U   B 1 19 ? 6.240   -25.855 -1.393  1.00 41.38 ? 19  U   B C5    1 
ATOM   874 C  C6    . U   B 1 19 ? 5.861   -26.486 -0.276  1.00 42.54 ? 19  U   B C6    1 
HETATM 875 CL CL    . CL  C 2 .  ? -1.773  -1.154  -10.341 1.00 54.28 ? 101 CL  B CL    1 
HETATM 876 S  S     . SO4 D 3 .  ? -0.544  -1.499  3.577   0.70 69.74 ? 102 SO4 B S     1 
HETATM 877 O  O1    . SO4 D 3 .  ? 0.622   -2.227  4.058   0.70 70.16 ? 102 SO4 B O1    1 
HETATM 878 O  O2    . SO4 D 3 .  ? -1.757  -2.220  3.962   0.70 74.85 ? 102 SO4 B O2    1 
HETATM 879 O  O3    . SO4 D 3 .  ? -0.471  -1.419  2.121   0.70 65.60 ? 102 SO4 B O3    1 
HETATM 880 O  O4    . SO4 D 3 .  ? -0.584  -0.157  4.163   0.70 60.94 ? 102 SO4 B O4    1 
HETATM 881 O  O     . HOH E 4 .  ? 4.628   4.028   -11.212 1.00 34.20 ? 101 HOH A O     1 
HETATM 882 O  O     . HOH E 4 .  ? 6.646   -2.143  -8.171  1.00 31.66 ? 102 HOH A O     1 
HETATM 883 O  O     . HOH E 4 .  ? -8.525  16.387  3.828   1.00 38.86 ? 103 HOH A O     1 
HETATM 884 O  O     . HOH E 4 .  ? 2.611   2.829   -0.688  1.00 47.00 ? 104 HOH A O     1 
HETATM 885 O  O     . HOH E 4 .  ? 3.318   0.341   0.047   1.00 36.29 ? 105 HOH A O     1 
HETATM 886 O  O     . HOH F 4 .  ? -9.688  -8.717  -0.548  1.00 54.07 ? 201 HOH B O     1 
HETATM 887 O  O     . HOH F 4 .  ? 12.658  -17.996 -5.028  1.00 33.04 ? 202 HOH B O     1 
HETATM 888 O  O     . HOH F 4 .  ? 10.502  -15.834 -6.182  1.00 41.16 ? 203 HOH B O     1 
HETATM 889 O  O     . HOH F 4 .  ? -10.715 -0.062  0.926   1.00 44.65 ? 204 HOH B O     1 
HETATM 890 O  O     . HOH F 4 .  ? 1.850   24.216  -2.456  1.00 40.19 ? 205 HOH B O     1 
# 
loop_
_atom_site_anisotrop.id 
_atom_site_anisotrop.type_symbol 
_atom_site_anisotrop.pdbx_label_atom_id 
_atom_site_anisotrop.pdbx_label_alt_id 
_atom_site_anisotrop.pdbx_label_comp_id 
_atom_site_anisotrop.pdbx_label_asym_id 
_atom_site_anisotrop.pdbx_label_seq_id 
_atom_site_anisotrop.pdbx_PDB_ins_code 
_atom_site_anisotrop.U[1][1] 
_atom_site_anisotrop.U[2][2] 
_atom_site_anisotrop.U[3][3] 
_atom_site_anisotrop.U[1][2] 
_atom_site_anisotrop.U[1][3] 
_atom_site_anisotrop.U[2][3] 
_atom_site_anisotrop.pdbx_auth_seq_id 
_atom_site_anisotrop.pdbx_auth_comp_id 
_atom_site_anisotrop.pdbx_auth_asym_id 
_atom_site_anisotrop.pdbx_auth_atom_id 
1   O "O5'" . A A 1  ? 0.2591 0.4213 0.4761 -0.0333 -0.0040 -0.1015 1  A A "O5'" 
2   C "C5'" . A A 1  ? 0.2901 0.4653 0.5291 -0.0372 0.0061  -0.1064 1  A A "C5'" 
3   C "C4'" . A A 1  ? 0.4726 0.6272 0.6996 -0.0496 0.0162  -0.1040 1  A A "C4'" 
4   O "O4'" . A A 1  ? 0.5085 0.6534 0.7305 -0.0558 0.0061  -0.1025 1  A A "O4'" 
5   C "C3'" . A A 1  ? 0.4306 0.5558 0.6241 -0.0535 0.0245  -0.0976 1  A A "C3'" 
6   O "O3'" . A A 1  ? 0.4061 0.5329 0.6009 -0.0514 0.0397  -0.0990 1  A A "O3'" 
7   C "C2'" . A A 1  ? 0.4569 0.5600 0.6368 -0.0665 0.0264  -0.0946 1  A A "C2'" 
8   O "O2'" . A A 1  ? 0.4371 0.5457 0.6317 -0.0735 0.0404  -0.0981 1  A A "O2'" 
9   C "C1'" . A A 1  ? 0.4278 0.5422 0.6222 -0.0653 0.0104  -0.0963 1  A A "C1'" 
10  N N9    . A A 1  ? 0.4087 0.5079 0.5830 -0.0627 -0.0024 -0.0906 1  A A N9    
11  C C8    . A A 1  ? 0.3600 0.4718 0.5397 -0.0525 -0.0137 -0.0910 1  A A C8    
12  N N7    . A A 1  ? 0.3833 0.4768 0.5441 -0.0530 -0.0229 -0.0848 1  A A N7    
13  C C5    . A A 1  ? 0.4307 0.4972 0.5715 -0.0641 -0.0188 -0.0797 1  A A C5    
14  C C6    . A A 1  ? 0.4628 0.5001 0.5789 -0.0703 -0.0259 -0.0716 1  A A C6    
15  N N6    . A A 1  ? 0.5149 0.5474 0.6255 -0.0655 -0.0387 -0.0670 1  A A N6    
16  N N1    . A A 1  ? 0.4679 0.4805 0.5658 -0.0821 -0.0199 -0.0679 1  A A N1    
17  C C2    . A A 1  ? 0.5595 0.5773 0.6644 -0.0874 -0.0059 -0.0724 1  A A C2    
18  N N3    . A A 1  ? 0.4439 0.4896 0.5742 -0.0822 0.0026  -0.0801 1  A A N3    
19  C C4    . A A 1  ? 0.4325 0.5015 0.5798 -0.0704 -0.0054 -0.0833 1  A A C4    
20  P P     . G A 2  ? 0.5396 0.6444 0.7028 -0.0482 0.0445  -0.0939 2  G A P     
21  O OP1   . G A 2  ? 0.5307 0.6460 0.7066 -0.0438 0.0602  -0.0978 2  G A OP1   
22  O OP2   . G A 2  ? 0.6830 0.7869 0.8357 -0.0408 0.0281  -0.0904 2  G A OP2   
23  O "O5'" . G A 2  ? 0.5356 0.6038 0.6649 -0.0612 0.0509  -0.0882 2  G A "O5'" 
24  C "C5'" . G A 2  ? 0.5220 0.5837 0.6539 -0.0712 0.0661  -0.0900 2  G A "C5'" 
25  C "C4'" . G A 2  ? 0.6517 0.6776 0.7493 -0.0840 0.0661  -0.0837 2  G A "C4'" 
26  O "O4'" . G A 2  ? 0.5403 0.5654 0.6397 -0.0860 0.0474  -0.0810 2  G A "O4'" 
27  C "C3'" . G A 2  ? 0.6099 0.6021 0.6654 -0.0858 0.0667  -0.0770 2  G A "C3'" 
28  O "O3'" . G A 2  ? 0.8250 0.8036 0.8656 -0.0883 0.0869  -0.0782 2  G A "O3'" 
29  C "C2'" . G A 2  ? 0.6544 0.6182 0.6855 -0.0973 0.0565  -0.0703 2  G A "C2'" 
30  O "O2'" . G A 2  ? 0.5323 0.4781 0.5520 -0.1101 0.0703  -0.0702 2  G A "O2'" 
31  C "C1'" . G A 2  ? 0.5666 0.5563 0.6290 -0.0934 0.0411  -0.0729 2  G A "C1'" 
32  N N9    . G A 2  ? 0.5533 0.5447 0.6123 -0.0855 0.0231  -0.0692 2  G A N9    
33  C C8    . G A 2  ? 0.4955 0.5135 0.5749 -0.0726 0.0164  -0.0725 2  G A C8    
34  N N7    . G A 2  ? 0.4495 0.4613 0.5199 -0.0688 0.0014  -0.0676 2  G A N7    
35  C C5    . G A 2  ? 0.6046 0.5839 0.6484 -0.0795 -0.0031 -0.0604 2  G A C5    
36  C C6    . G A 2  ? 0.5465 0.5060 0.5733 -0.0811 -0.0186 -0.0524 2  G A C6    
37  O O6    . G A 2  ? 0.4760 0.4436 0.5086 -0.0733 -0.0305 -0.0503 2  G A O6    
38  N N1    . G A 2  ? 0.7099 0.6363 0.7113 -0.0939 -0.0198 -0.0462 2  G A N1    
39  C C2    . G A 2  ? 0.7080 0.6213 0.6993 -0.1043 -0.0065 -0.0476 2  G A C2    
40  N N2    . G A 2  ? 0.7532 0.6316 0.7166 -0.1166 -0.0110 -0.0404 2  G A N2    
41  N N3    . G A 2  ? 0.5373 0.4696 0.5449 -0.1029 0.0096  -0.0552 2  G A N3    
42  C C4    . G A 2  ? 0.6070 0.5722 0.6416 -0.0902 0.0099  -0.0612 2  G A C4    
43  P P     . A A 3  ? 0.8337 0.7850 0.8369 -0.0856 0.0895  -0.0736 3  A A P     
44  O OP1   . A A 3  ? 0.8435 0.7827 0.8363 -0.0894 0.1140  -0.0766 3  A A OP1   
45  O OP2   . A A 3  ? 0.7403 0.7121 0.7571 -0.0719 0.0768  -0.0740 3  A A OP2   
46  O "O5'" . A A 3  ? 0.6429 0.5542 0.6047 -0.0970 0.0783  -0.0646 3  A A "O5'" 
47  C "C5'" . A A 3  ? 0.7009 0.5842 0.6396 -0.1117 0.0881  -0.0623 3  A A "C5'" 
48  C "C4'" . A A 3  ? 0.8073 0.6498 0.7036 -0.1213 0.0751  -0.0526 3  A A "C4'" 
49  O "O4'" . A A 3  ? 0.7690 0.6201 0.6800 -0.1215 0.0536  -0.0493 3  A A "O4'" 
50  C "C3'" . A A 3  ? 0.8622 0.6835 0.7282 -0.1172 0.0679  -0.0473 3  A A "C3'" 
51  O "O3'" . A A 3  ? 0.8121 0.6082 0.6470 -0.1205 0.0862  -0.0480 3  A A "O3'" 
52  C "C2'" . A A 3  ? 0.8826 0.6764 0.7249 -0.1256 0.0473  -0.0378 3  A A "C2'" 
53  O "O2'" . A A 3  ? 0.6999 0.4541 0.5051 -0.1412 0.0542  -0.0335 3  A A "O2'" 
54  C "C1'" . A A 3  ? 0.7700 0.5944 0.6521 -0.1232 0.0367  -0.0405 3  A A "C1'" 
55  N N9    . A A 3  ? 0.7891 0.6408 0.6967 -0.1102 0.0207  -0.0409 3  A A N9    
56  C C8    . A A 3  ? 0.6518 0.5433 0.5959 -0.0975 0.0230  -0.0482 3  A A C8    
57  N N7    . A A 3  ? 0.5354 0.4410 0.4921 -0.0887 0.0070  -0.0464 3  A A N7    
58  C C5    . A A 3  ? 0.5298 0.4047 0.4598 -0.0956 -0.0069 -0.0371 3  A A C5    
59  C C6    . A A 3  ? 0.7218 0.5937 0.6517 -0.0920 -0.0262 -0.0308 3  A A C6    
60  N N6    . A A 3  ? 0.5551 0.4557 0.5109 -0.0801 -0.0342 -0.0332 3  A A N6    
61  N N1    . A A 3  ? 0.7744 0.6112 0.6761 -0.1016 -0.0373 -0.0214 3  A A N1    
62  C C2    . A A 3  ? 0.7861 0.5914 0.6583 -0.1145 -0.0300 -0.0186 3  A A C2    
63  N N3    . A A 3  ? 0.8207 0.6244 0.6877 -0.1194 -0.0107 -0.0242 3  A A N3    
64  C C4    . A A 3  ? 0.7197 0.5604 0.6185 -0.1091 0.0004  -0.0335 3  A A C4    
65  P P     . G A 4  ? 0.9852 0.7756 0.8048 -0.1107 0.0862  -0.0472 4  G A P     
66  O OP1   . G A 4  ? 1.0009 0.7603 0.7858 -0.1172 0.1082  -0.0485 4  G A OP1   
67  O OP2   . G A 4  ? 0.8016 0.6367 0.6646 -0.0948 0.0828  -0.0531 4  G A OP2   
68  O "O5'" . G A 4  ? 0.9877 0.7506 0.7774 -0.1143 0.0620  -0.0368 4  G A "O5'" 
69  C "C5'" . G A 4  ? 0.7411 0.4574 0.4852 -0.1291 0.0589  -0.0291 4  G A "C5'" 
70  C "C4'" . G A 4  ? 0.7940 0.4920 0.5217 -0.1309 0.0328  -0.0193 4  G A "C4'" 
71  O "O4'" . G A 4  ? 0.8650 0.5903 0.6289 -0.1276 0.0161  -0.0183 4  G A "O4'" 
72  C "C3'" . G A 4  ? 0.8088 0.5084 0.5313 -0.1208 0.0234  -0.0167 4  G A "C3'" 
73  O "O3'" . G A 4  ? 0.7945 0.4568 0.4720 -0.1254 0.0321  -0.0144 4  G A "O3'" 
74  C "C2'" . G A 4  ? 0.8048 0.5008 0.5313 -0.1222 -0.0035 -0.0079 4  G A "C2'" 
75  O "O2'" . G A 4  ? 0.8987 0.5474 0.5820 -0.1366 -0.0126 0.0015  4  G A "O2'" 
76  C "C1'" . G A 4  ? 0.8167 0.5429 0.5823 -0.1218 -0.0050 -0.0120 4  G A "C1'" 
77  N N9    . G A 4  ? 0.8326 0.6052 0.6431 -0.1069 -0.0080 -0.0180 4  G A N9    
78  C C8    . G A 4  ? 0.7672 0.5754 0.6099 -0.0984 0.0064  -0.0279 4  G A C8    
79  N N7    . G A 4  ? 0.8023 0.6442 0.6774 -0.0863 -0.0022 -0.0307 4  G A N7    
80  C C5    . G A 4  ? 0.8057 0.6343 0.6705 -0.0867 -0.0220 -0.0221 4  G A C5    
81  C C6    . G A 4  ? 0.6733 0.5237 0.5606 -0.0771 -0.0370 -0.0205 4  G A C6    
82  O O6    . G A 4  ? 0.5737 0.4591 0.4923 -0.0660 -0.0362 -0.0266 4  G A O6    
83  N N1    . G A 4  ? 0.5884 0.4145 0.4578 -0.0816 -0.0544 -0.0105 4  G A N1    
84  C C2    . G A 4  ? 0.7981 0.5829 0.6312 -0.0942 -0.0588 -0.0026 4  G A C2    
85  N N2    . G A 4  ? 0.5765 0.3435 0.4001 -0.0969 -0.0781 0.0072  4  G A N2    
86  N N3    . G A 4  ? 0.7015 0.4632 0.5094 -0.1039 -0.0452 -0.0040 4  G A N3    
87  C C4    . G A 4  ? 0.6804 0.4666 0.5068 -0.0993 -0.0265 -0.0141 4  G A C4    
88  P P     . A A 5  ? 1.0297 0.6995 0.7054 -0.1130 0.0358  -0.0168 5  A A P     
89  O OP1   . A A 5  ? 1.1762 0.8013 0.8010 -0.1209 0.0489  -0.0154 5  A A OP1   
90  O OP2   . A A 5  ? 0.9369 0.6552 0.6601 -0.0990 0.0463  -0.0265 5  A A OP2   
91  O "O5'" . A A 5  ? 1.1010 0.7699 0.7774 -0.1093 0.0083  -0.0080 5  A A "O5'" 
92  C "C5'" . A A 5  ? 0.9140 0.5421 0.5542 -0.1209 -0.0091 0.0030  5  A A "C5'" 
93  C "C4'" . A A 5  ? 0.8347 0.4752 0.4930 -0.1156 -0.0343 0.0100  5  A A "C4'" 
94  O "O4'" . A A 5  ? 0.9076 0.5863 0.6122 -0.1105 -0.0402 0.0071  5  A A "O4'" 
95  C "C3'" . A A 5  ? 0.7624 0.4214 0.4321 -0.1024 -0.0375 0.0090  5  A A "C3'" 
96  O "O3'" . A A 5  ? 0.8883 0.5095 0.5151 -0.1062 -0.0408 0.0147  5  A A "O3'" 
97  C "C2'" . A A 5  ? 0.6857 0.3711 0.3905 -0.0966 -0.0580 0.0133  5  A A "C2'" 
98  O "O2'" . A A 5  ? 0.7869 0.4415 0.4701 -0.1053 -0.0791 0.0249  5  A A "O2'" 
99  C "C1'" . A A 5  ? 0.8551 0.5619 0.5883 -0.0989 -0.0534 0.0083  5  A A "C1'" 
100 N N9    . A A 5  ? 0.7407 0.4931 0.5143 -0.0865 -0.0417 -0.0021 5  A A N9    
101 C C8    . A A 5  ? 0.6836 0.4517 0.4677 -0.0841 -0.0206 -0.0118 5  A A C8    
102 N N7    . A A 5  ? 0.5767 0.3863 0.3999 -0.0722 -0.0176 -0.0188 5  A A N7    
103 C C5    . A A 5  ? 0.6296 0.4509 0.4668 -0.0666 -0.0363 -0.0139 5  A A C5    
104 C C6    . A A 5  ? 0.6896 0.5482 0.5624 -0.0548 -0.0426 -0.0173 5  A A C6    
105 N N6    . A A 5  ? 0.5648 0.4571 0.4670 -0.0462 -0.0323 -0.0265 5  A A N6    
106 N N1    . A A 5  ? 0.6326 0.4915 0.5100 -0.0526 -0.0605 -0.0104 5  A A N1    
107 C C2    . A A 5  ? 0.5329 0.3583 0.3834 -0.0614 -0.0725 -0.0007 5  A A C2    
108 N N3    . A A 5  ? 0.6009 0.3882 0.4157 -0.0731 -0.0701 0.0038  5  A A N3    
109 C C4    . A A 5  ? 0.7082 0.4954 0.5170 -0.0752 -0.0509 -0.0036 5  A A C4    
110 P P     . A A 6  ? 0.8519 0.4823 0.4769 -0.0945 -0.0318 0.0103  6  A A P     
111 O OP1   . A A 6  ? 1.0243 0.6040 0.5941 -0.1035 -0.0305 0.0152  6  A A OP1   
112 O OP2   . A A 6  ? 0.9500 0.6172 0.6071 -0.0846 -0.0111 -0.0016 6  A A OP2   
113 O "O5'" . A A 6  ? 0.7549 0.4102 0.4075 -0.0848 -0.0524 0.0151  6  A A "O5'" 
114 C "C5'" . A A 6  ? 0.7996 0.4331 0.4389 -0.0913 -0.0759 0.0268  6  A A "C5'" 
115 C "C4'" . A A 6  ? 0.7584 0.4256 0.4352 -0.0809 -0.0909 0.0293  6  A A "C4'" 
116 O "O4'" . A A 6  ? 0.7577 0.4618 0.4773 -0.0769 -0.0905 0.0246  6  A A "O4'" 
117 C "C3'" . A A 6  ? 0.8031 0.4945 0.4937 -0.0674 -0.0846 0.0243  6  A A "C3'" 
118 O "O3'" A A A 6  ? 0.7899 0.4533 0.4488 -0.0685 -0.0917 0.0304  6  A A "O3'" 
119 O "O3'" B A A 6  ? 0.7899 0.4533 0.4488 -0.0685 -0.0917 0.0304  6  A A "O3'" 
120 C "C2'" . A A 6  ? 0.7191 0.4517 0.4556 -0.0584 -0.0946 0.0238  6  A A "C2'" 
121 O "O2'" . A A 6  ? 0.6562 0.3778 0.3910 -0.0612 -0.1159 0.0346  6  A A "O2'" 
122 C "C1'" . A A 6  ? 0.6290 0.3729 0.3841 -0.0632 -0.0912 0.0204  6  A A "C1'" 
123 N N9    . A A 6  ? 0.6706 0.4448 0.4491 -0.0563 -0.0724 0.0086  6  A A N9    
124 C C8    . A A 6  ? 0.6261 0.3923 0.3927 -0.0603 -0.0539 0.0020  6  A A C8    
125 N N7    . A A 6  ? 0.5460 0.3469 0.3436 -0.0521 -0.0413 -0.0076 6  A A N7    
126 C C5    . A A 6  ? 0.5687 0.4006 0.3972 -0.0424 -0.0524 -0.0075 6  A A C5    
127 C C6    . A A 6  ? 0.5848 0.4582 0.4515 -0.0314 -0.0486 -0.0152 6  A A C6    
128 N N6    . A A 6  ? 0.6431 0.5361 0.5269 -0.0282 -0.0331 -0.0245 6  A A N6    
129 N N1    . A A 6  ? 0.5025 0.3956 0.3888 -0.0244 -0.0616 -0.0128 6  A A N1    
130 C C2    . A A 6  ? 0.4198 0.2945 0.2924 -0.0278 -0.0770 -0.0032 6  A A C2    
131 N N3    . A A 6  ? 0.4812 0.3182 0.3210 -0.0377 -0.0834 0.0051  6  A A N3    
132 C C4    . A A 6  ? 0.4879 0.3041 0.3053 -0.0448 -0.0705 0.0022  6  A A C4    
133 P P     . C A 7  ? 0.7059 0.3738 0.3566 -0.0588 -0.0773 0.0239  7  C A P     
134 O OP1   . C A 7  ? 0.7410 0.3702 0.3514 -0.0632 -0.0867 0.0318  7  C A OP1   
135 O OP2   . C A 7  ? 0.7808 0.4549 0.4328 -0.0581 -0.0535 0.0134  7  C A OP2   
136 O "O5'" . C A 7  ? 0.6534 0.3683 0.3490 -0.0445 -0.0819 0.0210  7  C A "O5'" 
137 C "C5'" . C A 7  ? 0.7744 0.4937 0.4790 -0.0424 -0.1016 0.0295  7  C A "C5'" 
138 C "C4'" . C A 7  ? 0.7752 0.5409 0.5250 -0.0309 -0.1035 0.0254  7  C A "C4'" 
139 O "O4'" . C A 7  ? 0.6618 0.4512 0.4390 -0.0311 -0.0970 0.0192  7  C A "O4'" 
140 C "C3'" . C A 7  ? 0.7034 0.4931 0.4658 -0.0184 -0.0926 0.0179  7  C A "C3'" 
141 O "O3'" . C A 7  ? 0.6047 0.3848 0.3541 -0.0146 -0.1013 0.0233  7  C A "O3'" 
142 C "C2'" . C A 7  ? 0.6507 0.4835 0.4569 -0.0109 -0.0928 0.0126  7  C A "C2'" 
143 O "O2'" . C A 7  ? 0.6326 0.4758 0.4534 -0.0086 -0.1088 0.0196  7  C A "O2'" 
144 C "C1'" . C A 7  ? 0.6622 0.4920 0.4734 -0.0193 -0.0902 0.0113  7  C A "C1'" 
145 N N1    . C A 7  ? 0.6922 0.5333 0.5105 -0.0177 -0.0715 0.0010  7  C A N1    
146 C C2    . C A 7  ? 0.5781 0.4591 0.4333 -0.0084 -0.0668 -0.0068 7  C A C2    
147 O O2    . C A 7  ? 0.5673 0.4688 0.4430 -0.0028 -0.0775 -0.0048 7  C A O2    
148 N N3    . C A 7  ? 0.3979 0.2930 0.2653 -0.0065 -0.0511 -0.0159 7  C A N3    
149 C C4    . C A 7  ? 0.6520 0.5235 0.4965 -0.0131 -0.0383 -0.0178 7  C A C4    
150 N N4    . C A 7  ? 0.4319 0.3200 0.2931 -0.0109 -0.0222 -0.0268 7  C A N4    
151 C C5    . C A 7  ? 0.5128 0.3417 0.3164 -0.0228 -0.0416 -0.0104 7  C A C5    
152 C C6    . C A 7  ? 0.4959 0.3105 0.2872 -0.0249 -0.0592 -0.0010 7  C A C6    
153 P P     . C A 8  ? 0.5770 0.3608 0.3194 -0.0051 -0.0895 0.0173  8  C A P     
154 O OP1   . C A 8  ? 0.6074 0.3781 0.3357 -0.0035 -0.1031 0.0254  8  C A OP1   
155 O OP2   . C A 8  ? 0.6517 0.4168 0.3728 -0.0081 -0.0714 0.0107  8  C A OP2   
156 O "O5'" . C A 8  ? 0.5031 0.3341 0.2883 0.0066  -0.0837 0.0090  8  C A "O5'" 
157 C "C5'" . C A 8  ? 0.4235 0.2803 0.2353 0.0115  -0.0960 0.0121  8  C A "C5'" 
158 C "C4'" . C A 8  ? 0.3794 0.2756 0.2258 0.0208  -0.0882 0.0029  8  C A "C4'" 
159 O "O4'" . C A 8  ? 0.4213 0.3256 0.2804 0.0165  -0.0802 -0.0025 8  C A "O4'" 
160 C "C3'" . C A 8  ? 0.5053 0.4100 0.3530 0.0296  -0.0761 -0.0043 8  C A "C3'" 
161 O "O3'" . C A 8  ? 0.4911 0.3996 0.3369 0.0368  -0.0831 -0.0013 8  C A "O3'" 
162 C "C2'" . C A 8  ? 0.3573 0.2954 0.2382 0.0341  -0.0680 -0.0134 8  C A "C2'" 
163 O "O2'" . C A 8  ? 0.4395 0.4057 0.3453 0.0404  -0.0772 -0.0132 8  C A "O2'" 
164 C "C1'" . C A 8  ? 0.4816 0.4109 0.3613 0.0239  -0.0675 -0.0125 8  C A "C1'" 
165 N N1    . C A 8  ? 0.4927 0.4063 0.3591 0.0190  -0.0525 -0.0172 8  C A N1    
166 C C2    . C A 8  ? 0.5304 0.4675 0.4207 0.0231  -0.0396 -0.0266 8  C A C2    
167 O O2    . C A 8  ? 0.4270 0.3962 0.3473 0.0306  -0.0429 -0.0304 8  C A O2    
168 N N3    . C A 8  ? 0.5388 0.4620 0.4185 0.0185  -0.0241 -0.0309 8  C A N3    
169 C C4    . C A 8  ? 0.6215 0.5065 0.4641 0.0098  -0.0212 -0.0264 8  C A C4    
170 N N4    . C A 8  ? 0.5129 0.3832 0.3438 0.0048  -0.0043 -0.0310 8  C A N4    
171 C C5    . C A 8  ? 0.4403 0.2991 0.2559 0.0051  -0.0357 -0.0167 8  C A C5    
172 C C6    . C A 8  ? 0.5762 0.4516 0.4067 0.0101  -0.0510 -0.0123 8  C A C6    
173 P P     . C A 9  ? 0.5209 0.4197 0.3524 0.0436  -0.0740 -0.0048 9  C A P     
174 O OP1   . C A 9  ? 0.5768 0.4746 0.4031 0.0483  -0.0862 0.0015  9  C A OP1   
175 O OP2   . C A 9  ? 0.6077 0.4737 0.4094 0.0371  -0.0631 -0.0058 9  C A OP2   
176 O "O5'" . C A 9  ? 0.4924 0.4262 0.3568 0.0530  -0.0641 -0.0149 9  C A "O5'" 
177 C "C5'" . C A 9  ? 0.4028 0.3683 0.2949 0.0597  -0.0722 -0.0158 9  C A "C5'" 
178 C "C4'" . C A 9  ? 0.3579 0.3520 0.2787 0.0667  -0.0631 -0.0253 9  C A "C4'" 
179 O "O4'" . C A 9  ? 0.3479 0.3487 0.2807 0.0608  -0.0561 -0.0297 9  C A "O4'" 
180 C "C3'" . C A 9  ? 0.4635 0.4539 0.3827 0.0727  -0.0506 -0.0310 9  C A "C3'" 
181 O "O3'" . C A 9  ? 0.4887 0.4820 0.4064 0.0812  -0.0561 -0.0294 9  C A "O3'" 
182 C "C2'" . C A 9  ? 0.4482 0.4656 0.3989 0.0751  -0.0419 -0.0397 9  C A "C2'" 
183 O "O2'" . C A 9  ? 0.3604 0.4080 0.3373 0.0824  -0.0505 -0.0417 9  C A "O2'" 
184 C "C1'" . C A 9  ? 0.3741 0.3883 0.3238 0.0652  -0.0429 -0.0383 9  C A "C1'" 
185 N N1    . C A 9  ? 0.4657 0.4579 0.3996 0.0579  -0.0296 -0.0401 9  C A N1    
186 C C2    . C A 9  ? 0.4390 0.4464 0.3942 0.0584  -0.0165 -0.0481 9  C A C2    
187 O O2    . C A 9  ? 0.4345 0.4727 0.4210 0.0649  -0.0185 -0.0529 9  C A O2    
188 N N3    . C A 9  ? 0.4347 0.4216 0.3751 0.0513  -0.0025 -0.0500 9  C A N3    
189 C C4    . C A 9  ? 0.4900 0.4411 0.3933 0.0437  -0.0025 -0.0442 9  C A C4    
190 N N4    . C A 9  ? 0.4144 0.3443 0.3011 0.0360  0.0118  -0.0463 9  C A N4    
191 C C5    . C A 9  ? 0.4332 0.3678 0.3142 0.0428  -0.0174 -0.0358 9  C A C5    
192 C C6    . C A 9  ? 0.5717 0.5285 0.4702 0.0502  -0.0301 -0.0340 9  C A C6    
193 P P     A G A 10 ? 0.4892 0.4662 0.3939 0.0868  -0.0460 -0.0321 10 G A P     
194 P P     B G A 10 ? 0.4709 0.4473 0.3751 0.0867  -0.0458 -0.0320 10 G A P     
195 O OP1   A G A 10 ? 0.5179 0.4868 0.4091 0.0914  -0.0573 -0.0261 10 G A OP1   
196 O OP1   B G A 10 ? 0.5272 0.5097 0.4327 0.0949  -0.0560 -0.0290 10 G A OP1   
197 O OP2   A G A 10 ? 0.5522 0.5013 0.4344 0.0794  -0.0330 -0.0332 10 G A OP2   
198 O OP2   B G A 10 ? 0.6321 0.5721 0.5024 0.0781  -0.0391 -0.0292 10 G A OP2   
199 O "O5'" A G A 10 ? 0.4569 0.4641 0.3968 0.0958  -0.0384 -0.0409 10 G A "O5'" 
200 O "O5'" B G A 10 ? 0.4336 0.4313 0.3669 0.0918  -0.0316 -0.0421 10 G A "O5'" 
201 C "C5'" A G A 10 ? 0.4090 0.4168 0.3589 0.0951  -0.0214 -0.0481 10 G A "C5'" 
202 C "C5'" B G A 10 ? 0.3543 0.3858 0.3215 0.0995  -0.0362 -0.0461 10 G A "C5'" 
203 C "C4'" A G A 10 ? 0.4481 0.4909 0.4380 0.1002  -0.0197 -0.0549 10 G A "C4'" 
204 C "C4'" B G A 10 ? 0.4262 0.4757 0.4212 0.1009  -0.0233 -0.0546 10 G A "C4'" 
205 O "O4'" A G A 10 ? 0.4744 0.5258 0.4742 0.0922  -0.0172 -0.0568 10 G A "O4'" 
206 O "O4'" B G A 10 ? 0.5056 0.5512 0.4983 0.0910  -0.0180 -0.0554 10 G A "O4'" 
207 C "C3'" A G A 10 ? 0.4962 0.5457 0.5052 0.1066  -0.0045 -0.0623 10 G A "C3'" 
208 C "C3'" B G A 10 ? 0.5068 0.5456 0.5019 0.1049  -0.0065 -0.0597 10 G A "C3'" 
209 O "O3'" A G A 10 ? 0.5284 0.5830 0.5441 0.1170  -0.0089 -0.0623 10 G A "O3'" 
210 O "O3'" B G A 10 ? 0.5593 0.6113 0.5719 0.1162  -0.0086 -0.0619 10 G A "O3'" 
211 C "C2'" A G A 10 ? 0.4456 0.5244 0.4898 0.1057  -0.0020 -0.0680 10 G A "C2'" 
212 C "C2'" B G A 10 ? 0.4731 0.5241 0.4894 0.1006  0.0066  -0.0661 10 G A "C2'" 
213 O "O2'" A G A 10 ? 0.4366 0.5430 0.5054 0.1122  -0.0160 -0.0684 10 G A "O2'" 
214 O "O2'" B G A 10 ? 0.3754 0.4607 0.4312 0.1066  0.0028  -0.0709 10 G A "O2'" 
215 C "C1'" A G A 10 ? 0.4414 0.5117 0.4704 0.0946  -0.0056 -0.0646 10 G A "C1'" 
216 C "C1'" B G A 10 ? 0.4935 0.5377 0.4954 0.0899  -0.0003 -0.0618 10 G A "C1'" 
217 N N9    A G A 10 ? 0.4522 0.5035 0.4687 0.0864  0.0105  -0.0668 10 G A N9    
218 N N9    B G A 10 ? 0.4852 0.4951 0.4532 0.0808  0.0090  -0.0593 10 G A N9    
219 C C8    A G A 10 ? 0.3512 0.4146 0.3906 0.0849  0.0245  -0.0734 10 G A C8    
220 C C8    B G A 10 ? 0.5226 0.5025 0.4536 0.0757  0.0021  -0.0519 10 G A C8    
221 N N7    A G A 10 ? 0.4123 0.4520 0.4309 0.0765  0.0379  -0.0737 10 G A N7    
222 N N7    B G A 10 ? 0.6013 0.5525 0.5061 0.0671  0.0126  -0.0513 10 G A N7    
223 C C5    A G A 10 ? 0.4842 0.4935 0.4634 0.0722  0.0314  -0.0667 10 G A C5    
224 C C5    B G A 10 ? 0.5606 0.5241 0.4864 0.0666  0.0288  -0.0589 10 G A C5    
225 C C6    A G A 10 ? 0.5619 0.5346 0.5029 0.0624  0.0386  -0.0634 10 G A C6    
226 C C6    B G A 10 ? 0.5726 0.5159 0.4840 0.0585  0.0463  -0.0618 10 G A C6    
227 O O6    A G A 10 ? 0.5898 0.5488 0.5227 0.0551  0.0538  -0.0662 10 G A O6    
228 O O6    B G A 10 ? 0.6292 0.5371 0.5029 0.0496  0.0504  -0.0582 10 G A O6    
229 N N1    A G A 10 ? 0.5664 0.5162 0.4758 0.0606  0.0258  -0.0556 10 G A N1    
230 N N1    B G A 10 ? 0.6324 0.6000 0.5780 0.0609  0.0593  -0.0695 10 G A N1    
231 C C2    A G A 10 ? 0.5570 0.5186 0.4718 0.0674  0.0096  -0.0516 10 G A C2    
232 C C2    B G A 10 ? 0.5708 0.5765 0.5587 0.0698  0.0547  -0.0737 10 G A C2    
233 N N2    A G A 10 ? 0.5203 0.4567 0.4034 0.0642  -0.0012 -0.0437 10 G A N2    
234 N N2    B G A 10 ? 0.4630 0.4877 0.4814 0.0703  0.0681  -0.0807 10 G A N2    
235 N N3    A G A 10 ? 0.5385 0.5332 0.4867 0.0764  0.0039  -0.0548 10 G A N3    
236 N N3    B G A 10 ? 0.4524 0.4754 0.4513 0.0771  0.0376  -0.0710 10 G A N3    
237 C C4    A G A 10 ? 0.4826 0.4996 0.4615 0.0784  0.0146  -0.0623 10 G A C4    
238 C C4    B G A 10 ? 0.4797 0.4801 0.4461 0.0751  0.0264  -0.0637 10 G A C4    
239 P P     . G A 11 ? 0.4682 0.5025 0.4732 0.1223  0.0054  -0.0651 11 G A P     
240 O OP1   . G A 11 ? 0.7193 0.7612 0.7318 0.1329  -0.0049 -0.0635 11 G A OP1   
241 O OP2   . G A 11 ? 0.6477 0.6447 0.6123 0.1141  0.0138  -0.0621 11 G A OP2   
242 O "O5'" . G A 11 ? 0.4779 0.5306 0.5175 0.1250  0.0218  -0.0737 11 G A "O5'" 
243 C "C5'" . G A 11 ? 0.5351 0.5689 0.5642 0.1199  0.0424  -0.0776 11 G A "C5'" 
244 C "C4'" . G A 11 ? 0.6498 0.7076 0.7149 0.1186  0.0533  -0.0841 11 G A "C4'" 
245 O "O4'" . G A 11 ? 0.6311 0.6871 0.6869 0.1072  0.0518  -0.0825 11 G A "O4'" 
246 C "C3'" . G A 11 ? 0.6667 0.7136 0.7368 0.1194  0.0782  -0.0905 11 G A "C3'" 
247 O "O3'" . G A 11 ? 0.6408 0.7030 0.7413 0.1315  0.0823  -0.0947 11 G A "O3'" 
248 C "C2'" . G A 11 ? 0.5958 0.6559 0.6844 0.1113  0.0870  -0.0940 11 G A "C2'" 
249 O "O2'" . G A 11 ? 0.6107 0.7089 0.7474 0.1171  0.0812  -0.0977 11 G A "O2'" 
250 C "C1'" . G A 11 ? 0.5132 0.5647 0.5753 0.1018  0.0718  -0.0876 11 G A "C1'" 
251 N N9    . G A 11 ? 0.5304 0.5425 0.5461 0.0923  0.0797  -0.0843 11 G A N9    
252 C C8    . G A 11 ? 0.5357 0.5219 0.5127 0.0897  0.0681  -0.0771 11 G A C8    
253 N N7    . G A 11 ? 0.5593 0.5104 0.4980 0.0805  0.0771  -0.0751 11 G A N7    
254 C C5    . G A 11 ? 0.7269 0.6804 0.6788 0.0767  0.0973  -0.0814 11 G A C5    
255 C C6    . G A 11 ? 0.7681 0.6904 0.6907 0.0663  0.1148  -0.0825 11 G A C6    
256 O O6    . G A 11 ? 0.5729 0.4573 0.4496 0.0580  0.1148  -0.0778 11 G A O6    
257 N N1    . G A 11 ? 0.6056 0.5435 0.5567 0.0654  0.1337  -0.0896 11 G A N1    
258 C C2    . G A 11 ? 0.4797 0.4580 0.4824 0.0735  0.1341  -0.0947 11 G A C2    
259 N N2    . G A 11 ? 0.5517 0.5397 0.5776 0.0707  0.1535  -0.1008 11 G A N2    
260 N N3    . G A 11 ? 0.4908 0.4972 0.5201 0.0829  0.1164  -0.0936 11 G A N3    
261 C C4    . G A 11 ? 0.6017 0.5935 0.6027 0.0840  0.0993  -0.0871 11 G A C4    
262 P P     . A A 12 ? 0.5774 0.7535 0.6778 0.0761  -0.0022 -0.0854 12 A A P     
263 O OP1   . A A 12 ? 0.6782 0.8584 0.7583 0.0768  -0.0026 -0.0807 12 A A OP1   
264 O OP2   . A A 12 ? 0.5357 0.7163 0.6563 0.0741  0.0048  -0.0770 12 A A OP2   
265 O "O5'" . A A 12 ? 0.4527 0.6220 0.5631 0.0702  -0.0160 -0.0890 12 A A "O5'" 
266 C "C5'" . A A 12 ? 0.4664 0.6302 0.5636 0.0699  -0.0256 -0.0980 12 A A "C5'" 
267 C "C4'" . A A 12 ? 0.4360 0.5941 0.5479 0.0636  -0.0370 -0.0997 12 A A "C4'" 
268 O "O4'" . A A 12 ? 0.5668 0.7185 0.6941 0.0644  -0.0358 -0.1049 12 A A "O4'" 
269 C "C3'" . A A 12 ? 0.3819 0.5435 0.5080 0.0571  -0.0389 -0.0884 12 A A "C3'" 
270 O "O3'" . A A 12 ? 0.4792 0.6454 0.5980 0.0551  -0.0428 -0.0828 12 A A "O3'" 
271 C "C2'" . A A 12 ? 0.4397 0.5941 0.5821 0.0520  -0.0467 -0.0918 12 A A "C2'" 
272 O "O2'" . A A 12 ? 0.4888 0.6391 0.6272 0.0492  -0.0576 -0.0974 12 A A "O2'" 
273 C "C1'" . A A 12 ? 0.4490 0.5988 0.5948 0.0575  -0.0425 -0.0997 12 A A "C1'" 
274 N N9    . A A 12 ? 0.4848 0.6378 0.6474 0.0571  -0.0360 -0.0928 12 A A N9    
275 C C8    . A A 12 ? 0.5286 0.6882 0.6928 0.0617  -0.0249 -0.0892 12 A A C8    
276 N N7    . A A 12 ? 0.4989 0.6611 0.6821 0.0585  -0.0235 -0.0822 12 A A N7    
277 C C5    . A A 12 ? 0.4970 0.6532 0.6894 0.0513  -0.0341 -0.0815 12 A A C5    
278 C C6    . A A 12 ? 0.4234 0.5786 0.6336 0.0441  -0.0392 -0.0748 12 A A C6    
279 N N6    . A A 12 ? 0.2308 0.3924 0.4551 0.0424  -0.0356 -0.0671 12 A A N6    
280 N N1    . A A 12 ? 0.4611 0.6092 0.6741 0.0377  -0.0491 -0.0757 12 A A N1    
281 C C2    . A A 12 ? 0.3676 0.5107 0.5693 0.0383  -0.0538 -0.0827 12 A A C2    
282 N N3    . A A 12 ? 0.4217 0.5660 0.6076 0.0443  -0.0512 -0.0891 12 A A N3    
283 C C4    . A A 12 ? 0.4754 0.6258 0.6560 0.0507  -0.0411 -0.0881 12 A A C4    
284 P P     . G A 13 ? 0.4599 0.6308 0.5855 0.0522  -0.0366 -0.0698 13 G A P     
285 O OP1   . G A 13 ? 0.6359 0.8122 0.7532 0.0532  -0.0399 -0.0645 13 G A OP1   
286 O OP2   . G A 13 ? 0.4654 0.6388 0.5921 0.0545  -0.0251 -0.0659 13 G A OP2   
287 O "O5'" . G A 13 ? 0.3820 0.5476 0.5251 0.0442  -0.0411 -0.0682 13 G A "O5'" 
288 C "C5'" . G A 13 ? 0.3107 0.4728 0.4584 0.0405  -0.0518 -0.0726 13 G A "C5'" 
289 C "C4'" . G A 13 ? 0.3368 0.4933 0.4993 0.0328  -0.0536 -0.0705 13 G A "C4'" 
290 O "O4'" . G A 13 ? 0.4023 0.5543 0.5707 0.0330  -0.0543 -0.0753 13 G A "O4'" 
291 C "C3'" . G A 13 ? 0.4027 0.5590 0.5698 0.0280  -0.0452 -0.0614 13 G A "C3'" 
292 O "O3'" . G A 13 ? 0.3133 0.4711 0.4818 0.0258  -0.0440 -0.0558 13 G A "O3'" 
293 C "C2'" . G A 13 ? 0.3654 0.5155 0.5430 0.0207  -0.0480 -0.0618 13 G A "C2'" 
294 O "O2'" . G A 13 ? 0.4554 0.6011 0.6391 0.0147  -0.0547 -0.0624 13 G A "O2'" 
295 C "C1'" . G A 13 ? 0.3394 0.4890 0.5182 0.0260  -0.0519 -0.0692 13 G A "C1'" 
296 N N9    . G A 13 ? 0.3715 0.5244 0.5516 0.0288  -0.0445 -0.0666 13 G A N9    
297 C C8    . G A 13 ? 0.3501 0.5085 0.5218 0.0366  -0.0373 -0.0676 13 G A C8    
298 N N7    . G A 13 ? 0.3854 0.5472 0.5635 0.0369  -0.0312 -0.0639 13 G A N7    
299 C C5    . G A 13 ? 0.3158 0.4740 0.5063 0.0284  -0.0358 -0.0600 13 G A C5    
300 C C6    . G A 13 ? 0.3205 0.4814 0.5229 0.0239  -0.0343 -0.0541 13 G A C6    
301 O O6    . G A 13 ? 0.4503 0.6180 0.6569 0.0272  -0.0277 -0.0511 13 G A O6    
302 N N1    . G A 13 ? 0.4631 0.6188 0.6730 0.0139  -0.0418 -0.0507 13 G A N1    
303 C C2    . G A 13 ? 0.4020 0.5506 0.6089 0.0097  -0.0482 -0.0532 13 G A C2    
304 N N2    . G A 13 ? 0.4269 0.5708 0.6400 -0.0005 -0.0542 -0.0490 13 G A N2    
305 N N3    . G A 13 ? 0.2922 0.4391 0.4909 0.0142  -0.0493 -0.0589 13 G A N3    
306 C C4    . G A 13 ? 0.2228 0.3749 0.4133 0.0233  -0.0435 -0.0618 13 G A C4    
307 P P     . U A 14 ? 0.4197 0.5780 0.5865 0.0253  -0.0322 -0.0468 14 U A P     
308 O OP1   . U A 14 ? 0.6248 0.7847 0.7963 0.0251  -0.0321 -0.0420 14 U A OP1   
309 O OP2   . U A 14 ? 0.3378 0.5004 0.4956 0.0314  -0.0260 -0.0455 14 U A OP2   
310 O "O5'" . U A 14 ? 0.4527 0.6026 0.6246 0.0156  -0.0279 -0.0449 14 U A "O5'" 
311 C "C5'" . U A 14 ? 0.2358 0.3798 0.4146 0.0077  -0.0313 -0.0454 14 U A "C5'" 
312 C "C4'" . U A 14 ? 0.2754 0.4125 0.4547 -0.0018 -0.0292 -0.0441 14 U A "C4'" 
313 O "O4'" . U A 14 ? 0.3728 0.5125 0.5543 0.0000  -0.0352 -0.0472 14 U A "O4'" 
314 C "C3'" . U A 14 ? 0.2985 0.4322 0.4723 -0.0055 -0.0182 -0.0390 14 U A "C3'" 
315 O "O3'" . U A 14 ? 0.2701 0.3964 0.4423 -0.0105 -0.0099 -0.0358 14 U A "O3'" 
316 C "C2'" . U A 14 ? 0.2296 0.3608 0.4044 -0.0135 -0.0216 -0.0387 14 U A "C2'" 
317 O "O2'" . U A 14 ? 0.3893 0.5122 0.5641 -0.0247 -0.0241 -0.0382 14 U A "O2'" 
318 C "C1'" . U A 14 ? 0.2876 0.4256 0.4688 -0.0062 -0.0311 -0.0432 14 U A "C1'" 
319 N N1    . U A 14 ? 0.4651 0.6105 0.6458 0.0014  -0.0278 -0.0433 14 U A N1    
320 C C2    . U A 14 ? 0.2385 0.3853 0.4235 -0.0036 -0.0268 -0.0395 14 U A C2    
321 O O2    . U A 14 ? 0.3245 0.4667 0.5118 -0.0145 -0.0296 -0.0362 14 U A O2    
322 N N3    . U A 14 ? 0.3128 0.4676 0.4994 0.0040  -0.0225 -0.0393 14 U A N3    
323 C C4    . U A 14 ? 0.2994 0.4592 0.4804 0.0152  -0.0189 -0.0425 14 U A C4    
324 O O4    . U A 14 ? 0.3482 0.5147 0.5309 0.0204  -0.0138 -0.0415 14 U A O4    
325 C C5    . U A 14 ? 0.4542 0.6117 0.6284 0.0189  -0.0217 -0.0461 14 U A C5    
326 C C6    . U A 14 ? 0.5372 0.6883 0.7132 0.0123  -0.0261 -0.0460 14 U A C6    
327 P P     . U A 15 ? 0.3298 0.4519 0.4965 -0.0103 0.0036  -0.0308 15 U A P     
328 O OP1   . U A 15 ? 0.4999 0.6138 0.6684 -0.0135 0.0121  -0.0288 15 U A OP1   
329 O OP2   . U A 15 ? 0.4408 0.5725 0.6063 0.0006  0.0044  -0.0291 15 U A OP2   
330 O "O5'" . U A 15 ? 0.3437 0.4596 0.5047 -0.0211 0.0060  -0.0302 15 U A "O5'" 
331 C "C5'" . U A 15 ? 0.4050 0.5098 0.5615 -0.0346 0.0071  -0.0306 15 U A "C5'" 
332 C "C4'" . U A 15 ? 0.2779 0.3822 0.4309 -0.0438 0.0034  -0.0293 15 U A "C4'" 
333 O "O4'" . U A 15 ? 0.2690 0.3857 0.4306 -0.0364 -0.0068 -0.0300 15 U A "O4'" 
334 C "C3'" . U A 15 ? 0.2759 0.3778 0.4235 -0.0467 0.0122  -0.0261 15 U A "C3'" 
335 O "O3'" . U A 15 ? 0.4772 0.5634 0.6139 -0.0581 0.0222  -0.0260 15 U A "O3'" 
336 C "C2'" . U A 15 ? 0.3029 0.4128 0.4549 -0.0510 0.0033  -0.0242 15 U A "C2'" 
337 O "O2'" . U A 15 ? 0.4768 0.5794 0.6235 -0.0664 -0.0018 -0.0233 15 U A "O2'" 
338 C "C1'" . U A 15 ? 0.3228 0.4437 0.4854 -0.0399 -0.0066 -0.0267 15 U A "C1'" 
339 N N1    . U A 15 ? 0.3415 0.4737 0.5093 -0.0266 -0.0048 -0.0268 15 U A N1    
340 C C2    . U A 15 ? 0.4141 0.5544 0.5883 -0.0269 -0.0061 -0.0237 15 U A C2    
341 O O2    . U A 15 ? 0.3037 0.4431 0.4805 -0.0381 -0.0100 -0.0203 15 U A O2    
342 N N3    . U A 15 ? 0.2862 0.4362 0.4636 -0.0143 -0.0027 -0.0242 15 U A N3    
343 C C4    . U A 15 ? 0.3150 0.4670 0.4875 -0.0029 0.0002  -0.0272 15 U A C4    
344 O O4    . U A 15 ? 0.2810 0.4410 0.4535 0.0067  0.0033  -0.0275 15 U A O4    
345 C C5    . U A 15 ? 0.3558 0.5001 0.5233 -0.0040 -0.0005 -0.0292 15 U A C5    
346 C C6    . U A 15 ? 0.2875 0.4225 0.4541 -0.0150 -0.0022 -0.0291 15 U A C6    
347 P P     . C A 16 ? 0.5014 0.5807 0.6332 -0.0577 0.0361  -0.0234 16 C A P     
348 O OP1   . C A 16 ? 0.4054 0.4653 0.5258 -0.0693 0.0470  -0.0255 16 C A OP1   
349 O OP2   . C A 16 ? 0.4860 0.5757 0.6261 -0.0410 0.0385  -0.0211 16 C A OP2   
350 O "O5'" . C A 16 ? 0.4467 0.5308 0.5776 -0.0653 0.0322  -0.0205 16 C A "O5'" 
351 C "C5'" . C A 16 ? 0.3926 0.4722 0.5174 -0.0814 0.0252  -0.0205 16 C A "C5'" 
352 C "C4'" . C A 16 ? 0.3885 0.4795 0.5199 -0.0847 0.0190  -0.0159 16 C A "C4'" 
353 O "O4'" . C A 16 ? 0.3868 0.4958 0.5337 -0.0720 0.0097  -0.0148 16 C A "O4'" 
354 C "C3'" . C A 16 ? 0.3535 0.4445 0.4851 -0.0827 0.0291  -0.0129 16 C A "C3'" 
355 O "O3'" . C A 16 ? 0.3928 0.4670 0.5107 -0.0985 0.0367  -0.0133 16 C A "O3'" 
356 C "C2'" . C A 16 ? 0.2742 0.3838 0.4201 -0.0796 0.0208  -0.0082 16 C A "C2'" 
357 O "O2'" . C A 16 ? 0.3618 0.4713 0.5068 -0.0962 0.0130  -0.0050 16 C A "O2'" 
358 C "C1'" . C A 16 ? 0.3622 0.4825 0.5177 -0.0680 0.0112  -0.0106 16 C A "C1'" 
359 N N1    . C A 16 ? 0.3353 0.4644 0.4965 -0.0499 0.0159  -0.0116 16 C A N1    
360 C C2    . C A 16 ? 0.3572 0.5005 0.5290 -0.0429 0.0160  -0.0083 16 C A C2    
361 O O2    . C A 16 ? 0.2614 0.4106 0.4408 -0.0515 0.0120  -0.0039 16 C A O2    
362 N N3    . C A 16 ? 0.3348 0.4854 0.5081 -0.0276 0.0203  -0.0095 16 C A N3    
363 C C4    . C A 16 ? 0.3847 0.5301 0.5506 -0.0198 0.0227  -0.0129 16 C A C4    
364 N N4    . C A 16 ? 0.2749 0.4281 0.4402 -0.0062 0.0257  -0.0133 16 C A N4    
365 C C5    . C A 16 ? 0.2729 0.4054 0.4320 -0.0262 0.0224  -0.0155 16 C A C5    
366 C C6    . C A 16 ? 0.2328 0.3570 0.3891 -0.0410 0.0198  -0.0152 16 C A C6    
367 P P     . C A 17 ? 0.4860 0.5502 0.5998 -0.0965 0.0523  -0.0119 17 C A P     
368 O OP1   . C A 17 ? 0.6643 0.7079 0.7614 -0.1166 0.0580  -0.0145 17 C A OP1   
369 O OP2   . C A 17 ? 0.3500 0.4142 0.4680 -0.0795 0.0605  -0.0125 17 C A OP2   
370 O "O5'" . C A 17 ? 0.4039 0.4852 0.5304 -0.0919 0.0497  -0.0057 17 C A "O5'" 
371 C "C5'" . C A 17 ? 0.2877 0.3745 0.4169 -0.1058 0.0427  -0.0020 17 C A "C5'" 
372 C "C4'" . C A 17 ? 0.4524 0.5594 0.5985 -0.0960 0.0414  0.0040  17 C A "C4'" 
373 O "O4'" . C A 17 ? 0.4133 0.5357 0.5705 -0.0795 0.0351  0.0030  17 C A "O4'" 
374 C "C3'" . C A 17 ? 0.4494 0.5540 0.5957 -0.0876 0.0551  0.0068  17 C A "C3'" 
375 O "O3'" . C A 17 ? 0.3886 0.4822 0.5294 -0.1021 0.0617  0.0094  17 C A "O3'" 
376 C "C2'" . C A 17 ? 0.4038 0.5309 0.5661 -0.0732 0.0521  0.0110  17 C A "C2'" 
377 O "O2'" . C A 17 ? 0.4008 0.5401 0.5752 -0.0820 0.0472  0.0165  17 C A "O2'" 
378 C "C1'" . C A 17 ? 0.3323 0.4665 0.4981 -0.0656 0.0414  0.0064  17 C A "C1'" 
379 N N1    . C A 17 ? 0.3817 0.5142 0.5429 -0.0500 0.0455  0.0028  17 C A N1    
380 C C2    . C A 17 ? 0.4360 0.5820 0.6033 -0.0349 0.0483  0.0047  17 C A C2    
381 O O2    . C A 17 ? 0.2605 0.4186 0.4378 -0.0345 0.0491  0.0090  17 C A O2    
382 N N3    . C A 17 ? 0.2744 0.4200 0.4365 -0.0219 0.0503  0.0021  17 C A N3    
383 C C4    . C A 17 ? 0.4545 0.5885 0.6096 -0.0229 0.0497  -0.0014 17 C A C4    
384 N N4    . C A 17 ? 0.2560 0.3920 0.4083 -0.0106 0.0503  -0.0025 17 C A N4    
385 C C5    . C A 17 ? 0.3758 0.4958 0.5260 -0.0373 0.0488  -0.0036 17 C A C5    
386 C C6    . C A 17 ? 0.3011 0.4201 0.4526 -0.0509 0.0465  -0.0018 17 C A C6    
387 P P     . C A 18 ? 0.4234 0.4972 0.5539 -0.1005 0.0786  0.0090  18 C A P     
388 O OP1   . C A 18 ? 0.5702 0.6241 0.6882 -0.1218 0.0825  0.0069  18 C A OP1   
389 O OP2   . C A 18 ? 0.4345 0.5035 0.5618 -0.0859 0.0827  0.0056  18 C A OP2   
390 O "O5'" . C A 18 ? 0.3923 0.4793 0.5345 -0.0908 0.0849  0.0168  18 C A "O5'" 
391 C "C5'" . C A 18 ? 0.3082 0.4047 0.4591 -0.1010 0.0825  0.0223  18 C A "C5'" 
392 C "C4'" . C A 18 ? 0.5455 0.6610 0.7099 -0.0866 0.0864  0.0292  18 C A "C4'" 
393 O "O4'" . C A 18 ? 0.3401 0.4730 0.5119 -0.0719 0.0784  0.0273  18 C A "O4'" 
394 C "C3'" . C A 18 ? 0.5328 0.6409 0.6926 -0.0750 0.1004  0.0327  18 C A "C3'" 
395 O "O3'" . C A 18 ? 0.5520 0.6475 0.7098 -0.0856 0.1106  0.0373  18 C A "O3'" 
396 C "C2'" . C A 18 ? 0.3946 0.5257 0.5647 -0.0583 0.0995  0.0369  18 C A "C2'" 
397 O "O2'" . C A 18 ? 0.3445 0.4892 0.5274 -0.0633 0.1011  0.0436  18 C A "O2'" 
398 C "C1'" . C A 18 ? 0.3725 0.5140 0.5462 -0.0549 0.0861  0.0306  18 C A "C1'" 
399 N N1    . C A 18 ? 0.2931 0.4301 0.4582 -0.0424 0.0849  0.0255  18 C A N1    
400 C C2    . C A 18 ? 0.5055 0.6542 0.6709 -0.0254 0.0872  0.0271  18 C A C2    
401 O O2    . C A 18 ? 0.4397 0.6014 0.6117 -0.0210 0.0914  0.0322  18 C A O2    
402 N N3    . C A 18 ? 0.2665 0.4123 0.4246 -0.0151 0.0847  0.0231  18 C A N3    
403 C C4    . C A 18 ? 0.3451 0.4779 0.4982 -0.0201 0.0814  0.0182  18 C A C4    
404 N N4    . C A 18 ? 0.2800 0.4125 0.4289 -0.0097 0.0786  0.0155  18 C A N4    
405 C C5    . C A 18 ? 0.4724 0.5919 0.6238 -0.0367 0.0810  0.0161  18 C A C5    
406 C C6    . C A 18 ? 0.2755 0.3973 0.4318 -0.0478 0.0821  0.0196  18 C A C6    
407 P P     . U A 19 ? 0.4517 0.5239 0.5993 -0.0823 0.1255  0.0385  19 U A P     
408 O OP1   . U A 19 ? 0.5565 0.6161 0.7036 -0.0979 0.1334  0.0420  19 U A OP1   
409 O OP2   . U A 19 ? 0.5385 0.5955 0.6758 -0.0800 0.1253  0.0309  19 U A OP2   
410 O "O5'" . U A 19 ? 0.3697 0.4555 0.5223 -0.0620 0.1312  0.0460  19 U A "O5'" 
411 C "C5'" . U A 19 ? 0.4748 0.5782 0.6370 -0.0588 0.1334  0.0538  19 U A "C5'" 
412 C "C4'" . U A 19 ? 0.5261 0.6446 0.6883 -0.0391 0.1346  0.0577  19 U A "C4'" 
413 O "O4'" . U A 19 ? 0.3729 0.5016 0.5340 -0.0310 0.1232  0.0503  19 U A "O4'" 
414 C "C3'" . U A 19 ? 0.5078 0.6151 0.6622 -0.0283 0.1435  0.0628  19 U A "C3'" 
415 O "O3'" . U A 19 ? 0.4294 0.5309 0.5854 -0.0301 0.1557  0.0728  19 U A "O3'" 
416 C "C2'" . U A 19 ? 0.3968 0.5219 0.5483 -0.0113 0.1376  0.0625  19 U A "C2'" 
417 O "O2'" . U A 19 ? 0.3299 0.4708 0.4837 -0.0052 0.1422  0.0697  19 U A "O2'" 
418 C "C1'" . U A 19 ? 0.3701 0.5040 0.5250 -0.0145 0.1247  0.0524  19 U A "C1'" 
419 N N1    . U A 19 ? 0.3002 0.4268 0.4496 -0.0108 0.1179  0.0452  19 U A N1    
420 C C2    . U A 19 ? 0.2956 0.4322 0.4405 0.0038  0.1136  0.0449  19 U A C2    
421 O O2    . U A 19 ? 0.3177 0.4670 0.4605 0.0127  0.1158  0.0494  19 U A O2    
422 N N3    . U A 19 ? 0.2900 0.4208 0.4320 0.0067  0.1073  0.0392  19 U A N3    
423 C C4    . U A 19 ? 0.3793 0.4951 0.5220 -0.0031 0.1061  0.0338  19 U A C4    
424 O O4    . U A 19 ? 0.4627 0.5758 0.6041 0.0007  0.1010  0.0295  19 U A O4    
425 C C5    . U A 19 ? 0.2961 0.4006 0.4402 -0.0183 0.1114  0.0338  19 U A C5    
426 C C6    . U A 19 ? 0.3011 0.4116 0.4489 -0.0219 0.1162  0.0395  19 U A C6    
427 O "O5'" . A B 1  ? 0.6437 0.6421 0.7670 -0.0044 -0.1418 -0.0990 1  A B "O5'" 
428 C "C5'" . A B 1  ? 0.5921 0.5516 0.6717 -0.0010 -0.1539 -0.0975 1  A B "C5'" 
429 C "C4'" . A B 1  ? 0.7087 0.6602 0.7532 -0.0047 -0.1430 -0.0868 1  A B "C4'" 
430 O "O4'" . A B 1  ? 0.5603 0.5220 0.6163 -0.0077 -0.1464 -0.0882 1  A B "O4'" 
431 C "C3'" . A B 1  ? 0.7677 0.7442 0.8115 -0.0088 -0.1167 -0.0755 1  A B "C3'" 
432 O "O3'" . A B 1  ? 0.7669 0.7281 0.7871 -0.0065 -0.1084 -0.0708 1  A B "O3'" 
433 C "C2'" . A B 1  ? 0.7404 0.7171 0.7654 -0.0143 -0.1103 -0.0695 1  A B "C2'" 
434 O "O2'" . A B 1  ? 0.7607 0.6978 0.7384 -0.0139 -0.1147 -0.0672 1  A B "O2'" 
435 C "C1'" . A B 1  ? 0.6687 0.6479 0.7153 -0.0142 -0.1263 -0.0781 1  A B "C1'" 
436 N N9    . A B 1  ? 0.5912 0.6113 0.6792 -0.0183 -0.1156 -0.0785 1  A B N9    
437 C C8    . A B 1  ? 0.5482 0.5864 0.6756 -0.0166 -0.1191 -0.0865 1  A B C8    
438 N N7    . A B 1  ? 0.5188 0.5891 0.6725 -0.0219 -0.1058 -0.0849 1  A B N7    
439 C C5    . A B 1  ? 0.4428 0.5191 0.5750 -0.0272 -0.0944 -0.0752 1  A B C5    
440 C C6    . A B 1  ? 0.4259 0.5310 0.5680 -0.0345 -0.0796 -0.0694 1  A B C6    
441 N N6    . A B 1  ? 0.3091 0.4400 0.4828 -0.0378 -0.0731 -0.0721 1  A B N6    
442 N N1    . A B 1  ? 0.5259 0.6310 0.6432 -0.0393 -0.0715 -0.0615 1  A B N1    
443 C C2    . A B 1  ? 0.4534 0.5291 0.5365 -0.0371 -0.0761 -0.0593 1  A B C2    
444 N N3    . A B 1  ? 0.5794 0.6229 0.6457 -0.0303 -0.0894 -0.0637 1  A B N3    
445 C C4    . A B 1  ? 0.5174 0.5637 0.6104 -0.0253 -0.0993 -0.0715 1  A B C4    
446 P P     . G B 2  ? 0.6375 0.6282 0.6735 -0.0067 -0.0852 -0.0627 2  G B P     
447 O OP1   . G B 2  ? 0.6220 0.5879 0.6342 -0.0026 -0.0823 -0.0616 2  G B OP1   
448 O OP2   . G B 2  ? 0.5992 0.6232 0.6790 -0.0078 -0.0827 -0.0661 2  G B OP2   
449 O "O5'" . G B 2  ? 0.6535 0.6588 0.6767 -0.0115 -0.0686 -0.0526 2  G B "O5'" 
450 C "C5'" . G B 2  ? 0.7041 0.6809 0.6866 -0.0134 -0.0665 -0.0493 2  G B "C5'" 
451 C "C4'" . G B 2  ? 0.7086 0.7082 0.6906 -0.0195 -0.0499 -0.0416 2  G B "C4'" 
452 O "O4'" . G B 2  ? 0.6710 0.6833 0.6668 -0.0244 -0.0575 -0.0445 2  G B "O4'" 
453 C "C3'" . G B 2  ? 0.6016 0.6417 0.6112 -0.0187 -0.0319 -0.0343 2  G B "C3'" 
454 O "O3'" . G B 2  ? 0.5978 0.6319 0.5938 -0.0149 -0.0180 -0.0290 2  G B "O3'" 
455 C "C2'" . G B 2  ? 0.6736 0.7388 0.6909 -0.0265 -0.0250 -0.0307 2  G B "C2'" 
456 O "O2'" . G B 2  ? 0.6553 0.7075 0.6442 -0.0307 -0.0145 -0.0271 2  G B "O2'" 
457 C "C1'" . G B 2  ? 0.6070 0.6587 0.6248 -0.0293 -0.0427 -0.0385 2  G B "C1'" 
458 N N9    . G B 2  ? 0.4667 0.5448 0.5217 -0.0286 -0.0473 -0.0418 2  G B N9    
459 C C8    . G B 2  ? 0.4185 0.4915 0.4917 -0.0238 -0.0584 -0.0490 2  G B C8    
460 N N7    . G B 2  ? 0.3983 0.4988 0.5036 -0.0258 -0.0562 -0.0508 2  G B N7    
461 C C5    . G B 2  ? 0.4375 0.5622 0.5444 -0.0321 -0.0447 -0.0440 2  G B C5    
462 C C6    . G B 2  ? 0.3801 0.5365 0.5107 -0.0375 -0.0378 -0.0423 2  G B C6    
463 O O6    . G B 2  ? 0.3159 0.4849 0.4713 -0.0382 -0.0387 -0.0465 2  G B O6    
464 N N1    . G B 2  ? 0.2563 0.4291 0.3782 -0.0436 -0.0281 -0.0352 2  G B N1    
465 C C2    . G B 2  ? 0.3515 0.5132 0.4482 -0.0449 -0.0237 -0.0311 2  G B C2    
466 N N2    . G B 2  ? 0.4222 0.6056 0.5179 -0.0521 -0.0138 -0.0259 2  G B N2    
467 N N3    . G B 2  ? 0.3131 0.4430 0.3860 -0.0404 -0.0281 -0.0327 2  G B N3    
468 C C4    . G B 2  ? 0.3168 0.4296 0.3952 -0.0339 -0.0393 -0.0388 2  G B C4    
469 P P     . A B 3  ? 0.6445 0.7066 0.6667 -0.0087 -0.0055 -0.0234 3  A B P     
470 O OP1   . A B 3  ? 0.7679 0.8109 0.7670 -0.0046 0.0067  -0.0200 3  A B OP1   
471 O OP2   . A B 3  ? 0.6574 0.7255 0.7034 -0.0058 -0.0151 -0.0284 3  A B OP2   
472 O "O5'" . A B 3  ? 0.4960 0.6002 0.5399 -0.0126 0.0061  -0.0164 3  A B "O5'" 
473 C "C5'" . A B 3  ? 0.4258 0.5345 0.4565 -0.0170 0.0176  -0.0123 3  A B "C5'" 
474 C "C4'" . A B 3  ? 0.4815 0.6314 0.5361 -0.0218 0.0238  -0.0076 3  A B "C4'" 
475 O "O4'" . A B 3  ? 0.6824 0.8353 0.7429 -0.0288 0.0117  -0.0124 3  A B "O4'" 
476 C "C3'" . A B 3  ? 0.4594 0.6427 0.5434 -0.0160 0.0288  -0.0017 3  A B "C3'" 
477 O "O3'" . A B 3  ? 0.3462 0.5390 0.4330 -0.0088 0.0426  0.0047  3  A B "O3'" 
478 C "C2'" . A B 3  ? 0.3744 0.5887 0.4753 -0.0241 0.0273  -0.0004 3  A B "C2'" 
479 O "O2'" . A B 3  ? 0.3101 0.5404 0.4086 -0.0289 0.0376  0.0029  3  A B "O2'" 
480 C "C1'" . A B 3  ? 0.5670 0.7580 0.6554 -0.0308 0.0144  -0.0086 3  A B "C1'" 
481 N N9    . A B 3  ? 0.4708 0.6618 0.5752 -0.0291 0.0041  -0.0130 3  A B N9    
482 C C8    . A B 3  ? 0.4019 0.5676 0.5037 -0.0244 -0.0056 -0.0195 3  A B C8    
483 N N7    . A B 3  ? 0.4038 0.5794 0.5270 -0.0250 -0.0108 -0.0232 3  A B N7    
484 C C5    . A B 3  ? 0.3614 0.5682 0.4983 -0.0302 -0.0044 -0.0183 3  A B C5    
485 C C6    . A B 3  ? 0.1582 0.3850 0.3154 -0.0342 -0.0043 -0.0192 3  A B C6    
486 N N6    . A B 3  ? 0.3233 0.5429 0.4946 -0.0335 -0.0095 -0.0263 3  A B N6    
487 N N1    . A B 3  ? 0.1984 0.4524 0.3611 -0.0396 0.0018  -0.0133 3  A B N1    
488 C C2    . A B 3  ? 0.2506 0.5146 0.4035 -0.0410 0.0075  -0.0076 3  A B C2    
489 N N3    . A B 3  ? 0.3864 0.6343 0.5223 -0.0381 0.0100  -0.0069 3  A B N3    
490 C C4    . A B 3  ? 0.4150 0.6328 0.5415 -0.0326 0.0038  -0.0120 3  A B C4    
491 P P     . G B 4  ? 0.4972 0.7006 0.6011 0.0021  0.0460  0.0096  4  G B P     
492 O OP1   . G B 4  ? 0.6113 0.8191 0.7142 0.0098  0.0607  0.0154  4  G B OP1   
493 O OP2   . G B 4  ? 0.4765 0.6554 0.5765 0.0039  0.0358  0.0036  4  G B OP2   
494 O "O5'" . G B 4  ? 0.4934 0.7355 0.6231 -0.0002 0.0444  0.0144  4  G B "O5'" 
495 C "C5'" . G B 4  ? 0.3656 0.6393 0.5066 -0.0026 0.0510  0.0196  4  G B "C5'" 
496 C "C4'" . G B 4  ? 0.3364 0.6399 0.4961 -0.0061 0.0459  0.0226  4  G B "C4'" 
497 O "O4'" . G B 4  ? 0.3064 0.6015 0.4620 -0.0164 0.0359  0.0157  4  G B "O4'" 
498 C "C3'" . G B 4  ? 0.1631 0.4702 0.3327 0.0022  0.0449  0.0271  4  G B "C3'" 
499 O "O3'" . G B 4  ? 0.3166 0.6412 0.4957 0.0128  0.0526  0.0356  4  G B "O3'" 
500 C "C2'" . G B 4  ? 0.3420 0.6656 0.5205 -0.0064 0.0376  0.0259  4  G B "C2'" 
501 O "O2'" . G B 4  ? 0.1663 0.5232 0.3555 -0.0091 0.0390  0.0316  4  G B "O2'" 
502 C "C1'" . G B 4  ? 0.2373 0.5438 0.4055 -0.0169 0.0314  0.0168  4  G B "C1'" 
503 N N9    . G B 4  ? 0.2511 0.5304 0.4154 -0.0163 0.0251  0.0096  4  G B N9    
504 C C8    . G B 4  ? 0.2763 0.5249 0.4273 -0.0137 0.0220  0.0037  4  G B C8    
505 N N7    . G B 4  ? 0.2925 0.5253 0.4476 -0.0139 0.0152  -0.0031 4  G B N7    
506 C C5    . G B 4  ? 0.2097 0.4626 0.3805 -0.0172 0.0162  -0.0015 4  G B C5    
507 C C6    . G B 4  ? 0.2036 0.4520 0.3864 -0.0198 0.0132  -0.0075 4  G B C6    
508 O O6    . G B 4  ? 0.2911 0.5197 0.4773 -0.0196 0.0080  -0.0163 4  G B O6    
509 N N1    . G B 4  ? 0.1742 0.4440 0.3657 -0.0238 0.0171  -0.0032 4  G B N1    
510 C C2    . G B 4  ? 0.3185 0.6127 0.5088 -0.0246 0.0207  0.0058  4  G B C2    
511 N N2    . G B 4  ? 0.2335 0.5429 0.4295 -0.0290 0.0225  0.0087  4  G B N2    
512 N N3    . G B 4  ? 0.3004 0.6029 0.4845 -0.0219 0.0227  0.0108  4  G B N3    
513 C C4    . G B 4  ? 0.1880 0.4683 0.3624 -0.0185 0.0213  0.0067  4  G B C4    
514 P P     . A B 5  ? 0.3637 0.6750 0.5427 0.0256  0.0564  0.0402  5  A B P     
515 O OP1   . A B 5  ? 0.4579 0.7893 0.6474 0.0369  0.0644  0.0490  5  A B OP1   
516 O OP2   . A B 5  ? 0.3570 0.6315 0.5207 0.0262  0.0561  0.0332  5  A B OP2   
517 O "O5'" . A B 5  ? 0.2975 0.6173 0.4829 0.0227  0.0499  0.0418  5  A B "O5'" 
518 C "C5'" . A B 5  ? 0.3309 0.6821 0.5272 0.0213  0.0473  0.0480  5  A B "C5'" 
519 C "C4'" . A B 5  ? 0.1574 0.5074 0.3529 0.0155  0.0420  0.0474  5  A B "C4'" 
520 O "O4'" . A B 5  ? 0.2694 0.6054 0.4613 0.0034  0.0373  0.0369  5  A B "O4'" 
521 C "C3'" . A B 5  ? 0.2200 0.5498 0.4100 0.0232  0.0454  0.0497  5  A B "C3'" 
522 O "O3'" . A B 5  ? 0.4064 0.7482 0.5982 0.0347  0.0479  0.0607  5  A B "O3'" 
523 C "C2'" . A B 5  ? 0.1546 0.4781 0.3432 0.0116  0.0414  0.0435  5  A B "C2'" 
524 O "O2'" . A B 5  ? 0.2349 0.5806 0.4250 0.0079  0.0379  0.0494  5  A B "O2'" 
525 C "C1'" . A B 5  ? 0.3398 0.6613 0.5303 0.0011  0.0367  0.0338  5  A B "C1'" 
526 N N9    . A B 5  ? 0.2947 0.5877 0.4819 0.0007  0.0363  0.0245  5  A B N9    
527 C C8    . A B 5  ? 0.2117 0.4889 0.3927 0.0050  0.0368  0.0216  5  A B C8    
528 N N7    . A B 5  ? 0.2290 0.4816 0.4078 0.0033  0.0338  0.0124  5  A B N7    
529 C C5    . A B 5  ? 0.2587 0.5126 0.4461 -0.0026 0.0328  0.0087  5  A B C5    
530 C C6    . A B 5  ? 0.1543 0.3910 0.3485 -0.0073 0.0305  -0.0020 5  A B C6    
531 N N6    . A B 5  ? 0.1685 0.3834 0.3621 -0.0062 0.0259  -0.0107 5  A B N6    
532 N N1    . A B 5  ? 0.2320 0.4745 0.4344 -0.0139 0.0331  -0.0041 5  A B N1    
533 C C2    . A B 5  ? 0.2302 0.4921 0.4298 -0.0154 0.0361  0.0045  5  A B C2    
534 N N3    . A B 5  ? 0.3112 0.5918 0.5051 -0.0110 0.0362  0.0151  5  A B N3    
535 C C4    . A B 5  ? 0.2792 0.5559 0.4694 -0.0046 0.0350  0.0162  5  A B C4    
536 P P     . A B 6  ? 0.4080 0.7260 0.5916 0.0477  0.0550  0.0655  6  A B P     
537 O OP1   . A B 6  ? 0.6073 0.9428 0.7949 0.0612  0.0557  0.0776  6  A B OP1   
538 O OP2   . A B 6  ? 0.3424 0.6346 0.5211 0.0497  0.0605  0.0588  6  A B OP2   
539 O "O5'" . A B 6  ? 0.4278 0.7305 0.6029 0.0403  0.0542  0.0630  6  A B "O5'" 
540 C "C5'" . A B 6  ? 0.3228 0.6414 0.4962 0.0348  0.0491  0.0671  6  A B "C5'" 
541 C "C4'" . A B 6  ? 0.4781 0.7760 0.6429 0.0249  0.0516  0.0609  6  A B "C4'" 
542 O "O4'" . A B 6  ? 0.4644 0.7585 0.6372 0.0121  0.0496  0.0481  6  A B "O4'" 
543 C "C3'" . A B 6  ? 0.5219 0.7884 0.6774 0.0304  0.0607  0.0599  6  A B "C3'" 
544 O "O3'" . A B 6  ? 0.5395 0.7994 0.6814 0.0407  0.0639  0.0713  6  A B "O3'" 
545 C "C2'" . A B 6  ? 0.4151 0.6670 0.5719 0.0157  0.0629  0.0478  6  A B "C2'" 
546 O "O2'" . A B 6  ? 0.4461 0.7021 0.5939 0.0086  0.0626  0.0509  6  A B "O2'" 
547 C "C1'" . A B 6  ? 0.3615 0.6292 0.5320 0.0077  0.0555  0.0397  6  A B "C1'" 
548 N N9    . A B 6  ? 0.4677 0.7217 0.6441 0.0101  0.0556  0.0321  6  A B N9    
549 C C8    . A B 6  ? 0.3120 0.5693 0.4884 0.0189  0.0546  0.0355  6  A B C8    
550 N N7    . A B 6  ? 0.2809 0.5196 0.4584 0.0184  0.0542  0.0267  6  A B N7    
551 C C5    . A B 6  ? 0.4068 0.6324 0.5895 0.0091  0.0542  0.0165  6  A B C5    
552 C C6    . A B 6  ? 0.2688 0.4748 0.4580 0.0043  0.0522  0.0035  6  A B C6    
553 N N6    . A B 6  ? 0.4022 0.5947 0.5886 0.0081  0.0485  -0.0009 6  A B N6    
554 N N1    . A B 6  ? 0.3301 0.5300 0.5290 -0.0050 0.0540  -0.0057 6  A B N1    
555 C C2    . A B 6  ? 0.2948 0.5040 0.4921 -0.0098 0.0588  -0.0016 6  A B C2    
556 N N3    . A B 6  ? 0.4321 0.6572 0.6191 -0.0061 0.0597  0.0111  6  A B N3    
557 C C4    . A B 6  ? 0.3015 0.5358 0.4837 0.0038  0.0567  0.0196  6  A B C4    
558 P P     . C B 7  ? 0.5659 0.8006 0.6990 0.0549  0.0729  0.0761  7  C B P     
559 O OP1   . C B 7  ? 0.5777 0.8154 0.6985 0.0673  0.0715  0.0904  7  C B OP1   
560 O OP2   . C B 7  ? 0.4116 0.6461 0.5548 0.0604  0.0746  0.0722  7  C B OP2   
561 O "O5'" . C B 7  ? 0.5487 0.7509 0.6731 0.0455  0.0821  0.0665  7  C B "O5'" 
562 C "C5'" . C B 7  ? 0.3937 0.5870 0.5065 0.0359  0.0846  0.0658  7  C B "C5'" 
563 C "C4'" . C B 7  ? 0.5080 0.6785 0.6243 0.0229  0.0931  0.0514  7  C B "C4'" 
564 O "O4'" . C B 7  ? 0.3713 0.5562 0.5090 0.0134  0.0868  0.0391  7  C B "O4'" 
565 C "C3'" . C B 7  ? 0.4588 0.6007 0.5715 0.0278  0.1033  0.0474  7  C B "C3'" 
566 O "O3'" . C B 7  ? 0.4898 0.6060 0.5796 0.0330  0.1135  0.0549  7  C B "O3'" 
567 C "C2'" . C B 7  ? 0.5212 0.6561 0.6507 0.0128  0.1055  0.0295  7  C B "C2'" 
568 O "O2'" . C B 7  ? 0.3323 0.4556 0.4562 0.0006  0.1135  0.0245  7  C B "O2'" 
569 C "C1'" . C B 7  ? 0.4377 0.6022 0.5841 0.0085  0.0925  0.0263  7  C B "C1'" 
570 N N1    . C B 7  ? 0.3759 0.5451 0.5321 0.0146  0.0861  0.0236  7  C B N1    
571 C C2    . C B 7  ? 0.3952 0.5509 0.5635 0.0087  0.0858  0.0094  7  C B C2    
572 O O2    . C B 7  ? 0.4185 0.5615 0.5935 -0.0011 0.0915  -0.0010 7  C B O2    
573 N N3    . C B 7  ? 0.4008 0.5565 0.5729 0.0136  0.0793  0.0069  7  C B N3    
574 C C4    . C B 7  ? 0.3196 0.4885 0.4853 0.0233  0.0758  0.0173  7  C B C4    
575 N N4    . C B 7  ? 0.2544 0.4190 0.4201 0.0269  0.0714  0.0142  7  C B N4    
576 C C5    . C B 7  ? 0.3588 0.5454 0.5176 0.0294  0.0769  0.0309  7  C B C5    
577 C C6    . C B 7  ? 0.3448 0.5308 0.4985 0.0252  0.0807  0.0338  7  C B C6    
578 P P     . C B 8  ? 0.5363 0.6332 0.6138 0.0497  0.1197  0.0637  8  C B P     
579 O OP1   . C B 8  ? 0.6246 0.6968 0.6740 0.0546  0.1277  0.0737  8  C B OP1   
580 O OP2   . C B 8  ? 0.5084 0.6302 0.5963 0.0625  0.1103  0.0710  8  C B OP2   
581 O "O5'" . C B 8  ? 0.5010 0.5750 0.5868 0.0427  0.1284  0.0489  8  C B "O5'" 
582 C "C5'" . C B 8  ? 0.3575 0.4117 0.4434 0.0276  0.1380  0.0368  8  C B "C5'" 
583 C "C4'" . C B 8  ? 0.4839 0.5324 0.5903 0.0194  0.1388  0.0200  8  C B "C4'" 
584 O "O4'" . C B 8  ? 0.4416 0.5184 0.5703 0.0150  0.1247  0.0136  8  C B "O4'" 
585 C "C3'" . C B 8  ? 0.6087 0.6412 0.7108 0.0296  0.1417  0.0207  8  C B "C3'" 
586 O "O3'" . C B 8  ? 0.6135 0.6119 0.6982 0.0300  0.1571  0.0205  8  C B "O3'" 
587 C "C2'" . C B 8  ? 0.4142 0.4547 0.5399 0.0211  0.1333  0.0050  8  C B "C2'" 
588 O "O2'" . C B 8  ? 0.4625 0.4876 0.5993 0.0071  0.1404  -0.0108 8  C B "O2'" 
589 C "C1'" . C B 8  ? 0.3648 0.4374 0.5042 0.0170  0.1204  0.0056  8  C B "C1'" 
590 N N1    . C B 8  ? 0.4329 0.5240 0.5710 0.0282  0.1106  0.0149  8  C B N1    
591 C C2    . C B 8  ? 0.5277 0.6190 0.6750 0.0281  0.1029  0.0069  8  C B C2    
592 O O2    . C B 8  ? 0.3554 0.4338 0.5131 0.0193  0.1021  -0.0075 8  C B O2    
593 N N3    . C B 8  ? 0.5318 0.6363 0.6760 0.0370  0.0966  0.0143  8  C B N3    
594 C C4    . C B 8  ? 0.4918 0.6129 0.6294 0.0461  0.0973  0.0285  8  C B C4    
595 N N4    . C B 8  ? 0.3843 0.5192 0.5223 0.0537  0.0928  0.0340  8  C B N4    
596 C C5    . C B 8  ? 0.4824 0.6058 0.6124 0.0476  0.1024  0.0372  8  C B C5    
597 C C6    . C B 8  ? 0.4502 0.5562 0.5779 0.0383  0.1092  0.0304  8  C B C6    
598 P P     . C B 9  ? 0.6175 0.5939 0.6857 0.0448  0.1638  0.0282  9  C B P     
599 O OP1   . C B 9  ? 0.7616 0.7018 0.8083 0.0424  0.1808  0.0287  9  C B OP1   
600 O OP2   . C B 9  ? 0.5324 0.5280 0.5955 0.0617  0.1558  0.0440  9  C B OP2   
601 O "O5'" . C B 9  ? 0.5603 0.5327 0.6452 0.0391  0.1603  0.0131  9  C B "O5'" 
602 C "C5'" . C B 9  ? 0.4658 0.4205 0.5605 0.0244  0.1670  -0.0039 9  C B "C5'" 
603 C "C4'" . C B 9  ? 0.5435 0.5013 0.6555 0.0201  0.1572  -0.0174 9  C B "C4'" 
604 O "O4'" . C B 9  ? 0.5233 0.5123 0.6526 0.0189  0.1402  -0.0188 9  C B "O4'" 
605 C "C3'" . C B 9  ? 0.6593 0.6021 0.7569 0.0318  0.1581  -0.0126 9  C B "C3'" 
606 O "O3'" . C B 9  ? 0.6993 0.6080 0.7828 0.0310  0.1729  -0.0161 9  C B "O3'" 
607 C "C2'" . C B 9  ? 0.5115 0.4674 0.6261 0.0271  0.1420  -0.0238 9  C B "C2'" 
608 O "O2'" . C B 9  ? 0.6016 0.5453 0.7312 0.0137  0.1408  -0.0425 9  C B "O2'" 
609 C "C1'" . C B 9  ? 0.5685 0.5569 0.6987 0.0236  0.1308  -0.0218 9  C B "C1'" 
610 N N1    . C B 9  ? 0.5055 0.5126 0.6276 0.0358  0.1247  -0.0074 9  C B N1    
611 C C2    . C B 9  ? 0.4849 0.4992 0.6104 0.0374  0.1127  -0.0109 9  C B C2    
612 O O2    . C B 9  ? 0.4471 0.4513 0.5808 0.0293  0.1057  -0.0251 9  C B O2    
613 N N3    . C B 9  ? 0.3400 0.3705 0.4594 0.0470  0.1092  0.0006  9  C B N3    
614 C C4    . C B 9  ? 0.4960 0.5388 0.6099 0.0559  0.1150  0.0149  9  C B C4    
615 N N4    . C B 9  ? 0.3359 0.3975 0.4484 0.0647  0.1116  0.0246  9  C B N4    
616 C C5    . C B 9  ? 0.5498 0.5848 0.6583 0.0558  0.1248  0.0197  9  C B C5    
617 C C6    . C B 9  ? 0.4267 0.4421 0.5377 0.0454  0.1304  0.0084  9  C B C6    
618 P P     A G B 10 ? 0.7461 0.6326 0.8031 0.0476  0.1824  -0.0030 10 G B P     
619 P P     B G B 10 ? 0.7764 0.6629 0.8344 0.0471  0.1816  -0.0041 10 G B P     
620 O OP1   A G B 10 ? 0.8241 0.6736 0.8661 0.0435  0.1997  -0.0076 10 G B OP1   
621 O OP1   B G B 10 ? 0.8397 0.6925 0.8782 0.0471  0.2003  -0.0021 10 G B OP1   
622 O OP2   A G B 10 ? 0.7034 0.6082 0.7521 0.0626  0.1799  0.0157  10 G B OP2   
623 O OP2   B G B 10 ? 0.6195 0.5293 0.6739 0.0622  0.1745  0.0120  10 G B OP2   
624 O "O5'" A G B 10 ? 0.6528 0.5399 0.7138 0.0492  0.1724  -0.0098 10 G B "O5'" 
625 O "O5'" B G B 10 ? 0.6854 0.5617 0.7480 0.0429  0.1753  -0.0171 10 G B "O5'" 
626 C "C5'" A G B 10 ? 0.6137 0.4802 0.6782 0.0386  0.1723  -0.0264 10 G B "C5'" 
627 C "C5'" B G B 10 ? 0.5534 0.4403 0.6129 0.0521  0.1657  -0.0121 10 G B "C5'" 
628 C "C4'" A G B 10 ? 0.5784 0.4511 0.6463 0.0388  0.1575  -0.0323 10 G B "C4'" 
629 C "C4'" B G B 10 ? 0.5971 0.4849 0.6682 0.0420  0.1516  -0.0279 10 G B "C4'" 
630 O "O4'" A G B 10 ? 0.5509 0.4568 0.6369 0.0364  0.1415  -0.0322 10 G B "O4'" 
631 O "O4'" B G B 10 ? 0.5518 0.4715 0.6401 0.0393  0.1354  -0.0284 10 G B "O4'" 
632 C "C3'" A G B 10 ? 0.5706 0.4341 0.6172 0.0537  0.1612  -0.0208 10 G B "C3'" 
633 C "C3'" B G B 10 ? 0.5569 0.4265 0.6102 0.0490  0.1512  -0.0272 10 G B "C3'" 
634 O "O3'" A G B 10 ? 0.5765 0.4044 0.6037 0.0555  0.1732  -0.0238 10 G B "O3'" 
635 O "O3'" B G B 10 ? 0.5977 0.4335 0.6386 0.0452  0.1614  -0.0353 10 G B "O3'" 
636 C "C2'" A G B 10 ? 0.5206 0.4005 0.5746 0.0511  0.1434  -0.0259 10 G B "C2'" 
637 C "C2'" B G B 10 ? 0.4842 0.3677 0.5484 0.0422  0.1315  -0.0368 10 G B "C2'" 
638 O "O2'" A G B 10 ? 0.4647 0.3265 0.5193 0.0406  0.1351  -0.0423 10 G B "O2'" 
639 O "O2'" B G B 10 ? 0.6143 0.4863 0.6898 0.0287  0.1237  -0.0550 10 G B "O2'" 
640 C "C1'" A G B 10 ? 0.5557 0.4674 0.6333 0.0442  0.1329  -0.0273 10 G B "C1'" 
641 C "C1'" B G B 10 ? 0.5615 0.4799 0.6449 0.0409  0.1239  -0.0320 10 G B "C1'" 
642 N N9    A G B 10 ? 0.5098 0.4465 0.5869 0.0545  0.1334  -0.0116 10 G B N9    
643 N N9    B G B 10 ? 0.5581 0.4952 0.6348 0.0523  0.1229  -0.0175 10 G B N9    
644 C C8    A G B 10 ? 0.4560 0.4054 0.5351 0.0590  0.1405  -0.0007 10 G B C8    
645 C C8    B G B 10 ? 0.5277 0.4676 0.5972 0.0551  0.1143  -0.0170 10 G B C8    
646 N N7    A G B 10 ? 0.4485 0.4215 0.5284 0.0680  0.1370  0.0114  10 G B N7    
647 N N7    B G B 10 ? 0.5241 0.4832 0.5918 0.0647  0.1172  -0.0040 10 G B N7    
648 C C5    A G B 10 ? 0.4750 0.4501 0.5530 0.0691  0.1293  0.0081  10 G B C5    
649 C C5    B G B 10 ? 0.5291 0.4988 0.6024 0.0695  0.1261  0.0053  10 G B C5    
650 C C6    A G B 10 ? 0.4805 0.4760 0.5590 0.0760  0.1246  0.0159  10 G B C6    
651 C C6    B G B 10 ? 0.5446 0.5367 0.6202 0.0802  0.1305  0.0202  10 G B C6    
652 O O6    A G B 10 ? 0.4735 0.4937 0.5578 0.0830  0.1250  0.0272  10 G B O6    
653 O O6    B G B 10 ? 0.4759 0.4860 0.5527 0.0871  0.1286  0.0276  10 G B O6    
654 N N1    A G B 10 ? 0.4935 0.4773 0.5640 0.0733  0.1190  0.0086  10 G B N1    
655 N N1    B G B 10 ? 0.4124 0.4039 0.4886 0.0820  0.1377  0.0260  10 G B N1    
656 C C2    A G B 10 ? 0.5118 0.4684 0.5747 0.0657  0.1157  -0.0043 10 G B C2    
657 C C2    B G B 10 ? 0.4039 0.3749 0.4787 0.0735  0.1428  0.0178  10 G B C2    
658 N N2    A G B 10 ? 0.4387 0.3836 0.4893 0.0642  0.1090  -0.0094 10 G B N2    
659 N N2    B G B 10 ? 0.5678 0.5360 0.6382 0.0758  0.1509  0.0250  10 G B N2    
660 N N3    A G B 10 ? 0.5317 0.4724 0.5978 0.0593  0.1186  -0.0122 10 G B N3    
661 N N3    B G B 10 ? 0.4287 0.3818 0.5055 0.0628  0.1400  0.0029  10 G B N3    
662 C C4    A G B 10 ? 0.5120 0.4630 0.5859 0.0612  0.1265  -0.0054 10 G B C4    
663 C C4    B G B 10 ? 0.4859 0.4397 0.5620 0.0619  0.1306  -0.0025 10 G B C4    
664 P P     A G B 11 ? 0.6454 0.4571 0.6485 0.0720  0.1835  -0.0116 11 G B P     
665 P P     B G B 11 ? 0.6456 0.4524 0.6584 0.0584  0.1787  -0.0248 11 G B P     
666 O OP1   A G B 11 ? 0.7001 0.4717 0.6844 0.0700  0.1970  -0.0176 11 G B OP1   
667 O OP1   B G B 11 ? 0.7172 0.4915 0.7212 0.0512  0.1919  -0.0334 11 G B OP1   
668 O OP2   A G B 11 ? 0.6007 0.4304 0.6031 0.0870  0.1895  0.0066  11 G B OP2   
669 O OP2   B G B 11 ? 0.6729 0.4969 0.6822 0.0739  0.1847  -0.0059 11 G B OP2   
670 O "O5'" A G B 11 ? 0.6525 0.4716 0.6547 0.0707  0.1695  -0.0164 11 G B "O5'" 
671 O "O5'" B G B 11 ? 0.6709 0.4678 0.6715 0.0601  0.1706  -0.0291 11 G B "O5'" 
672 C "C5'" A G B 11 ? 0.5876 0.3885 0.5863 0.0589  0.1599  -0.0325 11 G B "C5'" 
673 C "C5'" B G B 11 ? 0.6000 0.4152 0.5977 0.0703  0.1661  -0.0187 11 G B "C5'" 
674 C "C4'" A G B 11 ? 0.6794 0.4844 0.6700 0.0603  0.1479  -0.0333 11 G B "C4'" 
675 C "C4'" B G B 11 ? 0.6694 0.4793 0.6606 0.0644  0.1522  -0.0280 11 G B "C4'" 
676 O "O4'" A G B 11 ? 0.7728 0.6137 0.7826 0.0593  0.1350  -0.0298 11 G B "O4'" 
677 O "O4'" B G B 11 ? 0.7751 0.6176 0.7849 0.0603  0.1356  -0.0286 11 G B "O4'" 
678 C "C3'" A G B 11 ? 0.6920 0.4865 0.6614 0.0742  0.1607  -0.0215 11 G B "C3'" 
679 C "C3'" B G B 11 ? 0.6895 0.4861 0.6580 0.0755  0.1604  -0.0202 11 G B "C3'" 
680 O "O3'" A G B 11 ? 0.7997 0.5553 0.7440 0.0741  0.1699  -0.0267 11 G B "O3'" 
681 O "O3'" B G B 11 ? 0.7961 0.5534 0.7410 0.0746  0.1698  -0.0262 11 G B "O3'" 
682 C "C2'" A G B 11 ? 0.6551 0.4693 0.6265 0.0741  0.1480  -0.0201 11 G B "C2'" 
683 C "C2'" B G B 11 ? 0.6776 0.4893 0.6476 0.0712  0.1439  -0.0234 11 G B "C2'" 
684 O "O2'" A G B 11 ? 0.7478 0.5405 0.7045 0.0646  0.1353  -0.0328 11 G B "O2'" 
685 O "O2'" B G B 11 ? 0.7889 0.5773 0.7475 0.0600  0.1308  -0.0382 11 G B "O2'" 
686 C "C1'" A G B 11 ? 0.6862 0.5351 0.6857 0.0682  0.1356  -0.0206 11 G B "C1'" 
687 C "C1'" B G B 11 ? 0.6741 0.5218 0.6727 0.0664  0.1327  -0.0227 11 G B "C1'" 
688 N N9    A G B 11 ? 0.6058 0.4818 0.6162 0.0788  0.1439  -0.0056 11 G B N9    
689 N N9    B G B 11 ? 0.5829 0.4589 0.5915 0.0774  0.1402  -0.0074 11 G B N9    
690 C C8    A G B 11 ? 0.5652 0.4510 0.5866 0.0817  0.1510  0.0006  11 G B C8    
691 C C8    B G B 11 ? 0.5827 0.4729 0.6045 0.0809  0.1468  -0.0003 11 G B C8    
692 N N7    A G B 11 ? 0.5672 0.4771 0.5951 0.0924  0.1548  0.0142  11 G B N7    
693 N N7    B G B 11 ? 0.5876 0.5023 0.6159 0.0910  0.1504  0.0129  11 G B N7    
694 C C5    A G B 11 ? 0.5665 0.4844 0.5902 0.0962  0.1519  0.0164  11 G B C5    
695 C C5    B G B 11 ? 0.5725 0.4915 0.5945 0.0939  0.1478  0.0140  11 G B C5    
696 C C6    A G B 11 ? 0.5450 0.4892 0.5758 0.1061  0.1541  0.0277  11 G B C6    
697 C C6    B G B 11 ? 0.5543 0.4987 0.5826 0.1031  0.1503  0.0245  11 G B C6    
698 O O6    A G B 11 ? 0.5387 0.5062 0.5813 0.1148  0.1571  0.0388  11 G B O6    
699 O O6    B G B 11 ? 0.5200 0.4897 0.5618 0.1113  0.1532  0.0355  11 G B O6    
700 N N1    A G B 11 ? 0.5763 0.5169 0.5981 0.1049  0.1523  0.0245  11 G B N1    
701 N N1    B G B 11 ? 0.5378 0.4747 0.5545 0.1015  0.1490  0.0209  11 G B N1    
702 C C2    A G B 11 ? 0.5411 0.4538 0.5453 0.0960  0.1472  0.0129  11 G B C2    
703 C C2    B G B 11 ? 0.5314 0.4380 0.5289 0.0928  0.1440  0.0094  11 G B C2    
704 N N2    A G B 11 ? 0.5122 0.4212 0.5044 0.0957  0.1471  0.0120  11 G B N2    
705 N N2    B G B 11 ? 0.5422 0.4418 0.5254 0.0922  0.1442  0.0081  11 G B N2    
706 N N3    A G B 11 ? 0.5957 0.4851 0.5938 0.0873  0.1424  0.0026  11 G B N3    
707 N N3    B G B 11 ? 0.5914 0.4755 0.5839 0.0847  0.1389  -0.0007 11 G B N3    
708 C C4    A G B 11 ? 0.5714 0.4664 0.5820 0.0878  0.1457  0.0046  11 G B C4    
709 C C4    B G B 11 ? 0.5560 0.4492 0.5632 0.0856  0.1419  0.0019  11 G B C4    
710 P P     . A B 12 ? 0.5308 0.6385 0.7172 0.0006  -0.0972 -0.1101 12 A B P     
711 O OP1   . A B 12 ? 0.5496 0.6452 0.7532 0.0096  -0.1257 -0.1201 12 A B OP1   
712 O OP2   . A B 12 ? 0.5509 0.6592 0.7331 -0.0214 -0.0842 -0.0959 12 A B OP2   
713 O "O5'" . A B 12 ? 0.6395 0.7385 0.7839 0.0223  -0.0920 -0.1124 12 A B "O5'" 
714 C "C5'" . A B 12 ? 0.5764 0.6702 0.7115 0.0462  -0.1026 -0.1244 12 A B "C5'" 
715 C "C4'" . A B 12 ? 0.5589 0.6443 0.6531 0.0631  -0.0930 -0.1236 12 A B "C4'" 
716 O "O4'" . A B 12 ? 0.6659 0.7669 0.7532 0.0544  -0.0664 -0.1165 12 A B "O4'" 
717 C "C3'" . A B 12 ? 0.3703 0.4414 0.4406 0.0642  -0.0948 -0.1171 12 A B "C3'" 
718 O "O3'" . A B 12 ? 0.5294 0.5798 0.5921 0.0795  -0.1178 -0.1249 12 A B "O3'" 
719 C "C2'" . A B 12 ? 0.3471 0.4208 0.3866 0.0731  -0.0750 -0.1133 12 A B "C2'" 
720 O "O2'" . A B 12 ? 0.4042 0.4681 0.4240 0.0981  -0.0813 -0.1232 12 A B "O2'" 
721 C "C1'" . A B 12 ? 0.6070 0.7012 0.6617 0.0584  -0.0556 -0.1099 12 A B "C1'" 
722 N N9    . A B 12 ? 0.3673 0.4699 0.4250 0.0347  -0.0403 -0.0973 12 A B N9    
723 C C8    . A B 12 ? 0.3693 0.4800 0.4517 0.0116  -0.0382 -0.0912 12 A B C8    
724 N N7    . A B 12 ? 0.5540 0.6680 0.6254 -0.0050 -0.0237 -0.0797 12 A B N7    
725 C C5    . A B 12 ? 0.3693 0.4785 0.4101 0.0081  -0.0167 -0.0784 12 A B C5    
726 C C6    . A B 12 ? 0.4203 0.5302 0.4383 0.0013  -0.0027 -0.0687 12 A B C6    
727 N N6    . A B 12 ? 0.4108 0.5253 0.4288 -0.0213 0.0065  -0.0576 12 A B N6    
728 N N1    . A B 12 ? 0.4659 0.5710 0.4598 0.0187  0.0008  -0.0706 12 A B N1    
729 C C2    . A B 12 ? 0.3580 0.4562 0.3467 0.0418  -0.0078 -0.0811 12 A B C2    
730 N N3    . A B 12 ? 0.4104 0.5058 0.4154 0.0506  -0.0219 -0.0909 12 A B N3    
731 C C4    . A B 12 ? 0.3343 0.4363 0.3667 0.0325  -0.0261 -0.0891 12 A B C4    
732 P P     . G B 13 ? 0.5533 0.5896 0.6154 0.0720  -0.1283 -0.1189 13 G B P     
733 O OP1   . G B 13 ? 0.7058 0.7214 0.7669 0.0879  -0.1540 -0.1307 13 G B OP1   
734 O OP2   . G B 13 ? 0.7423 0.7906 0.8293 0.0443  -0.1209 -0.1080 13 G B OP2   
735 O "O5'" . G B 13 ? 0.5296 0.5612 0.5585 0.0803  -0.1146 -0.1117 13 G B "O5'" 
736 C "C5'" . G B 13 ? 0.4770 0.4985 0.4767 0.1051  -0.1139 -0.1187 13 G B "C5'" 
737 C "C4'" . G B 13 ? 0.4029 0.4280 0.3794 0.1069  -0.0949 -0.1094 13 G B "C4'" 
738 O "O4'" . G B 13 ? 0.5884 0.6336 0.5696 0.0916  -0.0738 -0.1020 13 G B "O4'" 
739 C "C3'" . G B 13 ? 0.4160 0.4363 0.3921 0.0976  -0.0957 -0.0992 13 G B "C3'" 
740 O "O3'" . G B 13 ? 0.6366 0.6362 0.6000 0.1154  -0.1100 -0.1044 13 G B "O3'" 
741 C "C2'" . G B 13 ? 0.5175 0.5511 0.4799 0.0917  -0.0730 -0.0888 13 G B "C2'" 
742 O "O2'" . G B 13 ? 0.4039 0.4308 0.3404 0.1132  -0.0665 -0.0921 13 G B "O2'" 
743 C "C1'" . G B 13 ? 0.4175 0.4679 0.3896 0.0812  -0.0605 -0.0899 13 G B "C1'" 
744 N N9    . G B 13 ? 0.3927 0.4549 0.3851 0.0543  -0.0553 -0.0807 13 G B N9    
745 C C8    . G B 13 ? 0.5122 0.5789 0.5311 0.0408  -0.0625 -0.0827 13 G B C8    
746 N N7    . G B 13 ? 0.4706 0.5463 0.4995 0.0172  -0.0533 -0.0721 13 G B N7    
747 C C5    . G B 13 ? 0.3902 0.4672 0.3977 0.0153  -0.0414 -0.0630 13 G B C5    
748 C C6    . G B 13 ? 0.2907 0.3746 0.2945 -0.0061 -0.0296 -0.0497 13 G B C6    
749 O O6    . G B 13 ? 0.3721 0.4614 0.3893 -0.0274 -0.0261 -0.0433 13 G B O6    
750 N N1    . G B 13 ? 0.2916 0.3753 0.2737 -0.0007 -0.0218 -0.0439 13 G B N1    
751 C C2    . G B 13 ? 0.4311 0.5089 0.3980 0.0229  -0.0233 -0.0500 13 G B C2    
752 N N2    . G B 13 ? 0.4054 0.4854 0.3559 0.0248  -0.0144 -0.0429 13 G B N2    
753 N N3    . G B 13 ? 0.3557 0.4255 0.3227 0.0431  -0.0329 -0.0621 13 G B N3    
754 C C4    . G B 13 ? 0.2769 0.3466 0.2641 0.0379  -0.0422 -0.0681 13 G B C4    
755 P P     . U B 14 ? 0.5088 0.4971 0.4831 0.1065  -0.1226 -0.0980 14 U B P     
756 O OP1   . U B 14 ? 0.6221 0.5863 0.5846 0.1282  -0.1397 -0.1085 14 U B OP1   
757 O OP2   . U B 14 ? 0.6086 0.6058 0.6112 0.0820  -0.1267 -0.0931 14 U B OP2   
758 O "O5'" . U B 14 ? 0.5398 0.5361 0.5031 0.1016  -0.1063 -0.0844 14 U B "O5'" 
759 C "C5'" . U B 14 ? 0.4877 0.4835 0.4274 0.1198  -0.0945 -0.0854 14 U B "C5'" 
760 C "C4'" . U B 14 ? 0.4971 0.5054 0.4340 0.1092  -0.0794 -0.0713 14 U B "C4'" 
761 O "O4'" . U B 14 ? 0.5165 0.5442 0.4589 0.0898  -0.0646 -0.0650 14 U B "O4'" 
762 C "C3'" . U B 14 ? 0.3343 0.3389 0.2839 0.0963  -0.0878 -0.0606 14 U B "C3'" 
763 O "O3'" . U B 14 ? 0.5170 0.5057 0.4605 0.1136  -0.0968 -0.0623 14 U B "O3'" 
764 C "C2'" . U B 14 ? 0.5163 0.5394 0.4655 0.0786  -0.0714 -0.0469 14 U B "C2'" 
765 O "O2'" . U B 14 ? 0.5671 0.5934 0.5017 0.0918  -0.0603 -0.0442 14 U B "O2'" 
766 C "C1'" . U B 14 ? 0.4211 0.4572 0.3700 0.0703  -0.0598 -0.0510 14 U B "C1'" 
767 N N1    . U B 14 ? 0.4394 0.4804 0.4063 0.0474  -0.0636 -0.0473 14 U B N1    
768 C C2    . U B 14 ? 0.4430 0.4943 0.4125 0.0252  -0.0552 -0.0341 14 U B C2    
769 O O2    . U B 14 ? 0.3540 0.4103 0.3128 0.0242  -0.0469 -0.0257 14 U B O2    
770 N N3    . U B 14 ? 0.3420 0.3968 0.3268 0.0044  -0.0567 -0.0308 14 U B N3    
771 C C4    . U B 14 ? 0.3972 0.4485 0.3987 0.0034  -0.0657 -0.0393 14 U B C4    
772 O O4    . U B 14 ? 0.4075 0.4636 0.4234 -0.0172 -0.0642 -0.0343 14 U B O4    
773 C C5    . U B 14 ? 0.4018 0.4432 0.4014 0.0270  -0.0764 -0.0532 14 U B C5    
774 C C6    . U B 14 ? 0.3895 0.4254 0.3703 0.0480  -0.0748 -0.0569 14 U B C6    
775 P P     . U B 15 ? 0.5690 0.5448 0.5277 0.1061  -0.1136 -0.0562 15 U B P     
776 O OP1   . U B 15 ? 0.7121 0.6722 0.6605 0.1295  -0.1183 -0.0603 15 U B OP1   
777 O OP2   . U B 15 ? 0.6221 0.5911 0.5973 0.0937  -0.1281 -0.0603 15 U B OP2   
778 O "O5'" . U B 15 ? 0.5754 0.5669 0.5414 0.0845  -0.1046 -0.0383 15 U B "O5'" 
779 C "C5'" . U B 15 ? 0.4643 0.4649 0.4217 0.0902  -0.0925 -0.0308 15 U B "C5'" 
780 C "C4'" . U B 15 ? 0.5669 0.5817 0.5309 0.0662  -0.0870 -0.0148 15 U B "C4'" 
781 O "O4'" . U B 15 ? 0.4219 0.4499 0.3851 0.0483  -0.0767 -0.0144 15 U B "O4'" 
782 C "C3'" . U B 15 ? 0.3711 0.3766 0.3494 0.0516  -0.1021 -0.0053 15 U B "C3'" 
783 O "O3'" . U B 15 ? 0.4491 0.4463 0.4311 0.0626  -0.1100 0.0002  15 U B "O3'" 
784 C "C2'" . U B 15 ? 0.3637 0.3845 0.3427 0.0248  -0.0933 0.0072  15 U B "C2'" 
785 O "O2'" . U B 15 ? 0.4331 0.4650 0.4064 0.0235  -0.0851 0.0173  15 U B "O2'" 
786 C "C1'" . U B 15 ? 0.5794 0.6110 0.5514 0.0233  -0.0797 -0.0022 15 U B "C1'" 
787 N N1    . U B 15 ? 0.5512 0.5786 0.5336 0.0120  -0.0855 -0.0072 15 U B N1    
788 C C2    . U B 15 ? 0.3345 0.3672 0.3231 -0.0139 -0.0833 0.0032  15 U B C2    
789 O O2    . U B 15 ? 0.3975 0.4360 0.3806 -0.0280 -0.0786 0.0162  15 U B O2    
790 N N3    . U B 15 ? 0.4086 0.4385 0.4099 -0.0232 -0.0873 -0.0020 15 U B N3    
791 C C4    . U B 15 ? 0.4808 0.5045 0.4906 -0.0100 -0.0949 -0.0163 15 U B C4    
792 O O4    . U B 15 ? 0.4875 0.5112 0.5124 -0.0218 -0.0981 -0.0187 15 U B O4    
793 C C5    . U B 15 ? 0.5924 0.6094 0.5918 0.0168  -0.0983 -0.0267 15 U B C5    
794 C C6    . U B 15 ? 0.6267 0.6457 0.6127 0.0268  -0.0925 -0.0219 15 U B C6    
795 P P     . C B 16 ? 0.4794 0.4560 0.4746 0.0617  -0.1305 0.0026  16 C B P     
796 O OP1   . C B 16 ? 0.7364 0.7040 0.7325 0.0824  -0.1349 0.0032  16 C B OP1   
797 O OP2   . C B 16 ? 0.4867 0.4511 0.4857 0.0615  -0.1396 -0.0093 16 C B OP2   
798 O "O5'" . C B 16 ? 0.5123 0.4950 0.5151 0.0335  -0.1329 0.0201  16 C B "O5'" 
799 C "C5'" . C B 16 ? 0.4715 0.4678 0.4718 0.0251  -0.1263 0.0340  16 C B "C5'" 
800 C "C4'" . C B 16 ? 0.5948 0.5944 0.5969 -0.0035 -0.1284 0.0483  16 C B "C4'" 
801 O "O4'" . C B 16 ? 0.4483 0.4593 0.4431 -0.0183 -0.1154 0.0444  16 C B "O4'" 
802 C "C3'" . C B 16 ? 0.5132 0.4942 0.5263 -0.0132 -0.1450 0.0527  16 C B "C3'" 
803 O "O3'" . C B 16 ? 0.6563 0.6252 0.6775 -0.0071 -0.1590 0.0620  16 C B "O3'" 
804 C "C2'" . C B 16 ? 0.3821 0.3707 0.3906 -0.0422 -0.1386 0.0626  16 C B "C2'" 
805 O "O2'" . C B 16 ? 0.3892 0.3852 0.3908 -0.0551 -0.1372 0.0787  16 C B "O2'" 
806 C "C1'" . C B 16 ? 0.5524 0.5575 0.5519 -0.0410 -0.1207 0.0518  16 C B "C1'" 
807 N N1    . C B 16 ? 0.4552 0.4554 0.4620 -0.0404 -0.1214 0.0392  16 C B N1    
808 C C2    . C B 16 ? 0.4196 0.4195 0.4312 -0.0640 -0.1200 0.0448  16 C B C2    
809 O O2    . C B 16 ? 0.3828 0.3844 0.3882 -0.0837 -0.1178 0.0595  16 C B O2    
810 N N3    . C B 16 ? 0.3646 0.3622 0.3873 -0.0653 -0.1207 0.0343  16 C B N3    
811 C C4    . C B 16 ? 0.4096 0.4037 0.4361 -0.0440 -0.1247 0.0185  16 C B C4    
812 N N4    . C B 16 ? 0.4002 0.3930 0.4398 -0.0468 -0.1272 0.0088  16 C B N4    
813 C C5    . C B 16 ? 0.4224 0.4143 0.4398 -0.0193 -0.1264 0.0123  16 C B C5    
814 C C6    . C B 16 ? 0.4148 0.4105 0.4238 -0.0184 -0.1237 0.0231  16 C B C6    
815 P P     . C B 17 ? 0.6000 0.5428 0.6342 -0.0018 -0.1782 0.0595  17 C B P     
816 O OP1   . C B 17 ? 0.7330 0.6674 0.7743 0.0055  -0.1893 0.0707  17 C B OP1   
817 O OP2   . C B 17 ? 0.5379 0.4717 0.5730 0.0166  -0.1797 0.0400  17 C B OP2   
818 O "O5'" . C B 17 ? 0.4278 0.3660 0.4648 -0.0302 -0.1817 0.0687  17 C B "O5'" 
819 C "C5'" . C B 17 ? 0.4733 0.4172 0.5046 -0.0519 -0.1804 0.0871  17 C B "C5'" 
820 C "C4'" . C B 17 ? 0.5463 0.4857 0.5780 -0.0773 -0.1796 0.0925  17 C B "C4'" 
821 O "O4'" . C B 17 ? 0.4214 0.3763 0.4478 -0.0830 -0.1632 0.0823  17 C B "O4'" 
822 C "C3'" . C B 17 ? 0.4916 0.4092 0.5384 -0.0772 -0.1937 0.0883  17 C B "C3'" 
823 O "O3'" . C B 17 ? 0.6739 0.5728 0.7266 -0.0797 -0.2098 0.1015  17 C B "O3'" 
824 C "C2'" . C B 17 ? 0.5205 0.4437 0.5680 -0.0997 -0.1842 0.0882  17 C B "C2'" 
825 O "O2'" . C B 17 ? 0.4760 0.3983 0.5152 -0.1247 -0.1818 0.1066  17 C B "O2'" 
826 C "C1'" . C B 17 ? 0.4914 0.4381 0.5284 -0.0951 -0.1656 0.0786  17 C B "C1'" 
827 N N1    . C B 17 ? 0.4201 0.3675 0.4657 -0.0776 -0.1653 0.0589  17 C B N1    
828 C C2    . C B 17 ? 0.5442 0.4903 0.6022 -0.0888 -0.1645 0.0527  17 C B C2    
829 O O2    . C B 17 ? 0.4311 0.3760 0.4917 -0.1125 -0.1616 0.0641  17 C B O2    
830 N N3    . C B 17 ? 0.4710 0.4172 0.5375 -0.0737 -0.1666 0.0350  17 C B N3    
831 C C4    . C B 17 ? 0.4438 0.3891 0.5032 -0.0482 -0.1688 0.0239  17 C B C4    
832 N N4    . C B 17 ? 0.4082 0.3516 0.4731 -0.0337 -0.1723 0.0066  17 C B N4    
833 C C5    . C B 17 ? 0.4087 0.3549 0.4555 -0.0364 -0.1680 0.0301  17 C B C5    
834 C C6    . C B 17 ? 0.5658 0.5141 0.6080 -0.0517 -0.1666 0.0475  17 C B C6    
835 P P     . C B 18 ? 0.6224 0.4960 0.6905 -0.0615 -0.2283 0.0937  18 C B P     
836 O OP1   . C B 18 ? 0.6602 0.5232 0.7303 -0.0538 -0.2401 0.1062  18 C B OP1   
837 O OP2   . C B 18 ? 0.8099 0.6856 0.8801 -0.0395 -0.2254 0.0722  18 C B OP2   
838 O "O5'" . C B 18 ? 0.5782 0.4355 0.6560 -0.0828 -0.2355 0.0984  18 C B "O5'" 
839 C "C5'" . C B 18 ? 0.5262 0.3853 0.5975 -0.1100 -0.2314 0.1165  18 C B "C5'" 
840 C "C4'" . C B 18 ? 0.6522 0.5100 0.7312 -0.1298 -0.2260 0.1140  18 C B "C4'" 
841 O "O4'" . C B 18 ? 0.6261 0.5069 0.7015 -0.1296 -0.2088 0.1016  18 C B "O4'" 
842 C "C3'" . C B 18 ? 0.7132 0.5509 0.8128 -0.1245 -0.2398 0.1036  18 C B "C3'" 
843 O "O3'" . C B 18 ? 0.8836 0.6958 0.9901 -0.1321 -0.2553 0.1165  18 C B "O3'" 
844 C "C2'" . C B 18 ? 0.7135 0.5636 0.8209 -0.1407 -0.2274 0.0970  18 C B "C2'" 
845 O "O2'" . C B 18 ? 0.5854 0.4325 0.6911 -0.1689 -0.2218 0.1139  18 C B "O2'" 
846 C "C1'" . C B 18 ? 0.6150 0.4925 0.7073 -0.1354 -0.2091 0.0910  18 C B "C1'" 
847 N N1    . C B 18 ? 0.5703 0.4545 0.6680 -0.1124 -0.2092 0.0698  18 C B N1    
848 C C2    . C B 18 ? 0.5155 0.4076 0.6268 -0.1172 -0.2041 0.0577  18 C B C2    
849 O O2    . C B 18 ? 0.5012 0.3954 0.6213 -0.1403 -0.1982 0.0650  18 C B O2    
850 N N3    . C B 18 ? 0.5049 0.4016 0.6192 -0.0964 -0.2057 0.0386  18 C B N3    
851 C C4    . C B 18 ? 0.6444 0.5376 0.7471 -0.0717 -0.2104 0.0316  18 C B C4    
852 N N4    . C B 18 ? 0.5911 0.4869 0.6933 -0.0518 -0.2115 0.0132  18 C B N4    
853 C C5    . C B 18 ? 0.7517 0.6381 0.8430 -0.0664 -0.2139 0.0434  18 C B C5    
854 C C6    . C B 18 ? 0.6916 0.5741 0.7818 -0.0868 -0.2143 0.0623  18 C B C6    
855 P P     . U B 19 ? 0.7589 0.5434 0.8834 -0.1166 -0.2757 0.1062  19 U B P     
856 O OP1   . U B 19 ? 0.7610 0.5210 0.8876 -0.1237 -0.2898 0.1238  19 U B OP1   
857 O OP2   . U B 19 ? 0.7904 0.5786 0.9124 -0.0867 -0.2777 0.0885  19 U B OP2   
858 O "O5'" . U B 19 ? 0.5971 0.3792 0.7394 -0.1305 -0.2748 0.0970  19 U B "O5'" 
859 C "C5'" . U B 19 ? 0.6080 0.3893 0.7552 -0.1597 -0.2687 0.1110  19 U B "C5'" 
860 C "C4'" . U B 19 ? 0.6121 0.3994 0.7794 -0.1693 -0.2646 0.0989  19 U B "C4'" 
861 O "O4'" . U B 19 ? 0.7577 0.5738 0.9194 -0.1640 -0.2482 0.0870  19 U B "O4'" 
862 C "C3'" . U B 19 ? 0.6911 0.4602 0.8793 -0.1553 -0.2826 0.0816  19 U B "C3'" 
863 O "O3'" . U B 19 ? 0.6463 0.3869 0.8487 -0.1661 -0.2977 0.0902  19 U B "O3'" 
864 C "C2'" . U B 19 ? 0.6944 0.4836 0.8973 -0.1604 -0.2730 0.0675  19 U B "C2'" 
865 O "O2'" . U B 19 ? 0.7264 0.5153 0.9472 -0.1877 -0.2678 0.0769  19 U B "O2'" 
866 C "C1'" . U B 19 ? 0.6410 0.4595 0.8234 -0.1584 -0.2522 0.0688  19 U B "C1'" 
867 N N1    . U B 19 ? 0.5699 0.3977 0.7436 -0.1310 -0.2530 0.0507  19 U B N1    
868 C C2    . U B 19 ? 0.5360 0.3760 0.7225 -0.1264 -0.2506 0.0338  19 U B C2    
869 O O2    . U B 19 ? 0.5799 0.4250 0.7870 -0.1439 -0.2477 0.0336  19 U B O2    
870 N N3    . U B 19 ? 0.5455 0.3917 0.7206 -0.1009 -0.2514 0.0180  19 U B N3    
871 C C4    . U B 19 ? 0.5988 0.4408 0.7530 -0.0800 -0.2530 0.0172  19 U B C4    
872 O O4    . U B 19 ? 0.5938 0.4411 0.7386 -0.0583 -0.2522 0.0024  19 U B O4    
873 C C5    . U B 19 ? 0.5318 0.3628 0.6777 -0.0862 -0.2555 0.0350  19 U B C5    
874 C C6    . U B 19 ? 0.5459 0.3700 0.7005 -0.1107 -0.2561 0.0509  19 U B C6    
# 
